data_1E86
# 
_entry.id   1E86 
# 
_audit_conform.dict_name       mmcif_pdbx.dic 
_audit_conform.dict_version    5.398 
_audit_conform.dict_location   http://mmcif.pdb.org/dictionaries/ascii/mmcif_pdbx.dic 
# 
loop_
_database_2.database_id 
_database_2.database_code 
_database_2.pdbx_database_accession 
_database_2.pdbx_DOI 
PDB   1E86         pdb_00001e86 10.2210/pdb1e86/pdb 
PDBE  EBI-5367     ?            ?                   
WWPDB D_1290005367 ?            ?                   
# 
loop_
_pdbx_audit_revision_history.ordinal 
_pdbx_audit_revision_history.data_content_type 
_pdbx_audit_revision_history.major_revision 
_pdbx_audit_revision_history.minor_revision 
_pdbx_audit_revision_history.revision_date 
1 'Structure model' 1 0 2000-11-06 
2 'Structure model' 1 1 2014-02-19 
3 'Structure model' 1 2 2019-05-08 
4 'Structure model' 1 3 2019-10-23 
5 'Structure model' 2 0 2019-11-27 
6 'Structure model' 2 1 2023-12-13 
7 'Structure model' 2 2 2024-11-13 
# 
_pdbx_audit_revision_details.ordinal             1 
_pdbx_audit_revision_details.revision_ordinal    1 
_pdbx_audit_revision_details.data_content_type   'Structure model' 
_pdbx_audit_revision_details.provider            repository 
_pdbx_audit_revision_details.type                'Initial release' 
_pdbx_audit_revision_details.description         ? 
_pdbx_audit_revision_details.details             ? 
# 
loop_
_pdbx_audit_revision_group.ordinal 
_pdbx_audit_revision_group.revision_ordinal 
_pdbx_audit_revision_group.data_content_type 
_pdbx_audit_revision_group.group 
1  2 'Structure model' 'Database references'       
2  2 'Structure model' 'Derived calculations'      
3  2 'Structure model' 'Non-polymer description'   
4  2 'Structure model' Other                       
5  2 'Structure model' 'Structure summary'         
6  2 'Structure model' 'Version format compliance' 
7  3 'Structure model' 'Data collection'           
8  3 'Structure model' 'Derived calculations'      
9  3 'Structure model' 'Experimental preparation'  
10 3 'Structure model' Other                       
11 4 'Structure model' 'Data collection'           
12 4 'Structure model' 'Database references'       
13 4 'Structure model' Other                       
14 5 'Structure model' Advisory                    
15 5 'Structure model' 'Derived calculations'      
16 5 'Structure model' 'Polymer sequence'          
17 6 'Structure model' 'Data collection'           
18 6 'Structure model' 'Database references'       
19 6 'Structure model' 'Derived calculations'      
20 6 'Structure model' 'Refinement description'    
21 7 'Structure model' 'Structure summary'         
# 
loop_
_pdbx_audit_revision_category.ordinal 
_pdbx_audit_revision_category.revision_ordinal 
_pdbx_audit_revision_category.data_content_type 
_pdbx_audit_revision_category.category 
1  3 'Structure model' database_PDB_rev              
2  3 'Structure model' database_PDB_rev_record       
3  3 'Structure model' exptl_crystal_grow            
4  3 'Structure model' pdbx_database_proc            
5  3 'Structure model' pdbx_database_status          
6  3 'Structure model' struct_conn                   
7  4 'Structure model' pdbx_database_status          
8  4 'Structure model' struct_ref_seq_dif            
9  5 'Structure model' entity_poly                   
10 5 'Structure model' pdbx_struct_conn_angle        
11 5 'Structure model' pdbx_validate_close_contact   
12 5 'Structure model' struct_conn                   
13 6 'Structure model' chem_comp_atom                
14 6 'Structure model' chem_comp_bond                
15 6 'Structure model' database_2                    
16 6 'Structure model' pdbx_initial_refinement_model 
17 6 'Structure model' struct_site                   
18 7 'Structure model' pdbx_entry_details            
19 7 'Structure model' pdbx_modification_feature     
# 
loop_
_pdbx_audit_revision_item.ordinal 
_pdbx_audit_revision_item.revision_ordinal 
_pdbx_audit_revision_item.data_content_type 
_pdbx_audit_revision_item.item 
1  3 'Structure model' '_exptl_crystal_grow.method'                   
2  3 'Structure model' '_pdbx_database_status.recvd_author_approval'  
3  3 'Structure model' '_struct_conn.pdbx_leaving_atom_flag'          
4  4 'Structure model' '_pdbx_database_status.status_code_sf'         
5  4 'Structure model' '_struct_ref_seq_dif.details'                  
6  5 'Structure model' '_entity_poly.pdbx_seq_one_letter_code_can'    
7  6 'Structure model' '_database_2.pdbx_DOI'                         
8  6 'Structure model' '_database_2.pdbx_database_accession'          
9  6 'Structure model' '_struct_site.pdbx_auth_asym_id'               
10 6 'Structure model' '_struct_site.pdbx_auth_comp_id'               
11 6 'Structure model' '_struct_site.pdbx_auth_seq_id'                
12 7 'Structure model' '_pdbx_entry_details.has_protein_modification' 
# 
_pdbx_database_status.status_code                     REL 
_pdbx_database_status.entry_id                        1E86 
_pdbx_database_status.deposit_site                    PDBE 
_pdbx_database_status.process_site                    PDBE 
_pdbx_database_status.SG_entry                        . 
_pdbx_database_status.recvd_initial_deposition_date   2000-09-15 
_pdbx_database_status.pdb_format_compatible           Y 
_pdbx_database_status.status_code_sf                  REL 
_pdbx_database_status.status_code_mr                  ? 
_pdbx_database_status.status_code_cs                  ? 
_pdbx_database_status.methods_development_category    ? 
_pdbx_database_status.status_code_nmr_data            ? 
# 
loop_
_pdbx_database_related.db_name 
_pdbx_database_related.db_id 
_pdbx_database_related.content_type 
_pdbx_database_related.details 
PDB 1CGO unspecified 
;CYTOCHROME C'
;
PDB 1E83 unspecified 
;CYTOCHROME C' FROM ALCALIGENES XYLOSOXIDANS - OXIDIZED STRUCTURE
;
PDB 1E84 unspecified 
;CYTOCHROME C' FROM ALCALIGENES XYLOSOXIDANS - REDUCED STRUCTURE
;
PDB 1E85 unspecified 
;CYTOCHROME C' FROM ALCALIGENES XYLOSOXIDANS - REDUCED STRUCTURE WITH NO BOUND TO PROXIMAL SIDE OF HEME
;
# 
loop_
_audit_author.name 
_audit_author.pdbx_ordinal 
'Lawson, D.M.'      1 
'Stevenson, C.E.M.' 2 
'Andrew, C.R.'      3 
'Eady, R.R.'        4 
# 
loop_
_citation.id 
_citation.title 
_citation.journal_abbrev 
_citation.journal_volume 
_citation.page_first 
_citation.page_last 
_citation.year 
_citation.journal_id_ASTM 
_citation.country 
_citation.journal_id_ISSN 
_citation.journal_id_CSD 
_citation.book_publisher 
_citation.pdbx_database_id_PubMed 
_citation.pdbx_database_id_DOI 
primary 'Unprecedented Proximal Binding of Nitric Oxide to Heme: Implications for Guanylate Cyclase' 'Embo J.'                  19 
5661 ? 2000 EMJODG UK 0261-4189 0897 ? 11060017 10.1093/EMBOJ/19.21.5661  
1       
;Three-Dimensional Structure of Cytochrome C' from Two Alcaligenes Species and the Implications for Four-Helix Bundle Structures.
;
'Acta Crystallogr.,Sect.D' 52 356  ? 1996 ABCRE6 DK 0907-4449 0766 ? 15299707 10.1107/S0907444995008328 
# 
loop_
_citation_author.citation_id 
_citation_author.name 
_citation_author.ordinal 
_citation_author.identifier_ORCID 
primary 'Lawson, D.M.'      1 ? 
primary 'Stevenson, C.E.M.' 2 ? 
primary 'Andrew, C.R.'      3 ? 
primary 'Eady, R.R.'        4 ? 
1       'Dobbs, A.J.'       5 ? 
1       'Anderson, B.F.'    6 ? 
1       'Faber, H.R.'       7 ? 
1       'Baker, E.N.'       8 ? 
# 
loop_
_entity.id 
_entity.type 
_entity.src_method 
_entity.pdbx_description 
_entity.formula_weight 
_entity.pdbx_number_of_molecules 
_entity.pdbx_ec 
_entity.pdbx_mutation 
_entity.pdbx_fragment 
_entity.details 
1 polymer     nat 
;CYTOCHROME C'
;
13631.442 1   ? ? ? ? 
2 non-polymer syn 'HEME C'          618.503   1   ? ? ? ? 
3 non-polymer syn 'CARBON MONOXIDE' 28.010    2   ? ? ? ? 
4 water       nat water             18.015    144 ? ? ? ? 
# 
_entity_poly.entity_id                      1 
_entity_poly.type                           'polypeptide(L)' 
_entity_poly.nstd_linkage                   no 
_entity_poly.nstd_monomer                   yes 
_entity_poly.pdbx_seq_one_letter_code       
;(PCA)FAKPEDAVKYRQSALTLMASHFGRMTPVVKGQAPYDAAQIKANVEVLKTLSALPWAAFGPGTEGGDARPEIWSDA
ASFKQKQQAFQDNIVKLSAAADAGDLDKLRAAFGDVGASCKACHDAYRKKK
;
_entity_poly.pdbx_seq_one_letter_code_can   
;QFAKPEDAVKYRQSALTLMASHFGRMTPVVKGQAPYDAAQIKANVEVLKTLSALPWAAFGPGTEGGDARPEIWSDAASFK
QKQQAFQDNIVKLSAAADAGDLDKLRAAFGDVGASCKACHDAYRKKK
;
_entity_poly.pdbx_strand_id                 A 
_entity_poly.pdbx_target_identifier         ? 
# 
loop_
_pdbx_entity_nonpoly.entity_id 
_pdbx_entity_nonpoly.name 
_pdbx_entity_nonpoly.comp_id 
2 'HEME C'          HEC 
3 'CARBON MONOXIDE' CMO 
4 water             HOH 
# 
loop_
_entity_poly_seq.entity_id 
_entity_poly_seq.num 
_entity_poly_seq.mon_id 
_entity_poly_seq.hetero 
1 1   PCA n 
1 2   PHE n 
1 3   ALA n 
1 4   LYS n 
1 5   PRO n 
1 6   GLU n 
1 7   ASP n 
1 8   ALA n 
1 9   VAL n 
1 10  LYS n 
1 11  TYR n 
1 12  ARG n 
1 13  GLN n 
1 14  SER n 
1 15  ALA n 
1 16  LEU n 
1 17  THR n 
1 18  LEU n 
1 19  MET n 
1 20  ALA n 
1 21  SER n 
1 22  HIS n 
1 23  PHE n 
1 24  GLY n 
1 25  ARG n 
1 26  MET n 
1 27  THR n 
1 28  PRO n 
1 29  VAL n 
1 30  VAL n 
1 31  LYS n 
1 32  GLY n 
1 33  GLN n 
1 34  ALA n 
1 35  PRO n 
1 36  TYR n 
1 37  ASP n 
1 38  ALA n 
1 39  ALA n 
1 40  GLN n 
1 41  ILE n 
1 42  LYS n 
1 43  ALA n 
1 44  ASN n 
1 45  VAL n 
1 46  GLU n 
1 47  VAL n 
1 48  LEU n 
1 49  LYS n 
1 50  THR n 
1 51  LEU n 
1 52  SER n 
1 53  ALA n 
1 54  LEU n 
1 55  PRO n 
1 56  TRP n 
1 57  ALA n 
1 58  ALA n 
1 59  PHE n 
1 60  GLY n 
1 61  PRO n 
1 62  GLY n 
1 63  THR n 
1 64  GLU n 
1 65  GLY n 
1 66  GLY n 
1 67  ASP n 
1 68  ALA n 
1 69  ARG n 
1 70  PRO n 
1 71  GLU n 
1 72  ILE n 
1 73  TRP n 
1 74  SER n 
1 75  ASP n 
1 76  ALA n 
1 77  ALA n 
1 78  SER n 
1 79  PHE n 
1 80  LYS n 
1 81  GLN n 
1 82  LYS n 
1 83  GLN n 
1 84  GLN n 
1 85  ALA n 
1 86  PHE n 
1 87  GLN n 
1 88  ASP n 
1 89  ASN n 
1 90  ILE n 
1 91  VAL n 
1 92  LYS n 
1 93  LEU n 
1 94  SER n 
1 95  ALA n 
1 96  ALA n 
1 97  ALA n 
1 98  ASP n 
1 99  ALA n 
1 100 GLY n 
1 101 ASP n 
1 102 LEU n 
1 103 ASP n 
1 104 LYS n 
1 105 LEU n 
1 106 ARG n 
1 107 ALA n 
1 108 ALA n 
1 109 PHE n 
1 110 GLY n 
1 111 ASP n 
1 112 VAL n 
1 113 GLY n 
1 114 ALA n 
1 115 SER n 
1 116 CYS n 
1 117 LYS n 
1 118 ALA n 
1 119 CYS n 
1 120 HIS n 
1 121 ASP n 
1 122 ALA n 
1 123 TYR n 
1 124 ARG n 
1 125 LYS n 
1 126 LYS n 
1 127 LYS n 
# 
_entity_src_nat.entity_id                  1 
_entity_src_nat.pdbx_src_id                1 
_entity_src_nat.pdbx_alt_source_flag       sample 
_entity_src_nat.pdbx_beg_seq_num           ? 
_entity_src_nat.pdbx_end_seq_num           ? 
_entity_src_nat.common_name                ? 
_entity_src_nat.pdbx_organism_scientific   'ALCALIGENES XYLOSOXIDANS' 
_entity_src_nat.pdbx_ncbi_taxonomy_id      85698 
_entity_src_nat.genus                      ? 
_entity_src_nat.species                    ? 
_entity_src_nat.strain                     'NCIB 11015' 
_entity_src_nat.tissue                     ? 
_entity_src_nat.tissue_fraction            ? 
_entity_src_nat.pdbx_secretion             ? 
_entity_src_nat.pdbx_fragment              ? 
_entity_src_nat.pdbx_variant               ? 
_entity_src_nat.pdbx_cell_line             ? 
_entity_src_nat.pdbx_atcc                  ? 
_entity_src_nat.pdbx_cellular_location     PERIPLASM 
_entity_src_nat.pdbx_organ                 ? 
_entity_src_nat.pdbx_organelle             ? 
_entity_src_nat.pdbx_cell                  ? 
_entity_src_nat.pdbx_plasmid_name          ? 
_entity_src_nat.pdbx_plasmid_details       ? 
_entity_src_nat.details                    'FORMERLY KNOWN AS ALCALIGENES SP.' 
# 
loop_
_chem_comp.id 
_chem_comp.type 
_chem_comp.mon_nstd_flag 
_chem_comp.name 
_chem_comp.pdbx_synonyms 
_chem_comp.formula 
_chem_comp.formula_weight 
ALA 'L-peptide linking' y ALANINE             ? 'C3 H7 N O2'       89.093  
ARG 'L-peptide linking' y ARGININE            ? 'C6 H15 N4 O2 1'   175.209 
ASN 'L-peptide linking' y ASPARAGINE          ? 'C4 H8 N2 O3'      132.118 
ASP 'L-peptide linking' y 'ASPARTIC ACID'     ? 'C4 H7 N O4'       133.103 
CMO non-polymer         . 'CARBON MONOXIDE'   ? 'C O'              28.010  
CYS 'L-peptide linking' y CYSTEINE            ? 'C3 H7 N O2 S'     121.158 
GLN 'L-peptide linking' y GLUTAMINE           ? 'C5 H10 N2 O3'     146.144 
GLU 'L-peptide linking' y 'GLUTAMIC ACID'     ? 'C5 H9 N O4'       147.129 
GLY 'peptide linking'   y GLYCINE             ? 'C2 H5 N O2'       75.067  
HEC non-polymer         . 'HEME C'            ? 'C34 H34 Fe N4 O4' 618.503 
HIS 'L-peptide linking' y HISTIDINE           ? 'C6 H10 N3 O2 1'   156.162 
HOH non-polymer         . WATER               ? 'H2 O'             18.015  
ILE 'L-peptide linking' y ISOLEUCINE          ? 'C6 H13 N O2'      131.173 
LEU 'L-peptide linking' y LEUCINE             ? 'C6 H13 N O2'      131.173 
LYS 'L-peptide linking' y LYSINE              ? 'C6 H15 N2 O2 1'   147.195 
MET 'L-peptide linking' y METHIONINE          ? 'C5 H11 N O2 S'    149.211 
PCA 'L-peptide linking' n 'PYROGLUTAMIC ACID' ? 'C5 H7 N O3'       129.114 
PHE 'L-peptide linking' y PHENYLALANINE       ? 'C9 H11 N O2'      165.189 
PRO 'L-peptide linking' y PROLINE             ? 'C5 H9 N O2'       115.130 
SER 'L-peptide linking' y SERINE              ? 'C3 H7 N O3'       105.093 
THR 'L-peptide linking' y THREONINE           ? 'C4 H9 N O3'       119.119 
TRP 'L-peptide linking' y TRYPTOPHAN          ? 'C11 H12 N2 O2'    204.225 
TYR 'L-peptide linking' y TYROSINE            ? 'C9 H11 N O3'      181.189 
VAL 'L-peptide linking' y VALINE              ? 'C5 H11 N O2'      117.146 
# 
loop_
_pdbx_poly_seq_scheme.asym_id 
_pdbx_poly_seq_scheme.entity_id 
_pdbx_poly_seq_scheme.seq_id 
_pdbx_poly_seq_scheme.mon_id 
_pdbx_poly_seq_scheme.ndb_seq_num 
_pdbx_poly_seq_scheme.pdb_seq_num 
_pdbx_poly_seq_scheme.auth_seq_num 
_pdbx_poly_seq_scheme.pdb_mon_id 
_pdbx_poly_seq_scheme.auth_mon_id 
_pdbx_poly_seq_scheme.pdb_strand_id 
_pdbx_poly_seq_scheme.pdb_ins_code 
_pdbx_poly_seq_scheme.hetero 
A 1 1   PCA 1   1   1   PCA PCA A . n 
A 1 2   PHE 2   2   2   PHE PHE A . n 
A 1 3   ALA 3   3   3   ALA ALA A . n 
A 1 4   LYS 4   4   4   LYS LYS A . n 
A 1 5   PRO 5   5   5   PRO PRO A . n 
A 1 6   GLU 6   6   6   GLU GLU A . n 
A 1 7   ASP 7   7   7   ASP ASP A . n 
A 1 8   ALA 8   8   8   ALA ALA A . n 
A 1 9   VAL 9   9   9   VAL VAL A . n 
A 1 10  LYS 10  10  10  LYS LYS A . n 
A 1 11  TYR 11  11  11  TYR TYR A . n 
A 1 12  ARG 12  12  12  ARG ARG A . n 
A 1 13  GLN 13  13  13  GLN GLN A . n 
A 1 14  SER 14  14  14  SER SER A . n 
A 1 15  ALA 15  15  15  ALA ALA A . n 
A 1 16  LEU 16  16  16  LEU LEU A . n 
A 1 17  THR 17  17  17  THR THR A . n 
A 1 18  LEU 18  18  18  LEU LEU A . n 
A 1 19  MET 19  19  19  MET MET A . n 
A 1 20  ALA 20  20  20  ALA ALA A . n 
A 1 21  SER 21  21  21  SER SER A . n 
A 1 22  HIS 22  22  22  HIS HIS A . n 
A 1 23  PHE 23  23  23  PHE PHE A . n 
A 1 24  GLY 24  24  24  GLY GLY A . n 
A 1 25  ARG 25  25  25  ARG ARG A . n 
A 1 26  MET 26  26  26  MET MET A . n 
A 1 27  THR 27  27  27  THR THR A . n 
A 1 28  PRO 28  28  28  PRO PRO A . n 
A 1 29  VAL 29  29  29  VAL VAL A . n 
A 1 30  VAL 30  30  30  VAL VAL A . n 
A 1 31  LYS 31  31  31  LYS LYS A . n 
A 1 32  GLY 32  32  32  GLY GLY A . n 
A 1 33  GLN 33  33  33  GLN GLN A . n 
A 1 34  ALA 34  34  34  ALA ALA A . n 
A 1 35  PRO 35  35  35  PRO PRO A . n 
A 1 36  TYR 36  36  36  TYR TYR A . n 
A 1 37  ASP 37  37  37  ASP ASP A . n 
A 1 38  ALA 38  38  38  ALA ALA A . n 
A 1 39  ALA 39  39  39  ALA ALA A . n 
A 1 40  GLN 40  40  40  GLN GLN A . n 
A 1 41  ILE 41  41  41  ILE ILE A . n 
A 1 42  LYS 42  42  42  LYS LYS A . n 
A 1 43  ALA 43  43  43  ALA ALA A . n 
A 1 44  ASN 44  44  44  ASN ASN A . n 
A 1 45  VAL 45  45  45  VAL VAL A . n 
A 1 46  GLU 46  46  46  GLU GLU A . n 
A 1 47  VAL 47  47  47  VAL VAL A . n 
A 1 48  LEU 48  48  48  LEU LEU A . n 
A 1 49  LYS 49  49  49  LYS LYS A . n 
A 1 50  THR 50  50  50  THR THR A . n 
A 1 51  LEU 51  51  51  LEU LEU A . n 
A 1 52  SER 52  52  52  SER SER A . n 
A 1 53  ALA 53  53  53  ALA ALA A . n 
A 1 54  LEU 54  54  54  LEU LEU A . n 
A 1 55  PRO 55  55  55  PRO PRO A . n 
A 1 56  TRP 56  56  56  TRP TRP A . n 
A 1 57  ALA 57  57  57  ALA ALA A . n 
A 1 58  ALA 58  58  58  ALA ALA A . n 
A 1 59  PHE 59  59  59  PHE PHE A . n 
A 1 60  GLY 60  60  60  GLY GLY A . n 
A 1 61  PRO 61  61  61  PRO PRO A . n 
A 1 62  GLY 62  62  62  GLY GLY A . n 
A 1 63  THR 63  63  63  THR THR A . n 
A 1 64  GLU 64  64  64  GLU GLU A . n 
A 1 65  GLY 65  65  65  GLY GLY A . n 
A 1 66  GLY 66  66  66  GLY GLY A . n 
A 1 67  ASP 67  67  67  ASP ASP A . n 
A 1 68  ALA 68  68  68  ALA ALA A . n 
A 1 69  ARG 69  69  69  ARG ARG A . n 
A 1 70  PRO 70  70  70  PRO PRO A . n 
A 1 71  GLU 71  71  71  GLU GLU A . n 
A 1 72  ILE 72  72  72  ILE ILE A . n 
A 1 73  TRP 73  73  73  TRP TRP A . n 
A 1 74  SER 74  74  74  SER SER A . n 
A 1 75  ASP 75  75  75  ASP ASP A . n 
A 1 76  ALA 76  76  76  ALA ALA A . n 
A 1 77  ALA 77  77  77  ALA ALA A . n 
A 1 78  SER 78  78  78  SER SER A . n 
A 1 79  PHE 79  79  79  PHE PHE A . n 
A 1 80  LYS 80  80  80  LYS LYS A . n 
A 1 81  GLN 81  81  81  GLN GLN A . n 
A 1 82  LYS 82  82  82  LYS LYS A . n 
A 1 83  GLN 83  83  83  GLN GLN A . n 
A 1 84  GLN 84  84  84  GLN GLN A . n 
A 1 85  ALA 85  85  85  ALA ALA A . n 
A 1 86  PHE 86  86  86  PHE PHE A . n 
A 1 87  GLN 87  87  87  GLN GLN A . n 
A 1 88  ASP 88  88  88  ASP ASP A . n 
A 1 89  ASN 89  89  89  ASN ASN A . n 
A 1 90  ILE 90  90  90  ILE ILE A . n 
A 1 91  VAL 91  91  91  VAL VAL A . n 
A 1 92  LYS 92  92  92  LYS LYS A . n 
A 1 93  LEU 93  93  93  LEU LEU A . n 
A 1 94  SER 94  94  94  SER SER A . n 
A 1 95  ALA 95  95  95  ALA ALA A . n 
A 1 96  ALA 96  96  96  ALA ALA A . n 
A 1 97  ALA 97  97  97  ALA ALA A . n 
A 1 98  ASP 98  98  98  ASP ASP A . n 
A 1 99  ALA 99  99  99  ALA ALA A . n 
A 1 100 GLY 100 100 100 GLY GLY A . n 
A 1 101 ASP 101 101 101 ASP ASP A . n 
A 1 102 LEU 102 102 102 LEU LEU A . n 
A 1 103 ASP 103 103 103 ASP ASP A . n 
A 1 104 LYS 104 104 104 LYS LYS A . n 
A 1 105 LEU 105 105 105 LEU LEU A . n 
A 1 106 ARG 106 106 106 ARG ARG A . n 
A 1 107 ALA 107 107 107 ALA ALA A . n 
A 1 108 ALA 108 108 108 ALA ALA A . n 
A 1 109 PHE 109 109 109 PHE PHE A . n 
A 1 110 GLY 110 110 110 GLY GLY A . n 
A 1 111 ASP 111 111 111 ASP ASP A . n 
A 1 112 VAL 112 112 112 VAL VAL A . n 
A 1 113 GLY 113 113 113 GLY GLY A . n 
A 1 114 ALA 114 114 114 ALA ALA A . n 
A 1 115 SER 115 115 115 SER SER A . n 
A 1 116 CYS 116 116 116 CYS CYS A . n 
A 1 117 LYS 117 117 117 LYS LYS A . n 
A 1 118 ALA 118 118 118 ALA ALA A . n 
A 1 119 CYS 119 119 119 CYS CYS A . n 
A 1 120 HIS 120 120 120 HIS HIS A . n 
A 1 121 ASP 121 121 121 ASP ASP A . n 
A 1 122 ALA 122 122 122 ALA ALA A . n 
A 1 123 TYR 123 123 123 TYR TYR A . n 
A 1 124 ARG 124 124 124 ARG ARG A . n 
A 1 125 LYS 125 125 125 LYS LYS A . n 
A 1 126 LYS 126 126 126 LYS LYS A . n 
A 1 127 LYS 127 127 ?   ?   ?   A . n 
# 
loop_
_pdbx_nonpoly_scheme.asym_id 
_pdbx_nonpoly_scheme.entity_id 
_pdbx_nonpoly_scheme.mon_id 
_pdbx_nonpoly_scheme.ndb_seq_num 
_pdbx_nonpoly_scheme.pdb_seq_num 
_pdbx_nonpoly_scheme.auth_seq_num 
_pdbx_nonpoly_scheme.pdb_mon_id 
_pdbx_nonpoly_scheme.auth_mon_id 
_pdbx_nonpoly_scheme.pdb_strand_id 
_pdbx_nonpoly_scheme.pdb_ins_code 
B 2 HEC 1   128  128  HEC HEC A . 
C 3 CMO 1   130  130  CMO CMO A . 
D 3 CMO 1   131  131  CMO CMO A . 
E 4 HOH 1   2001 2001 HOH HOH A . 
E 4 HOH 2   2002 2002 HOH HOH A . 
E 4 HOH 3   2003 2003 HOH HOH A . 
E 4 HOH 4   2004 2004 HOH HOH A . 
E 4 HOH 5   2005 2005 HOH HOH A . 
E 4 HOH 6   2006 2006 HOH HOH A . 
E 4 HOH 7   2007 2007 HOH HOH A . 
E 4 HOH 8   2008 2008 HOH HOH A . 
E 4 HOH 9   2009 2009 HOH HOH A . 
E 4 HOH 10  2010 2010 HOH HOH A . 
E 4 HOH 11  2011 2011 HOH HOH A . 
E 4 HOH 12  2012 2012 HOH HOH A . 
E 4 HOH 13  2013 2013 HOH HOH A . 
E 4 HOH 14  2014 2014 HOH HOH A . 
E 4 HOH 15  2015 2015 HOH HOH A . 
E 4 HOH 16  2016 2016 HOH HOH A . 
E 4 HOH 17  2017 2017 HOH HOH A . 
E 4 HOH 18  2018 2018 HOH HOH A . 
E 4 HOH 19  2019 2019 HOH HOH A . 
E 4 HOH 20  2020 2020 HOH HOH A . 
E 4 HOH 21  2021 2021 HOH HOH A . 
E 4 HOH 22  2022 2022 HOH HOH A . 
E 4 HOH 23  2023 2023 HOH HOH A . 
E 4 HOH 24  2024 2024 HOH HOH A . 
E 4 HOH 25  2025 2025 HOH HOH A . 
E 4 HOH 26  2026 2026 HOH HOH A . 
E 4 HOH 27  2027 2027 HOH HOH A . 
E 4 HOH 28  2028 2028 HOH HOH A . 
E 4 HOH 29  2029 2029 HOH HOH A . 
E 4 HOH 30  2030 2030 HOH HOH A . 
E 4 HOH 31  2031 2031 HOH HOH A . 
E 4 HOH 32  2032 2032 HOH HOH A . 
E 4 HOH 33  2033 2033 HOH HOH A . 
E 4 HOH 34  2034 2034 HOH HOH A . 
E 4 HOH 35  2035 2035 HOH HOH A . 
E 4 HOH 36  2036 2036 HOH HOH A . 
E 4 HOH 37  2037 2037 HOH HOH A . 
E 4 HOH 38  2038 2038 HOH HOH A . 
E 4 HOH 39  2039 2039 HOH HOH A . 
E 4 HOH 40  2040 2040 HOH HOH A . 
E 4 HOH 41  2041 2041 HOH HOH A . 
E 4 HOH 42  2042 2042 HOH HOH A . 
E 4 HOH 43  2043 2043 HOH HOH A . 
E 4 HOH 44  2044 2044 HOH HOH A . 
E 4 HOH 45  2045 2045 HOH HOH A . 
E 4 HOH 46  2046 2046 HOH HOH A . 
E 4 HOH 47  2047 2047 HOH HOH A . 
E 4 HOH 48  2048 2048 HOH HOH A . 
E 4 HOH 49  2049 2049 HOH HOH A . 
E 4 HOH 50  2050 2050 HOH HOH A . 
E 4 HOH 51  2051 2051 HOH HOH A . 
E 4 HOH 52  2052 2052 HOH HOH A . 
E 4 HOH 53  2053 2053 HOH HOH A . 
E 4 HOH 54  2054 2054 HOH HOH A . 
E 4 HOH 55  2055 2055 HOH HOH A . 
E 4 HOH 56  2056 2056 HOH HOH A . 
E 4 HOH 57  2057 2057 HOH HOH A . 
E 4 HOH 58  2058 2058 HOH HOH A . 
E 4 HOH 59  2059 2059 HOH HOH A . 
E 4 HOH 60  2060 2060 HOH HOH A . 
E 4 HOH 61  2061 2061 HOH HOH A . 
E 4 HOH 62  2062 2062 HOH HOH A . 
E 4 HOH 63  2063 2063 HOH HOH A . 
E 4 HOH 64  2064 2064 HOH HOH A . 
E 4 HOH 65  2065 2065 HOH HOH A . 
E 4 HOH 66  2066 2066 HOH HOH A . 
E 4 HOH 67  2067 2067 HOH HOH A . 
E 4 HOH 68  2068 2068 HOH HOH A . 
E 4 HOH 69  2069 2069 HOH HOH A . 
E 4 HOH 70  2070 2070 HOH HOH A . 
E 4 HOH 71  2071 2071 HOH HOH A . 
E 4 HOH 72  2072 2072 HOH HOH A . 
E 4 HOH 73  2073 2073 HOH HOH A . 
E 4 HOH 74  2074 2074 HOH HOH A . 
E 4 HOH 75  2075 2075 HOH HOH A . 
E 4 HOH 76  2076 2076 HOH HOH A . 
E 4 HOH 77  2077 2077 HOH HOH A . 
E 4 HOH 78  2078 2078 HOH HOH A . 
E 4 HOH 79  2079 2079 HOH HOH A . 
E 4 HOH 80  2080 2080 HOH HOH A . 
E 4 HOH 81  2081 2081 HOH HOH A . 
E 4 HOH 82  2082 2082 HOH HOH A . 
E 4 HOH 83  2083 2083 HOH HOH A . 
E 4 HOH 84  2084 2084 HOH HOH A . 
E 4 HOH 85  2085 2085 HOH HOH A . 
E 4 HOH 86  2086 2086 HOH HOH A . 
E 4 HOH 87  2087 2087 HOH HOH A . 
E 4 HOH 88  2088 2088 HOH HOH A . 
E 4 HOH 89  2089 2089 HOH HOH A . 
E 4 HOH 90  2090 2090 HOH HOH A . 
E 4 HOH 91  2091 2091 HOH HOH A . 
E 4 HOH 92  2092 2092 HOH HOH A . 
E 4 HOH 93  2093 2093 HOH HOH A . 
E 4 HOH 94  2094 2094 HOH HOH A . 
E 4 HOH 95  2095 2095 HOH HOH A . 
E 4 HOH 96  2096 2096 HOH HOH A . 
E 4 HOH 97  2097 2097 HOH HOH A . 
E 4 HOH 98  2098 2098 HOH HOH A . 
E 4 HOH 99  2099 2099 HOH HOH A . 
E 4 HOH 100 2100 2100 HOH HOH A . 
E 4 HOH 101 2101 2101 HOH HOH A . 
E 4 HOH 102 2102 2102 HOH HOH A . 
E 4 HOH 103 2103 2103 HOH HOH A . 
E 4 HOH 104 2104 2104 HOH HOH A . 
E 4 HOH 105 2105 2105 HOH HOH A . 
E 4 HOH 106 2106 2106 HOH HOH A . 
E 4 HOH 107 2107 2107 HOH HOH A . 
E 4 HOH 108 2108 2108 HOH HOH A . 
E 4 HOH 109 2109 2109 HOH HOH A . 
E 4 HOH 110 2110 2110 HOH HOH A . 
E 4 HOH 111 2111 2111 HOH HOH A . 
E 4 HOH 112 2112 2112 HOH HOH A . 
E 4 HOH 113 2113 2113 HOH HOH A . 
E 4 HOH 114 2114 2114 HOH HOH A . 
E 4 HOH 115 2115 2115 HOH HOH A . 
E 4 HOH 116 2116 2116 HOH HOH A . 
E 4 HOH 117 2117 2117 HOH HOH A . 
E 4 HOH 118 2118 2118 HOH HOH A . 
E 4 HOH 119 2119 2119 HOH HOH A . 
E 4 HOH 120 2120 2120 HOH HOH A . 
E 4 HOH 121 2121 2121 HOH HOH A . 
E 4 HOH 122 2122 2122 HOH HOH A . 
E 4 HOH 123 2123 2123 HOH HOH A . 
E 4 HOH 124 2124 2124 HOH HOH A . 
E 4 HOH 125 2125 2125 HOH HOH A . 
E 4 HOH 126 2126 2126 HOH HOH A . 
E 4 HOH 127 2127 2127 HOH HOH A . 
E 4 HOH 128 2128 2128 HOH HOH A . 
E 4 HOH 129 2129 2129 HOH HOH A . 
E 4 HOH 130 2130 2130 HOH HOH A . 
E 4 HOH 131 2131 2131 HOH HOH A . 
E 4 HOH 132 2132 2132 HOH HOH A . 
E 4 HOH 133 2133 2133 HOH HOH A . 
E 4 HOH 134 2134 2134 HOH HOH A . 
E 4 HOH 135 2135 2135 HOH HOH A . 
E 4 HOH 136 2136 2136 HOH HOH A . 
E 4 HOH 137 2137 2137 HOH HOH A . 
E 4 HOH 138 2138 2138 HOH HOH A . 
E 4 HOH 139 2139 2139 HOH HOH A . 
E 4 HOH 140 2140 2140 HOH HOH A . 
E 4 HOH 141 2141 2141 HOH HOH A . 
E 4 HOH 142 2142 2142 HOH HOH A . 
E 4 HOH 143 2143 2143 HOH HOH A . 
E 4 HOH 144 2144 2144 HOH HOH A . 
# 
loop_
_pdbx_unobs_or_zero_occ_atoms.id 
_pdbx_unobs_or_zero_occ_atoms.PDB_model_num 
_pdbx_unobs_or_zero_occ_atoms.polymer_flag 
_pdbx_unobs_or_zero_occ_atoms.occupancy_flag 
_pdbx_unobs_or_zero_occ_atoms.auth_asym_id 
_pdbx_unobs_or_zero_occ_atoms.auth_comp_id 
_pdbx_unobs_or_zero_occ_atoms.auth_seq_id 
_pdbx_unobs_or_zero_occ_atoms.PDB_ins_code 
_pdbx_unobs_or_zero_occ_atoms.auth_atom_id 
_pdbx_unobs_or_zero_occ_atoms.label_alt_id 
_pdbx_unobs_or_zero_occ_atoms.label_asym_id 
_pdbx_unobs_or_zero_occ_atoms.label_comp_id 
_pdbx_unobs_or_zero_occ_atoms.label_seq_id 
_pdbx_unobs_or_zero_occ_atoms.label_atom_id 
1  1 Y 1 A LYS 4   ? CD  ? A LYS 4   CD  
2  1 Y 1 A LYS 4   ? CE  ? A LYS 4   CE  
3  1 Y 1 A LYS 4   ? NZ  ? A LYS 4   NZ  
4  1 Y 1 A LYS 10  ? CE  ? A LYS 10  CE  
5  1 Y 1 A LYS 10  ? NZ  ? A LYS 10  NZ  
6  1 Y 1 A LYS 49  ? CD  ? A LYS 49  CD  
7  1 Y 1 A LYS 49  ? CE  ? A LYS 49  CE  
8  1 Y 1 A LYS 49  ? NZ  ? A LYS 49  NZ  
9  1 Y 1 A ARG 69  ? CZ  ? A ARG 69  CZ  
10 1 Y 1 A ARG 69  ? NH1 ? A ARG 69  NH1 
11 1 Y 1 A ARG 69  ? NH2 ? A ARG 69  NH2 
12 1 Y 1 A LYS 80  ? CE  ? A LYS 80  CE  
13 1 Y 1 A LYS 80  ? NZ  ? A LYS 80  NZ  
14 1 Y 1 A GLN 81  ? CG  ? A GLN 81  CG  
15 1 Y 1 A GLN 81  ? CD  ? A GLN 81  CD  
16 1 Y 1 A GLN 81  ? OE1 ? A GLN 81  OE1 
17 1 Y 1 A GLN 81  ? NE2 ? A GLN 81  NE2 
18 1 Y 1 A GLN 84  ? CD  ? A GLN 84  CD  
19 1 Y 1 A GLN 84  ? OE1 ? A GLN 84  OE1 
20 1 Y 1 A GLN 84  ? NE2 ? A GLN 84  NE2 
21 1 Y 1 A LYS 126 ? CG  ? A LYS 126 CG  
22 1 Y 1 A LYS 126 ? CD  ? A LYS 126 CD  
23 1 Y 1 A LYS 126 ? CE  ? A LYS 126 CE  
24 1 Y 1 A LYS 126 ? NZ  ? A LYS 126 NZ  
# 
loop_
_software.name 
_software.classification 
_software.version 
_software.citation_id 
_software.pdbx_ordinal 
REFMAC    refinement       . ? 1 
DENZO     'data reduction' . ? 2 
SCALEPACK 'data scaling'   . ? 3 
AMoRE     phasing          . ? 4 
# 
_cell.entry_id           1E86 
_cell.length_a           53.639 
_cell.length_b           53.639 
_cell.length_c           180.935 
_cell.angle_alpha        90.00 
_cell.angle_beta         90.00 
_cell.angle_gamma        120.00 
_cell.Z_PDB              12 
_cell.pdbx_unique_axis   ? 
# 
_symmetry.entry_id                         1E86 
_symmetry.space_group_name_H-M             'P 65 2 2' 
_symmetry.pdbx_full_space_group_name_H-M   ? 
_symmetry.cell_setting                     ? 
_symmetry.Int_Tables_number                179 
# 
_exptl.entry_id          1E86 
_exptl.method            'X-RAY DIFFRACTION' 
_exptl.crystals_number   1 
# 
_exptl_crystal.id                    1 
_exptl_crystal.density_meas          ? 
_exptl_crystal.density_Matthews      2.71 
_exptl_crystal.density_percent_sol   54.30 
_exptl_crystal.description           ? 
# 
_exptl_crystal_grow.crystal_id      1 
_exptl_crystal_grow.method          'VAPOR DIFFUSION, HANGING DROP' 
_exptl_crystal_grow.temp            ? 
_exptl_crystal_grow.temp_details    ? 
_exptl_crystal_grow.pH              7.50 
_exptl_crystal_grow.pdbx_pH_range   ? 
_exptl_crystal_grow.pdbx_details    
;HANGING DROP VAPOUR DIFFUSION. PROTEIN AT CONCENTRATION 8 MG/ML WAS MIXED WITH AN EQUAL VOLUME OF WELL SOLUTION CONSISTING OF 55-65% SATURATED AMMONIUM SULFATE IN 100 MM HEPES BUFFER AT PH 7.5. REDUCED USING MOTHER LIQUOR CONTAINING 20 MM SODIUM DITHIONITE, THEN INCUBATED FOR 6 DAYS IN MOTHER LIQUOR SATURATED WITH CO.
;
# 
_diffrn.id                     1 
_diffrn.ambient_temp           100.0 
_diffrn.ambient_temp_details   ? 
_diffrn.crystal_id             1 
# 
_diffrn_detector.diffrn_id              1 
_diffrn_detector.detector               'IMAGE PLATE' 
_diffrn_detector.type                   MARRESEARCH 
_diffrn_detector.pdbx_collection_date   1999-06-15 
_diffrn_detector.details                MIRRORS 
# 
_diffrn_radiation.diffrn_id                        1 
_diffrn_radiation.wavelength_id                    1 
_diffrn_radiation.pdbx_monochromatic_or_laue_m_l   M 
_diffrn_radiation.monochromator                    'SI(111)' 
_diffrn_radiation.pdbx_diffrn_protocol             'SINGLE WAVELENGTH' 
_diffrn_radiation.pdbx_scattering_type             x-ray 
# 
_diffrn_radiation_wavelength.id           1 
_diffrn_radiation_wavelength.wavelength   0.979 
_diffrn_radiation_wavelength.wt           1.0 
# 
_diffrn_source.diffrn_id                   1 
_diffrn_source.source                      SYNCHROTRON 
_diffrn_source.type                        'ESRF BEAMLINE BM30A' 
_diffrn_source.pdbx_synchrotron_site       ESRF 
_diffrn_source.pdbx_synchrotron_beamline   BM30A 
_diffrn_source.pdbx_wavelength             0.979 
_diffrn_source.pdbx_wavelength_list        ? 
# 
_reflns.pdbx_diffrn_id               1 
_reflns.pdbx_ordinal                 1 
_reflns.entry_id                     1E86 
_reflns.observed_criterion_sigma_I   -3.000 
_reflns.observed_criterion_sigma_F   ? 
_reflns.d_resolution_low             40.000 
_reflns.d_resolution_high            1.950 
_reflns.number_obs                   12158 
_reflns.number_all                   ? 
_reflns.percent_possible_obs         98.7 
_reflns.pdbx_Rmerge_I_obs            0.06600 
_reflns.pdbx_Rsym_value              ? 
_reflns.pdbx_netI_over_sigmaI        33.2000 
_reflns.B_iso_Wilson_estimate        22 
_reflns.pdbx_redundancy              9.900 
# 
_reflns_shell.pdbx_diffrn_id         1 
_reflns_shell.pdbx_ordinal           1 
_reflns_shell.d_res_high             1.95 
_reflns_shell.d_res_low              2.02 
_reflns_shell.percent_possible_all   86.8 
_reflns_shell.Rmerge_I_obs           0.31000 
_reflns_shell.pdbx_Rsym_value        ? 
_reflns_shell.meanI_over_sigI_obs    5.800 
_reflns_shell.pdbx_redundancy        ? 
# 
_refine.pdbx_refine_id                           'X-RAY DIFFRACTION' 
_refine.entry_id                                 1E86 
_refine.pdbx_diffrn_id                           1 
_refine.pdbx_TLS_residual_ADP_flag               ? 
_refine.ls_number_reflns_obs                     12158 
_refine.ls_number_reflns_all                     ? 
_refine.pdbx_ls_sigma_I                          ? 
_refine.pdbx_ls_sigma_F                          0.0 
_refine.pdbx_data_cutoff_high_absF               ? 
_refine.pdbx_data_cutoff_low_absF                ? 
_refine.pdbx_data_cutoff_high_rms_absF           ? 
_refine.ls_d_res_low                             40.0 
_refine.ls_d_res_high                            1.95 
_refine.ls_percent_reflns_obs                    98.7 
_refine.ls_R_factor_obs                          ? 
_refine.ls_R_factor_all                          ? 
_refine.ls_R_factor_R_work                       0.203 
_refine.ls_R_factor_R_free                       0.258 
_refine.ls_R_factor_R_free_error                 ? 
_refine.ls_R_factor_R_free_error_details         ? 
_refine.ls_percent_reflns_R_free                 5.0 
_refine.ls_number_reflns_R_free                  565 
_refine.ls_number_parameters                     ? 
_refine.ls_number_restraints                     ? 
_refine.occupancy_min                            ? 
_refine.occupancy_max                            ? 
_refine.correlation_coeff_Fo_to_Fc               ? 
_refine.correlation_coeff_Fo_to_Fc_free          ? 
_refine.B_iso_mean                               23 
_refine.aniso_B[1][1]                            ? 
_refine.aniso_B[2][2]                            ? 
_refine.aniso_B[3][3]                            ? 
_refine.aniso_B[1][2]                            ? 
_refine.aniso_B[1][3]                            ? 
_refine.aniso_B[2][3]                            ? 
_refine.solvent_model_details                    ? 
_refine.solvent_model_param_ksol                 ? 
_refine.solvent_model_param_bsol                 ? 
_refine.pdbx_solvent_vdw_probe_radii             ? 
_refine.pdbx_solvent_ion_probe_radii             ? 
_refine.pdbx_solvent_shrinkage_radii             ? 
_refine.pdbx_ls_cross_valid_method               THROUGHOUT 
_refine.details                                  'FE ATOM OF HEME REFINED WITH ANISOTROPIC THERMAL PARAMETERS' 
_refine.pdbx_starting_model                      'PDB ENTRY 1CGO' 
_refine.pdbx_method_to_determine_struct          'MOLECULAR REPLACEMENT' 
_refine.pdbx_isotropic_thermal_model             ? 
_refine.pdbx_stereochemistry_target_values       ? 
_refine.pdbx_stereochem_target_val_spec_case     ? 
_refine.pdbx_R_Free_selection_details            RANDOM 
_refine.pdbx_overall_ESU_R                       0.16 
_refine.pdbx_overall_ESU_R_Free                  0.16 
_refine.overall_SU_ML                            ? 
_refine.pdbx_overall_phase_error                 ? 
_refine.overall_SU_B                             ? 
_refine.overall_SU_R_Cruickshank_DPI             ? 
_refine.pdbx_overall_SU_R_free_Cruickshank_DPI   ? 
_refine.pdbx_overall_SU_R_Blow_DPI               ? 
_refine.pdbx_overall_SU_R_free_Blow_DPI          ? 
# 
_refine_hist.pdbx_refine_id                   'X-RAY DIFFRACTION' 
_refine_hist.cycle_id                         LAST 
_refine_hist.pdbx_number_atoms_protein        925 
_refine_hist.pdbx_number_atoms_nucleic_acid   0 
_refine_hist.pdbx_number_atoms_ligand         47 
_refine_hist.number_atoms_solvent             144 
_refine_hist.number_atoms_total               1116 
_refine_hist.d_res_high                       1.95 
_refine_hist.d_res_low                        40.0 
# 
loop_
_refine_ls_restr.type 
_refine_ls_restr.dev_ideal 
_refine_ls_restr.dev_ideal_target 
_refine_ls_restr.weight 
_refine_ls_restr.number 
_refine_ls_restr.pdbx_refine_id 
_refine_ls_restr.pdbx_restraint_function 
p_bond_d            0.016  0.020 ? ? 'X-RAY DIFFRACTION' ? 
p_angle_d           0.034  0.040 ? ? 'X-RAY DIFFRACTION' ? 
p_angle_deg         ?      ?     ? ? 'X-RAY DIFFRACTION' ? 
p_planar_d          0.036  0.050 ? ? 'X-RAY DIFFRACTION' ? 
p_hb_or_metal_coord ?      ?     ? ? 'X-RAY DIFFRACTION' ? 
p_mcbond_it         2.854  3.000 ? ? 'X-RAY DIFFRACTION' ? 
p_mcangle_it        3.433  5.000 ? ? 'X-RAY DIFFRACTION' ? 
p_scbond_it         5.583  6.000 ? ? 'X-RAY DIFFRACTION' ? 
p_scangle_it        6.836  8.000 ? ? 'X-RAY DIFFRACTION' ? 
p_plane_restr       0.0282 0.04  ? ? 'X-RAY DIFFRACTION' ? 
p_chiral_restr      0.145  0.150 ? ? 'X-RAY DIFFRACTION' ? 
p_singtor_nbd       0.172  0.300 ? ? 'X-RAY DIFFRACTION' ? 
p_multtor_nbd       0.274  0.300 ? ? 'X-RAY DIFFRACTION' ? 
p_xhyhbond_nbd      ?      ?     ? ? 'X-RAY DIFFRACTION' ? 
p_xyhbond_nbd       0.145  0.300 ? ? 'X-RAY DIFFRACTION' ? 
p_planar_tor        4.5    7.0   ? ? 'X-RAY DIFFRACTION' ? 
p_staggered_tor     15.3   15.0  ? ? 'X-RAY DIFFRACTION' ? 
p_orthonormal_tor   ?      ?     ? ? 'X-RAY DIFFRACTION' ? 
p_transverse_tor    25.9   20.0  ? ? 'X-RAY DIFFRACTION' ? 
p_special_tor       ?      ?     ? ? 'X-RAY DIFFRACTION' ? 
# 
_struct.entry_id                  1E86 
_struct.title                     
;Cytochrome c' from Alcaligenes xylosoxidans - reduced structure with CO bound to distal side of heme
;
_struct.pdbx_model_details        ? 
_struct.pdbx_CASP_flag            ? 
_struct.pdbx_model_type_details   ? 
# 
_struct_keywords.entry_id        1E86 
_struct_keywords.pdbx_keywords   'ELECTRON TRANSPORT' 
_struct_keywords.text            'CYTOCHROME, HEME, 4-HELIX BUNDLE, CARBON MONOXIDE, ELECTRON TRANSPORT' 
# 
loop_
_struct_asym.id 
_struct_asym.pdbx_blank_PDB_chainid_flag 
_struct_asym.pdbx_modified 
_struct_asym.entity_id 
_struct_asym.details 
A N N 1 ? 
B N N 2 ? 
C N N 3 ? 
D N N 3 ? 
E N N 4 ? 
# 
_struct_ref.id                         1 
_struct_ref.db_name                    UNP 
_struct_ref.db_code                    CYCP_ALCSP 
_struct_ref.entity_id                  1 
_struct_ref.pdbx_seq_one_letter_code   ? 
_struct_ref.pdbx_align_begin           ? 
_struct_ref.pdbx_db_accession          P00138 
_struct_ref.pdbx_db_isoform            ? 
# 
_struct_ref_seq.align_id                      1 
_struct_ref_seq.ref_id                        1 
_struct_ref_seq.pdbx_PDB_id_code              1E86 
_struct_ref_seq.pdbx_strand_id                A 
_struct_ref_seq.seq_align_beg                 1 
_struct_ref_seq.pdbx_seq_align_beg_ins_code   ? 
_struct_ref_seq.seq_align_end                 127 
_struct_ref_seq.pdbx_seq_align_end_ins_code   ? 
_struct_ref_seq.pdbx_db_accession             P00138 
_struct_ref_seq.db_align_beg                  1 
_struct_ref_seq.pdbx_db_align_beg_ins_code    ? 
_struct_ref_seq.db_align_end                  127 
_struct_ref_seq.pdbx_db_align_end_ins_code    ? 
_struct_ref_seq.pdbx_auth_seq_align_beg       1 
_struct_ref_seq.pdbx_auth_seq_align_end       127 
# 
_struct_ref_seq_dif.align_id                     1 
_struct_ref_seq_dif.pdbx_pdb_id_code             1E86 
_struct_ref_seq_dif.mon_id                       PCA 
_struct_ref_seq_dif.pdbx_pdb_strand_id           A 
_struct_ref_seq_dif.seq_num                      1 
_struct_ref_seq_dif.pdbx_pdb_ins_code            ? 
_struct_ref_seq_dif.pdbx_seq_db_name             UNP 
_struct_ref_seq_dif.pdbx_seq_db_accession_code   P00138 
_struct_ref_seq_dif.db_mon_id                    GLN 
_struct_ref_seq_dif.pdbx_seq_db_seq_num          1 
_struct_ref_seq_dif.details                      'modified residue' 
_struct_ref_seq_dif.pdbx_auth_seq_num            1 
_struct_ref_seq_dif.pdbx_ordinal                 1 
# 
_pdbx_struct_assembly.id                   1 
_pdbx_struct_assembly.details              author_and_software_defined_assembly 
_pdbx_struct_assembly.method_details       PQS 
_pdbx_struct_assembly.oligomeric_details   dimeric 
_pdbx_struct_assembly.oligomeric_count     2 
# 
loop_
_pdbx_struct_assembly_prop.biol_id 
_pdbx_struct_assembly_prop.type 
_pdbx_struct_assembly_prop.value 
_pdbx_struct_assembly_prop.details 
1 'ABSA (A^2)' 1420  ? 
1 MORE         -14.3 ? 
1 'SSA (A^2)'  14740 ? 
# 
_pdbx_struct_assembly_gen.assembly_id       1 
_pdbx_struct_assembly_gen.oper_expression   1,2 
_pdbx_struct_assembly_gen.asym_id_list      A,B,C,D,E 
# 
loop_
_pdbx_struct_oper_list.id 
_pdbx_struct_oper_list.type 
_pdbx_struct_oper_list.name 
_pdbx_struct_oper_list.symmetry_operation 
_pdbx_struct_oper_list.matrix[1][1] 
_pdbx_struct_oper_list.matrix[1][2] 
_pdbx_struct_oper_list.matrix[1][3] 
_pdbx_struct_oper_list.vector[1] 
_pdbx_struct_oper_list.matrix[2][1] 
_pdbx_struct_oper_list.matrix[2][2] 
_pdbx_struct_oper_list.matrix[2][3] 
_pdbx_struct_oper_list.vector[2] 
_pdbx_struct_oper_list.matrix[3][1] 
_pdbx_struct_oper_list.matrix[3][2] 
_pdbx_struct_oper_list.matrix[3][3] 
_pdbx_struct_oper_list.vector[3] 
1 'identity operation'         1_555  x,y,z         1.0000000000  0.0000000000  0.0000000000  0.0000000000 0.0000000000  1.0000000000  0.0000000000 0.0000000000  0.0000000000  0.0000000000 1.0000000000 0.0000000000   
2 'crystal symmetry operation' 11_555 -x+y,y,-z+1/2 -0.9814505871 -0.1240449004 -0.1461766318 2.1952683144 -0.1240449004 -0.1704784706 0.9775223546 17.0991956328 -0.1461766318 0.9775223546 0.1519290577 -14.2317349658 
# 
_struct_biol.id   1 
# 
loop_
_struct_conf.conf_type_id 
_struct_conf.id 
_struct_conf.pdbx_PDB_helix_id 
_struct_conf.beg_label_comp_id 
_struct_conf.beg_label_asym_id 
_struct_conf.beg_label_seq_id 
_struct_conf.pdbx_beg_PDB_ins_code 
_struct_conf.end_label_comp_id 
_struct_conf.end_label_asym_id 
_struct_conf.end_label_seq_id 
_struct_conf.pdbx_end_PDB_ins_code 
_struct_conf.beg_auth_comp_id 
_struct_conf.beg_auth_asym_id 
_struct_conf.beg_auth_seq_id 
_struct_conf.end_auth_comp_id 
_struct_conf.end_auth_asym_id 
_struct_conf.end_auth_seq_id 
_struct_conf.pdbx_PDB_helix_class 
_struct_conf.details 
_struct_conf.pdbx_PDB_helix_length 
HELX_P HELX_P1 1 LYS A 4   ? ARG A 25  ? LYS A 4   ARG A 25  1 ? 22 
HELX_P HELX_P2 2 MET A 26  ? LYS A 31  ? MET A 26  LYS A 31  1 ? 6  
HELX_P HELX_P3 3 ASP A 37  ? LEU A 54  ? ASP A 37  LEU A 54  1 ? 18 
HELX_P HELX_P4 4 PRO A 55  ? PHE A 59  ? PRO A 55  PHE A 59  5 ? 5  
HELX_P HELX_P5 5 PRO A 70  ? ASP A 75  ? PRO A 70  ASP A 75  1 ? 6  
HELX_P HELX_P6 6 ASP A 75  ? GLY A 100 ? ASP A 75  GLY A 100 1 ? 26 
HELX_P HELX_P7 7 ASP A 101 ? ARG A 124 ? ASP A 101 ARG A 124 1 ? 24 
# 
_struct_conf_type.id          HELX_P 
_struct_conf_type.criteria    ? 
_struct_conf_type.reference   ? 
# 
loop_
_struct_conn.id 
_struct_conn.conn_type_id 
_struct_conn.pdbx_leaving_atom_flag 
_struct_conn.pdbx_PDB_id 
_struct_conn.ptnr1_label_asym_id 
_struct_conn.ptnr1_label_comp_id 
_struct_conn.ptnr1_label_seq_id 
_struct_conn.ptnr1_label_atom_id 
_struct_conn.pdbx_ptnr1_label_alt_id 
_struct_conn.pdbx_ptnr1_PDB_ins_code 
_struct_conn.pdbx_ptnr1_standard_comp_id 
_struct_conn.ptnr1_symmetry 
_struct_conn.ptnr2_label_asym_id 
_struct_conn.ptnr2_label_comp_id 
_struct_conn.ptnr2_label_seq_id 
_struct_conn.ptnr2_label_atom_id 
_struct_conn.pdbx_ptnr2_label_alt_id 
_struct_conn.pdbx_ptnr2_PDB_ins_code 
_struct_conn.ptnr1_auth_asym_id 
_struct_conn.ptnr1_auth_comp_id 
_struct_conn.ptnr1_auth_seq_id 
_struct_conn.ptnr2_auth_asym_id 
_struct_conn.ptnr2_auth_comp_id 
_struct_conn.ptnr2_auth_seq_id 
_struct_conn.ptnr2_symmetry 
_struct_conn.pdbx_ptnr3_label_atom_id 
_struct_conn.pdbx_ptnr3_label_seq_id 
_struct_conn.pdbx_ptnr3_label_comp_id 
_struct_conn.pdbx_ptnr3_label_asym_id 
_struct_conn.pdbx_ptnr3_label_alt_id 
_struct_conn.pdbx_ptnr3_PDB_ins_code 
_struct_conn.details 
_struct_conn.pdbx_dist_value 
_struct_conn.pdbx_value_order 
_struct_conn.pdbx_role 
covale1 covale both ? A PCA 1   C   ? ? ? 1_555 A PHE 2 N   ? ? A PCA 1   A PHE 2   1_555 ? ? ? ? ? ? ? 1.351 ? ? 
covale2 covale none ? A CYS 116 SG  ? ? ? 1_555 B HEC . CAB ? ? A CYS 116 A HEC 128 1_555 ? ? ? ? ? ? ? 1.857 ? ? 
covale3 covale none ? A CYS 119 SG  ? ? ? 1_555 B HEC . CAC ? ? A CYS 119 A HEC 128 1_555 ? ? ? ? ? ? ? 1.816 ? ? 
metalc1 metalc ?    ? A HIS 120 NE2 ? ? ? 1_555 B HEC . FE  ? ? A HIS 120 A HEC 128 1_555 ? ? ? ? ? ? ? 2.096 ? ? 
# 
loop_
_struct_conn_type.id 
_struct_conn_type.criteria 
_struct_conn_type.reference 
covale ? ? 
metalc ? ? 
# 
loop_
_pdbx_struct_conn_angle.id 
_pdbx_struct_conn_angle.ptnr1_label_atom_id 
_pdbx_struct_conn_angle.ptnr1_label_alt_id 
_pdbx_struct_conn_angle.ptnr1_label_asym_id 
_pdbx_struct_conn_angle.ptnr1_label_comp_id 
_pdbx_struct_conn_angle.ptnr1_label_seq_id 
_pdbx_struct_conn_angle.ptnr1_auth_atom_id 
_pdbx_struct_conn_angle.ptnr1_auth_asym_id 
_pdbx_struct_conn_angle.ptnr1_auth_comp_id 
_pdbx_struct_conn_angle.ptnr1_auth_seq_id 
_pdbx_struct_conn_angle.ptnr1_PDB_ins_code 
_pdbx_struct_conn_angle.ptnr1_symmetry 
_pdbx_struct_conn_angle.ptnr2_label_atom_id 
_pdbx_struct_conn_angle.ptnr2_label_alt_id 
_pdbx_struct_conn_angle.ptnr2_label_asym_id 
_pdbx_struct_conn_angle.ptnr2_label_comp_id 
_pdbx_struct_conn_angle.ptnr2_label_seq_id 
_pdbx_struct_conn_angle.ptnr2_auth_atom_id 
_pdbx_struct_conn_angle.ptnr2_auth_asym_id 
_pdbx_struct_conn_angle.ptnr2_auth_comp_id 
_pdbx_struct_conn_angle.ptnr2_auth_seq_id 
_pdbx_struct_conn_angle.ptnr2_PDB_ins_code 
_pdbx_struct_conn_angle.ptnr2_symmetry 
_pdbx_struct_conn_angle.ptnr3_label_atom_id 
_pdbx_struct_conn_angle.ptnr3_label_alt_id 
_pdbx_struct_conn_angle.ptnr3_label_asym_id 
_pdbx_struct_conn_angle.ptnr3_label_comp_id 
_pdbx_struct_conn_angle.ptnr3_label_seq_id 
_pdbx_struct_conn_angle.ptnr3_auth_atom_id 
_pdbx_struct_conn_angle.ptnr3_auth_asym_id 
_pdbx_struct_conn_angle.ptnr3_auth_comp_id 
_pdbx_struct_conn_angle.ptnr3_auth_seq_id 
_pdbx_struct_conn_angle.ptnr3_PDB_ins_code 
_pdbx_struct_conn_angle.ptnr3_symmetry 
_pdbx_struct_conn_angle.value 
_pdbx_struct_conn_angle.value_esd 
1  NE2 ? A HIS 120 ? A HIS 120 ? 1_555 FE ? B HEC . ? A HEC 128 ? 1_555 NA ? B HEC . ? A HEC 128 ? 1_555 89.3  ? 
2  NE2 ? A HIS 120 ? A HIS 120 ? 1_555 FE ? B HEC . ? A HEC 128 ? 1_555 NB ? B HEC . ? A HEC 128 ? 1_555 86.3  ? 
3  NA  ? B HEC .   ? A HEC 128 ? 1_555 FE ? B HEC . ? A HEC 128 ? 1_555 NB ? B HEC . ? A HEC 128 ? 1_555 90.2  ? 
4  NE2 ? A HIS 120 ? A HIS 120 ? 1_555 FE ? B HEC . ? A HEC 128 ? 1_555 NC ? B HEC . ? A HEC 128 ? 1_555 88.4  ? 
5  NA  ? B HEC .   ? A HEC 128 ? 1_555 FE ? B HEC . ? A HEC 128 ? 1_555 NC ? B HEC . ? A HEC 128 ? 1_555 177.6 ? 
6  NB  ? B HEC .   ? A HEC 128 ? 1_555 FE ? B HEC . ? A HEC 128 ? 1_555 NC ? B HEC . ? A HEC 128 ? 1_555 89.2  ? 
7  NE2 ? A HIS 120 ? A HIS 120 ? 1_555 FE ? B HEC . ? A HEC 128 ? 1_555 ND ? B HEC . ? A HEC 128 ? 1_555 93.0  ? 
8  NA  ? B HEC .   ? A HEC 128 ? 1_555 FE ? B HEC . ? A HEC 128 ? 1_555 ND ? B HEC . ? A HEC 128 ? 1_555 90.5  ? 
9  NB  ? B HEC .   ? A HEC 128 ? 1_555 FE ? B HEC . ? A HEC 128 ? 1_555 ND ? B HEC . ? A HEC 128 ? 1_555 179.1 ? 
10 NC  ? B HEC .   ? A HEC 128 ? 1_555 FE ? B HEC . ? A HEC 128 ? 1_555 ND ? B HEC . ? A HEC 128 ? 1_555 90.0  ? 
# 
loop_
_pdbx_modification_feature.ordinal 
_pdbx_modification_feature.label_comp_id 
_pdbx_modification_feature.label_asym_id 
_pdbx_modification_feature.label_seq_id 
_pdbx_modification_feature.label_alt_id 
_pdbx_modification_feature.modified_residue_label_comp_id 
_pdbx_modification_feature.modified_residue_label_asym_id 
_pdbx_modification_feature.modified_residue_label_seq_id 
_pdbx_modification_feature.modified_residue_label_alt_id 
_pdbx_modification_feature.auth_comp_id 
_pdbx_modification_feature.auth_asym_id 
_pdbx_modification_feature.auth_seq_id 
_pdbx_modification_feature.PDB_ins_code 
_pdbx_modification_feature.symmetry 
_pdbx_modification_feature.modified_residue_auth_comp_id 
_pdbx_modification_feature.modified_residue_auth_asym_id 
_pdbx_modification_feature.modified_residue_auth_seq_id 
_pdbx_modification_feature.modified_residue_PDB_ins_code 
_pdbx_modification_feature.modified_residue_symmetry 
_pdbx_modification_feature.comp_id_linking_atom 
_pdbx_modification_feature.modified_residue_id_linking_atom 
_pdbx_modification_feature.modified_residue_id 
_pdbx_modification_feature.ref_pcm_id 
_pdbx_modification_feature.ref_comp_id 
_pdbx_modification_feature.type 
_pdbx_modification_feature.category 
1 PCA A 1 ? .   . .   . PCA A 1   ? 1_555 .   . .   . .     .   .  GLN 1 PCA 'Pyrrolidone carboxylic acid' 
'Named protein modification' 
2 HEC B . ? CYS A 116 ? HEC A 128 ? 1_555 CYS A 116 ? 1_555 CAB SG CYS 2 HEC None                          Heme/heme-like 
3 HEC B . ? CYS A 119 ? HEC A 128 ? 1_555 CYS A 119 ? 1_555 CAC SG CYS 3 HEC None                          Heme/heme-like 
# 
loop_
_struct_site.id 
_struct_site.pdbx_evidence_code 
_struct_site.pdbx_auth_asym_id 
_struct_site.pdbx_auth_comp_id 
_struct_site.pdbx_auth_seq_id 
_struct_site.pdbx_auth_ins_code 
_struct_site.pdbx_num_residues 
_struct_site.details 
AC1 Software A HEC 128 ? 22 'BINDING SITE FOR RESIDUE HEC A 128' 
AC2 Software A CMO 130 ? 4  'BINDING SITE FOR RESIDUE CMO A 130' 
AC3 Software A CMO 131 ? 2  'BINDING SITE FOR RESIDUE CMO A 131' 
# 
loop_
_struct_site_gen.id 
_struct_site_gen.site_id 
_struct_site_gen.pdbx_num_res 
_struct_site_gen.label_comp_id 
_struct_site_gen.label_asym_id 
_struct_site_gen.label_seq_id 
_struct_site_gen.pdbx_auth_ins_code 
_struct_site_gen.auth_comp_id 
_struct_site_gen.auth_asym_id 
_struct_site_gen.auth_seq_id 
_struct_site_gen.label_atom_id 
_struct_site_gen.label_alt_id 
_struct_site_gen.symmetry 
_struct_site_gen.details 
1  AC1 22 ARG A 12  ? ARG A 12   . ? 1_555 ? 
2  AC1 22 GLN A 13  ? GLN A 13   . ? 1_555 ? 
3  AC1 22 LEU A 16  ? LEU A 16   . ? 1_555 ? 
4  AC1 22 THR A 17  ? THR A 17   . ? 1_555 ? 
5  AC1 22 MET A 19  ? MET A 19   . ? 1_555 ? 
6  AC1 22 ALA A 20  ? ALA A 20   . ? 1_555 ? 
7  AC1 22 TRP A 56  ? TRP A 56   . ? 1_555 ? 
8  AC1 22 PHE A 59  ? PHE A 59   . ? 1_555 ? 
9  AC1 22 GLY A 65  ? GLY A 65   . ? 1_555 ? 
10 AC1 22 ASP A 67  ? ASP A 67   . ? 1_555 ? 
11 AC1 22 ILE A 72  ? ILE A 72   . ? 1_555 ? 
12 AC1 22 PHE A 79  ? PHE A 79   . ? 1_555 ? 
13 AC1 22 GLN A 83  ? GLN A 83   . ? 1_555 ? 
14 AC1 22 PHE A 86  ? PHE A 86   . ? 1_555 ? 
15 AC1 22 CYS A 116 ? CYS A 116  . ? 1_555 ? 
16 AC1 22 CYS A 119 ? CYS A 119  . ? 1_555 ? 
17 AC1 22 HIS A 120 ? HIS A 120  . ? 1_555 ? 
18 AC1 22 ARG A 124 ? ARG A 124  . ? 1_555 ? 
19 AC1 22 CMO C .   ? CMO A 130  . ? 1_555 ? 
20 AC1 22 HOH E .   ? HOH A 2142 . ? 1_555 ? 
21 AC1 22 HOH E .   ? HOH A 2143 . ? 1_555 ? 
22 AC1 22 HOH E .   ? HOH A 2144 . ? 1_555 ? 
23 AC2 4  LEU A 16  ? LEU A 16   . ? 1_555 ? 
24 AC2 4  MET A 19  ? MET A 19   . ? 1_555 ? 
25 AC2 4  TRP A 56  ? TRP A 56   . ? 1_555 ? 
26 AC2 4  HEC B .   ? HEC A 128  . ? 1_555 ? 
27 AC3 2  LYS A 117 ? LYS A 117  . ? 1_555 ? 
28 AC3 2  HIS A 120 ? HIS A 120  . ? 1_555 ? 
# 
_pdbx_entry_details.entry_id                   1E86 
_pdbx_entry_details.compound_details           
;CYTOCHROME C' IS THE MOST WIDELY OCCURRING BACTERIAL
 C-TYPE CYTOCHROME. CYTOCHROMES C'
;
_pdbx_entry_details.source_details             ? 
_pdbx_entry_details.nonpolymer_details         ? 
_pdbx_entry_details.sequence_details           'N-TERMINAL RESIDUE IS PYRROLIDONE CARBOXYLIC ACID (PCA)' 
_pdbx_entry_details.has_ligand_of_interest     ? 
_pdbx_entry_details.has_protein_modification   Y 
# 
_pdbx_validate_close_contact.id               1 
_pdbx_validate_close_contact.PDB_model_num    1 
_pdbx_validate_close_contact.auth_atom_id_1   FE 
_pdbx_validate_close_contact.auth_asym_id_1   A 
_pdbx_validate_close_contact.auth_comp_id_1   HEC 
_pdbx_validate_close_contact.auth_seq_id_1    128 
_pdbx_validate_close_contact.PDB_ins_code_1   ? 
_pdbx_validate_close_contact.label_alt_id_1   ? 
_pdbx_validate_close_contact.auth_atom_id_2   C 
_pdbx_validate_close_contact.auth_asym_id_2   A 
_pdbx_validate_close_contact.auth_comp_id_2   CMO 
_pdbx_validate_close_contact.auth_seq_id_2    130 
_pdbx_validate_close_contact.PDB_ins_code_2   ? 
_pdbx_validate_close_contact.label_alt_id_2   ? 
_pdbx_validate_close_contact.dist             2.09 
# 
loop_
_pdbx_validate_rmsd_angle.id 
_pdbx_validate_rmsd_angle.PDB_model_num 
_pdbx_validate_rmsd_angle.auth_atom_id_1 
_pdbx_validate_rmsd_angle.auth_asym_id_1 
_pdbx_validate_rmsd_angle.auth_comp_id_1 
_pdbx_validate_rmsd_angle.auth_seq_id_1 
_pdbx_validate_rmsd_angle.PDB_ins_code_1 
_pdbx_validate_rmsd_angle.label_alt_id_1 
_pdbx_validate_rmsd_angle.auth_atom_id_2 
_pdbx_validate_rmsd_angle.auth_asym_id_2 
_pdbx_validate_rmsd_angle.auth_comp_id_2 
_pdbx_validate_rmsd_angle.auth_seq_id_2 
_pdbx_validate_rmsd_angle.PDB_ins_code_2 
_pdbx_validate_rmsd_angle.label_alt_id_2 
_pdbx_validate_rmsd_angle.auth_atom_id_3 
_pdbx_validate_rmsd_angle.auth_asym_id_3 
_pdbx_validate_rmsd_angle.auth_comp_id_3 
_pdbx_validate_rmsd_angle.auth_seq_id_3 
_pdbx_validate_rmsd_angle.PDB_ins_code_3 
_pdbx_validate_rmsd_angle.label_alt_id_3 
_pdbx_validate_rmsd_angle.angle_value 
_pdbx_validate_rmsd_angle.angle_target_value 
_pdbx_validate_rmsd_angle.angle_deviation 
_pdbx_validate_rmsd_angle.angle_standard_deviation 
_pdbx_validate_rmsd_angle.linker_flag 
1 1 CB  A PHE 59  ? ? CG A PHE 59  ? ? CD2 A PHE 59  ? ? 114.42 120.80 -6.38 0.70 N 
2 1 CB  A PHE 59  ? ? CG A PHE 59  ? ? CD1 A PHE 59  ? ? 127.72 120.80 6.92  0.70 N 
3 1 CB  A ASP 98  ? ? CG A ASP 98  ? ? OD1 A ASP 98  ? ? 123.99 118.30 5.69  0.90 N 
4 1 CB  A ASP 103 ? ? CG A ASP 103 ? ? OD1 A ASP 103 ? ? 112.83 118.30 -5.47 0.90 N 
5 1 NH1 A ARG 124 ? ? CZ A ARG 124 ? ? NH2 A ARG 124 ? ? 126.09 119.40 6.69  1.10 N 
6 1 NE  A ARG 124 ? ? CZ A ARG 124 ? ? NH2 A ARG 124 ? ? 116.46 120.30 -3.84 0.50 N 
# 
_pdbx_validate_torsion.id              1 
_pdbx_validate_torsion.PDB_model_num   1 
_pdbx_validate_torsion.auth_comp_id    ASP 
_pdbx_validate_torsion.auth_asym_id    A 
_pdbx_validate_torsion.auth_seq_id     75 
_pdbx_validate_torsion.PDB_ins_code    ? 
_pdbx_validate_torsion.label_alt_id    ? 
_pdbx_validate_torsion.phi             -116.21 
_pdbx_validate_torsion.psi             67.45 
# 
_pdbx_struct_mod_residue.id               1 
_pdbx_struct_mod_residue.label_asym_id    A 
_pdbx_struct_mod_residue.label_comp_id    PCA 
_pdbx_struct_mod_residue.label_seq_id     1 
_pdbx_struct_mod_residue.auth_asym_id     A 
_pdbx_struct_mod_residue.auth_comp_id     PCA 
_pdbx_struct_mod_residue.auth_seq_id      1 
_pdbx_struct_mod_residue.PDB_ins_code     ? 
_pdbx_struct_mod_residue.parent_comp_id   GLU 
_pdbx_struct_mod_residue.details          'PYROGLUTAMIC ACID' 
# 
_pdbx_distant_solvent_atoms.id                                1 
_pdbx_distant_solvent_atoms.PDB_model_num                     1 
_pdbx_distant_solvent_atoms.auth_atom_id                      O 
_pdbx_distant_solvent_atoms.label_alt_id                      ? 
_pdbx_distant_solvent_atoms.auth_asym_id                      A 
_pdbx_distant_solvent_atoms.auth_comp_id                      HOH 
_pdbx_distant_solvent_atoms.auth_seq_id                       2008 
_pdbx_distant_solvent_atoms.PDB_ins_code                      ? 
_pdbx_distant_solvent_atoms.neighbor_macromolecule_distance   5.89 
_pdbx_distant_solvent_atoms.neighbor_ligand_distance          . 
# 
_pdbx_unobs_or_zero_occ_residues.id               1 
_pdbx_unobs_or_zero_occ_residues.PDB_model_num    1 
_pdbx_unobs_or_zero_occ_residues.polymer_flag     Y 
_pdbx_unobs_or_zero_occ_residues.occupancy_flag   1 
_pdbx_unobs_or_zero_occ_residues.auth_asym_id     A 
_pdbx_unobs_or_zero_occ_residues.auth_comp_id     LYS 
_pdbx_unobs_or_zero_occ_residues.auth_seq_id      127 
_pdbx_unobs_or_zero_occ_residues.PDB_ins_code     ? 
_pdbx_unobs_or_zero_occ_residues.label_asym_id    A 
_pdbx_unobs_or_zero_occ_residues.label_comp_id    LYS 
_pdbx_unobs_or_zero_occ_residues.label_seq_id     127 
# 
loop_
_chem_comp_atom.comp_id 
_chem_comp_atom.atom_id 
_chem_comp_atom.type_symbol 
_chem_comp_atom.pdbx_aromatic_flag 
_chem_comp_atom.pdbx_stereo_config 
_chem_comp_atom.pdbx_ordinal 
ALA N    N  N N 1   
ALA CA   C  N S 2   
ALA C    C  N N 3   
ALA O    O  N N 4   
ALA CB   C  N N 5   
ALA OXT  O  N N 6   
ALA H    H  N N 7   
ALA H2   H  N N 8   
ALA HA   H  N N 9   
ALA HB1  H  N N 10  
ALA HB2  H  N N 11  
ALA HB3  H  N N 12  
ALA HXT  H  N N 13  
ARG N    N  N N 14  
ARG CA   C  N S 15  
ARG C    C  N N 16  
ARG O    O  N N 17  
ARG CB   C  N N 18  
ARG CG   C  N N 19  
ARG CD   C  N N 20  
ARG NE   N  N N 21  
ARG CZ   C  N N 22  
ARG NH1  N  N N 23  
ARG NH2  N  N N 24  
ARG OXT  O  N N 25  
ARG H    H  N N 26  
ARG H2   H  N N 27  
ARG HA   H  N N 28  
ARG HB2  H  N N 29  
ARG HB3  H  N N 30  
ARG HG2  H  N N 31  
ARG HG3  H  N N 32  
ARG HD2  H  N N 33  
ARG HD3  H  N N 34  
ARG HE   H  N N 35  
ARG HH11 H  N N 36  
ARG HH12 H  N N 37  
ARG HH21 H  N N 38  
ARG HH22 H  N N 39  
ARG HXT  H  N N 40  
ASN N    N  N N 41  
ASN CA   C  N S 42  
ASN C    C  N N 43  
ASN O    O  N N 44  
ASN CB   C  N N 45  
ASN CG   C  N N 46  
ASN OD1  O  N N 47  
ASN ND2  N  N N 48  
ASN OXT  O  N N 49  
ASN H    H  N N 50  
ASN H2   H  N N 51  
ASN HA   H  N N 52  
ASN HB2  H  N N 53  
ASN HB3  H  N N 54  
ASN HD21 H  N N 55  
ASN HD22 H  N N 56  
ASN HXT  H  N N 57  
ASP N    N  N N 58  
ASP CA   C  N S 59  
ASP C    C  N N 60  
ASP O    O  N N 61  
ASP CB   C  N N 62  
ASP CG   C  N N 63  
ASP OD1  O  N N 64  
ASP OD2  O  N N 65  
ASP OXT  O  N N 66  
ASP H    H  N N 67  
ASP H2   H  N N 68  
ASP HA   H  N N 69  
ASP HB2  H  N N 70  
ASP HB3  H  N N 71  
ASP HD2  H  N N 72  
ASP HXT  H  N N 73  
CMO C    C  N N 74  
CMO O    O  N N 75  
CYS N    N  N N 76  
CYS CA   C  N R 77  
CYS C    C  N N 78  
CYS O    O  N N 79  
CYS CB   C  N N 80  
CYS SG   S  N N 81  
CYS OXT  O  N N 82  
CYS H    H  N N 83  
CYS H2   H  N N 84  
CYS HA   H  N N 85  
CYS HB2  H  N N 86  
CYS HB3  H  N N 87  
CYS HG   H  N N 88  
CYS HXT  H  N N 89  
GLN N    N  N N 90  
GLN CA   C  N S 91  
GLN C    C  N N 92  
GLN O    O  N N 93  
GLN CB   C  N N 94  
GLN CG   C  N N 95  
GLN CD   C  N N 96  
GLN OE1  O  N N 97  
GLN NE2  N  N N 98  
GLN OXT  O  N N 99  
GLN H    H  N N 100 
GLN H2   H  N N 101 
GLN HA   H  N N 102 
GLN HB2  H  N N 103 
GLN HB3  H  N N 104 
GLN HG2  H  N N 105 
GLN HG3  H  N N 106 
GLN HE21 H  N N 107 
GLN HE22 H  N N 108 
GLN HXT  H  N N 109 
GLU N    N  N N 110 
GLU CA   C  N S 111 
GLU C    C  N N 112 
GLU O    O  N N 113 
GLU CB   C  N N 114 
GLU CG   C  N N 115 
GLU CD   C  N N 116 
GLU OE1  O  N N 117 
GLU OE2  O  N N 118 
GLU OXT  O  N N 119 
GLU H    H  N N 120 
GLU H2   H  N N 121 
GLU HA   H  N N 122 
GLU HB2  H  N N 123 
GLU HB3  H  N N 124 
GLU HG2  H  N N 125 
GLU HG3  H  N N 126 
GLU HE2  H  N N 127 
GLU HXT  H  N N 128 
GLY N    N  N N 129 
GLY CA   C  N N 130 
GLY C    C  N N 131 
GLY O    O  N N 132 
GLY OXT  O  N N 133 
GLY H    H  N N 134 
GLY H2   H  N N 135 
GLY HA2  H  N N 136 
GLY HA3  H  N N 137 
GLY HXT  H  N N 138 
HEC FE   FE N N 139 
HEC CHA  C  N N 140 
HEC CHB  C  N N 141 
HEC CHC  C  N N 142 
HEC CHD  C  N N 143 
HEC NA   N  Y N 144 
HEC C1A  C  Y N 145 
HEC C2A  C  Y N 146 
HEC C3A  C  Y N 147 
HEC C4A  C  Y N 148 
HEC CMA  C  N N 149 
HEC CAA  C  N N 150 
HEC CBA  C  N N 151 
HEC CGA  C  N N 152 
HEC O1A  O  N N 153 
HEC O2A  O  N N 154 
HEC NB   N  Y N 155 
HEC C1B  C  Y N 156 
HEC C2B  C  Y N 157 
HEC C3B  C  Y N 158 
HEC C4B  C  Y N 159 
HEC CMB  C  N N 160 
HEC CAB  C  N N 161 
HEC CBB  C  N N 162 
HEC NC   N  Y N 163 
HEC C1C  C  Y N 164 
HEC C2C  C  Y N 165 
HEC C3C  C  Y N 166 
HEC C4C  C  Y N 167 
HEC CMC  C  N N 168 
HEC CAC  C  N N 169 
HEC CBC  C  N N 170 
HEC ND   N  Y N 171 
HEC C1D  C  Y N 172 
HEC C2D  C  Y N 173 
HEC C3D  C  Y N 174 
HEC C4D  C  Y N 175 
HEC CMD  C  N N 176 
HEC CAD  C  N N 177 
HEC CBD  C  N N 178 
HEC CGD  C  N N 179 
HEC O1D  O  N N 180 
HEC O2D  O  N N 181 
HEC HHA  H  N N 182 
HEC HHB  H  N N 183 
HEC HHC  H  N N 184 
HEC HHD  H  N N 185 
HEC HMA1 H  N N 186 
HEC HMA2 H  N N 187 
HEC HMA3 H  N N 188 
HEC HAA1 H  N N 189 
HEC HAA2 H  N N 190 
HEC HBA1 H  N N 191 
HEC HBA2 H  N N 192 
HEC H2A  H  N N 193 
HEC HMB1 H  N N 194 
HEC HMB2 H  N N 195 
HEC HMB3 H  N N 196 
HEC HAB  H  N N 197 
HEC HBB1 H  N N 198 
HEC HBB2 H  N N 199 
HEC HBB3 H  N N 200 
HEC HMC1 H  N N 201 
HEC HMC2 H  N N 202 
HEC HMC3 H  N N 203 
HEC HAC  H  N N 204 
HEC HBC1 H  N N 205 
HEC HBC2 H  N N 206 
HEC HBC3 H  N N 207 
HEC HMD1 H  N N 208 
HEC HMD2 H  N N 209 
HEC HMD3 H  N N 210 
HEC HAD1 H  N N 211 
HEC HAD2 H  N N 212 
HEC HBD1 H  N N 213 
HEC HBD2 H  N N 214 
HEC H2D  H  N N 215 
HIS N    N  N N 216 
HIS CA   C  N S 217 
HIS C    C  N N 218 
HIS O    O  N N 219 
HIS CB   C  N N 220 
HIS CG   C  Y N 221 
HIS ND1  N  Y N 222 
HIS CD2  C  Y N 223 
HIS CE1  C  Y N 224 
HIS NE2  N  Y N 225 
HIS OXT  O  N N 226 
HIS H    H  N N 227 
HIS H2   H  N N 228 
HIS HA   H  N N 229 
HIS HB2  H  N N 230 
HIS HB3  H  N N 231 
HIS HD1  H  N N 232 
HIS HD2  H  N N 233 
HIS HE1  H  N N 234 
HIS HE2  H  N N 235 
HIS HXT  H  N N 236 
HOH O    O  N N 237 
HOH H1   H  N N 238 
HOH H2   H  N N 239 
ILE N    N  N N 240 
ILE CA   C  N S 241 
ILE C    C  N N 242 
ILE O    O  N N 243 
ILE CB   C  N S 244 
ILE CG1  C  N N 245 
ILE CG2  C  N N 246 
ILE CD1  C  N N 247 
ILE OXT  O  N N 248 
ILE H    H  N N 249 
ILE H2   H  N N 250 
ILE HA   H  N N 251 
ILE HB   H  N N 252 
ILE HG12 H  N N 253 
ILE HG13 H  N N 254 
ILE HG21 H  N N 255 
ILE HG22 H  N N 256 
ILE HG23 H  N N 257 
ILE HD11 H  N N 258 
ILE HD12 H  N N 259 
ILE HD13 H  N N 260 
ILE HXT  H  N N 261 
LEU N    N  N N 262 
LEU CA   C  N S 263 
LEU C    C  N N 264 
LEU O    O  N N 265 
LEU CB   C  N N 266 
LEU CG   C  N N 267 
LEU CD1  C  N N 268 
LEU CD2  C  N N 269 
LEU OXT  O  N N 270 
LEU H    H  N N 271 
LEU H2   H  N N 272 
LEU HA   H  N N 273 
LEU HB2  H  N N 274 
LEU HB3  H  N N 275 
LEU HG   H  N N 276 
LEU HD11 H  N N 277 
LEU HD12 H  N N 278 
LEU HD13 H  N N 279 
LEU HD21 H  N N 280 
LEU HD22 H  N N 281 
LEU HD23 H  N N 282 
LEU HXT  H  N N 283 
LYS N    N  N N 284 
LYS CA   C  N S 285 
LYS C    C  N N 286 
LYS O    O  N N 287 
LYS CB   C  N N 288 
LYS CG   C  N N 289 
LYS CD   C  N N 290 
LYS CE   C  N N 291 
LYS NZ   N  N N 292 
LYS OXT  O  N N 293 
LYS H    H  N N 294 
LYS H2   H  N N 295 
LYS HA   H  N N 296 
LYS HB2  H  N N 297 
LYS HB3  H  N N 298 
LYS HG2  H  N N 299 
LYS HG3  H  N N 300 
LYS HD2  H  N N 301 
LYS HD3  H  N N 302 
LYS HE2  H  N N 303 
LYS HE3  H  N N 304 
LYS HZ1  H  N N 305 
LYS HZ2  H  N N 306 
LYS HZ3  H  N N 307 
LYS HXT  H  N N 308 
MET N    N  N N 309 
MET CA   C  N S 310 
MET C    C  N N 311 
MET O    O  N N 312 
MET CB   C  N N 313 
MET CG   C  N N 314 
MET SD   S  N N 315 
MET CE   C  N N 316 
MET OXT  O  N N 317 
MET H    H  N N 318 
MET H2   H  N N 319 
MET HA   H  N N 320 
MET HB2  H  N N 321 
MET HB3  H  N N 322 
MET HG2  H  N N 323 
MET HG3  H  N N 324 
MET HE1  H  N N 325 
MET HE2  H  N N 326 
MET HE3  H  N N 327 
MET HXT  H  N N 328 
PCA N    N  N N 329 
PCA CA   C  N S 330 
PCA CB   C  N N 331 
PCA CG   C  N N 332 
PCA CD   C  N N 333 
PCA OE   O  N N 334 
PCA C    C  N N 335 
PCA O    O  N N 336 
PCA OXT  O  N N 337 
PCA H    H  N N 338 
PCA HA   H  N N 339 
PCA HB2  H  N N 340 
PCA HB3  H  N N 341 
PCA HG2  H  N N 342 
PCA HG3  H  N N 343 
PCA HXT  H  N N 344 
PHE N    N  N N 345 
PHE CA   C  N S 346 
PHE C    C  N N 347 
PHE O    O  N N 348 
PHE CB   C  N N 349 
PHE CG   C  Y N 350 
PHE CD1  C  Y N 351 
PHE CD2  C  Y N 352 
PHE CE1  C  Y N 353 
PHE CE2  C  Y N 354 
PHE CZ   C  Y N 355 
PHE OXT  O  N N 356 
PHE H    H  N N 357 
PHE H2   H  N N 358 
PHE HA   H  N N 359 
PHE HB2  H  N N 360 
PHE HB3  H  N N 361 
PHE HD1  H  N N 362 
PHE HD2  H  N N 363 
PHE HE1  H  N N 364 
PHE HE2  H  N N 365 
PHE HZ   H  N N 366 
PHE HXT  H  N N 367 
PRO N    N  N N 368 
PRO CA   C  N S 369 
PRO C    C  N N 370 
PRO O    O  N N 371 
PRO CB   C  N N 372 
PRO CG   C  N N 373 
PRO CD   C  N N 374 
PRO OXT  O  N N 375 
PRO H    H  N N 376 
PRO HA   H  N N 377 
PRO HB2  H  N N 378 
PRO HB3  H  N N 379 
PRO HG2  H  N N 380 
PRO HG3  H  N N 381 
PRO HD2  H  N N 382 
PRO HD3  H  N N 383 
PRO HXT  H  N N 384 
SER N    N  N N 385 
SER CA   C  N S 386 
SER C    C  N N 387 
SER O    O  N N 388 
SER CB   C  N N 389 
SER OG   O  N N 390 
SER OXT  O  N N 391 
SER H    H  N N 392 
SER H2   H  N N 393 
SER HA   H  N N 394 
SER HB2  H  N N 395 
SER HB3  H  N N 396 
SER HG   H  N N 397 
SER HXT  H  N N 398 
THR N    N  N N 399 
THR CA   C  N S 400 
THR C    C  N N 401 
THR O    O  N N 402 
THR CB   C  N R 403 
THR OG1  O  N N 404 
THR CG2  C  N N 405 
THR OXT  O  N N 406 
THR H    H  N N 407 
THR H2   H  N N 408 
THR HA   H  N N 409 
THR HB   H  N N 410 
THR HG1  H  N N 411 
THR HG21 H  N N 412 
THR HG22 H  N N 413 
THR HG23 H  N N 414 
THR HXT  H  N N 415 
TRP N    N  N N 416 
TRP CA   C  N S 417 
TRP C    C  N N 418 
TRP O    O  N N 419 
TRP CB   C  N N 420 
TRP CG   C  Y N 421 
TRP CD1  C  Y N 422 
TRP CD2  C  Y N 423 
TRP NE1  N  Y N 424 
TRP CE2  C  Y N 425 
TRP CE3  C  Y N 426 
TRP CZ2  C  Y N 427 
TRP CZ3  C  Y N 428 
TRP CH2  C  Y N 429 
TRP OXT  O  N N 430 
TRP H    H  N N 431 
TRP H2   H  N N 432 
TRP HA   H  N N 433 
TRP HB2  H  N N 434 
TRP HB3  H  N N 435 
TRP HD1  H  N N 436 
TRP HE1  H  N N 437 
TRP HE3  H  N N 438 
TRP HZ2  H  N N 439 
TRP HZ3  H  N N 440 
TRP HH2  H  N N 441 
TRP HXT  H  N N 442 
TYR N    N  N N 443 
TYR CA   C  N S 444 
TYR C    C  N N 445 
TYR O    O  N N 446 
TYR CB   C  N N 447 
TYR CG   C  Y N 448 
TYR CD1  C  Y N 449 
TYR CD2  C  Y N 450 
TYR CE1  C  Y N 451 
TYR CE2  C  Y N 452 
TYR CZ   C  Y N 453 
TYR OH   O  N N 454 
TYR OXT  O  N N 455 
TYR H    H  N N 456 
TYR H2   H  N N 457 
TYR HA   H  N N 458 
TYR HB2  H  N N 459 
TYR HB3  H  N N 460 
TYR HD1  H  N N 461 
TYR HD2  H  N N 462 
TYR HE1  H  N N 463 
TYR HE2  H  N N 464 
TYR HH   H  N N 465 
TYR HXT  H  N N 466 
VAL N    N  N N 467 
VAL CA   C  N S 468 
VAL C    C  N N 469 
VAL O    O  N N 470 
VAL CB   C  N N 471 
VAL CG1  C  N N 472 
VAL CG2  C  N N 473 
VAL OXT  O  N N 474 
VAL H    H  N N 475 
VAL H2   H  N N 476 
VAL HA   H  N N 477 
VAL HB   H  N N 478 
VAL HG11 H  N N 479 
VAL HG12 H  N N 480 
VAL HG13 H  N N 481 
VAL HG21 H  N N 482 
VAL HG22 H  N N 483 
VAL HG23 H  N N 484 
VAL HXT  H  N N 485 
# 
loop_
_chem_comp_bond.comp_id 
_chem_comp_bond.atom_id_1 
_chem_comp_bond.atom_id_2 
_chem_comp_bond.value_order 
_chem_comp_bond.pdbx_aromatic_flag 
_chem_comp_bond.pdbx_stereo_config 
_chem_comp_bond.pdbx_ordinal 
ALA N   CA   sing N N 1   
ALA N   H    sing N N 2   
ALA N   H2   sing N N 3   
ALA CA  C    sing N N 4   
ALA CA  CB   sing N N 5   
ALA CA  HA   sing N N 6   
ALA C   O    doub N N 7   
ALA C   OXT  sing N N 8   
ALA CB  HB1  sing N N 9   
ALA CB  HB2  sing N N 10  
ALA CB  HB3  sing N N 11  
ALA OXT HXT  sing N N 12  
ARG N   CA   sing N N 13  
ARG N   H    sing N N 14  
ARG N   H2   sing N N 15  
ARG CA  C    sing N N 16  
ARG CA  CB   sing N N 17  
ARG CA  HA   sing N N 18  
ARG C   O    doub N N 19  
ARG C   OXT  sing N N 20  
ARG CB  CG   sing N N 21  
ARG CB  HB2  sing N N 22  
ARG CB  HB3  sing N N 23  
ARG CG  CD   sing N N 24  
ARG CG  HG2  sing N N 25  
ARG CG  HG3  sing N N 26  
ARG CD  NE   sing N N 27  
ARG CD  HD2  sing N N 28  
ARG CD  HD3  sing N N 29  
ARG NE  CZ   sing N N 30  
ARG NE  HE   sing N N 31  
ARG CZ  NH1  sing N N 32  
ARG CZ  NH2  doub N N 33  
ARG NH1 HH11 sing N N 34  
ARG NH1 HH12 sing N N 35  
ARG NH2 HH21 sing N N 36  
ARG NH2 HH22 sing N N 37  
ARG OXT HXT  sing N N 38  
ASN N   CA   sing N N 39  
ASN N   H    sing N N 40  
ASN N   H2   sing N N 41  
ASN CA  C    sing N N 42  
ASN CA  CB   sing N N 43  
ASN CA  HA   sing N N 44  
ASN C   O    doub N N 45  
ASN C   OXT  sing N N 46  
ASN CB  CG   sing N N 47  
ASN CB  HB2  sing N N 48  
ASN CB  HB3  sing N N 49  
ASN CG  OD1  doub N N 50  
ASN CG  ND2  sing N N 51  
ASN ND2 HD21 sing N N 52  
ASN ND2 HD22 sing N N 53  
ASN OXT HXT  sing N N 54  
ASP N   CA   sing N N 55  
ASP N   H    sing N N 56  
ASP N   H2   sing N N 57  
ASP CA  C    sing N N 58  
ASP CA  CB   sing N N 59  
ASP CA  HA   sing N N 60  
ASP C   O    doub N N 61  
ASP C   OXT  sing N N 62  
ASP CB  CG   sing N N 63  
ASP CB  HB2  sing N N 64  
ASP CB  HB3  sing N N 65  
ASP CG  OD1  doub N N 66  
ASP CG  OD2  sing N N 67  
ASP OD2 HD2  sing N N 68  
ASP OXT HXT  sing N N 69  
CMO C   O    trip N N 70  
CYS N   CA   sing N N 71  
CYS N   H    sing N N 72  
CYS N   H2   sing N N 73  
CYS CA  C    sing N N 74  
CYS CA  CB   sing N N 75  
CYS CA  HA   sing N N 76  
CYS C   O    doub N N 77  
CYS C   OXT  sing N N 78  
CYS CB  SG   sing N N 79  
CYS CB  HB2  sing N N 80  
CYS CB  HB3  sing N N 81  
CYS SG  HG   sing N N 82  
CYS OXT HXT  sing N N 83  
GLN N   CA   sing N N 84  
GLN N   H    sing N N 85  
GLN N   H2   sing N N 86  
GLN CA  C    sing N N 87  
GLN CA  CB   sing N N 88  
GLN CA  HA   sing N N 89  
GLN C   O    doub N N 90  
GLN C   OXT  sing N N 91  
GLN CB  CG   sing N N 92  
GLN CB  HB2  sing N N 93  
GLN CB  HB3  sing N N 94  
GLN CG  CD   sing N N 95  
GLN CG  HG2  sing N N 96  
GLN CG  HG3  sing N N 97  
GLN CD  OE1  doub N N 98  
GLN CD  NE2  sing N N 99  
GLN NE2 HE21 sing N N 100 
GLN NE2 HE22 sing N N 101 
GLN OXT HXT  sing N N 102 
GLU N   CA   sing N N 103 
GLU N   H    sing N N 104 
GLU N   H2   sing N N 105 
GLU CA  C    sing N N 106 
GLU CA  CB   sing N N 107 
GLU CA  HA   sing N N 108 
GLU C   O    doub N N 109 
GLU C   OXT  sing N N 110 
GLU CB  CG   sing N N 111 
GLU CB  HB2  sing N N 112 
GLU CB  HB3  sing N N 113 
GLU CG  CD   sing N N 114 
GLU CG  HG2  sing N N 115 
GLU CG  HG3  sing N N 116 
GLU CD  OE1  doub N N 117 
GLU CD  OE2  sing N N 118 
GLU OE2 HE2  sing N N 119 
GLU OXT HXT  sing N N 120 
GLY N   CA   sing N N 121 
GLY N   H    sing N N 122 
GLY N   H2   sing N N 123 
GLY CA  C    sing N N 124 
GLY CA  HA2  sing N N 125 
GLY CA  HA3  sing N N 126 
GLY C   O    doub N N 127 
GLY C   OXT  sing N N 128 
GLY OXT HXT  sing N N 129 
HEC FE  NA   sing N N 130 
HEC FE  NB   sing N N 131 
HEC FE  NC   sing N N 132 
HEC FE  ND   sing N N 133 
HEC CHA C1A  doub N N 134 
HEC CHA C4D  sing N N 135 
HEC CHA HHA  sing N N 136 
HEC CHB C4A  doub N N 137 
HEC CHB C1B  sing N N 138 
HEC CHB HHB  sing N N 139 
HEC CHC C4B  doub N N 140 
HEC CHC C1C  sing N N 141 
HEC CHC HHC  sing N N 142 
HEC CHD C4C  doub N N 143 
HEC CHD C1D  sing N N 144 
HEC CHD HHD  sing N N 145 
HEC NA  C1A  sing Y N 146 
HEC NA  C4A  sing Y N 147 
HEC C1A C2A  sing Y N 148 
HEC C2A C3A  doub Y N 149 
HEC C2A CAA  sing N N 150 
HEC C3A C4A  sing Y N 151 
HEC C3A CMA  sing N N 152 
HEC CMA HMA1 sing N N 153 
HEC CMA HMA2 sing N N 154 
HEC CMA HMA3 sing N N 155 
HEC CAA CBA  sing N N 156 
HEC CAA HAA1 sing N N 157 
HEC CAA HAA2 sing N N 158 
HEC CBA CGA  sing N N 159 
HEC CBA HBA1 sing N N 160 
HEC CBA HBA2 sing N N 161 
HEC CGA O1A  doub N N 162 
HEC CGA O2A  sing N N 163 
HEC O2A H2A  sing N N 164 
HEC NB  C1B  sing Y N 165 
HEC NB  C4B  sing Y N 166 
HEC C1B C2B  doub Y N 167 
HEC C2B C3B  sing Y N 168 
HEC C2B CMB  sing N N 169 
HEC C3B C4B  sing Y N 170 
HEC C3B CAB  doub N E 171 
HEC CMB HMB1 sing N N 172 
HEC CMB HMB2 sing N N 173 
HEC CMB HMB3 sing N N 174 
HEC CAB CBB  sing N N 175 
HEC CAB HAB  sing N N 176 
HEC CBB HBB1 sing N N 177 
HEC CBB HBB2 sing N N 178 
HEC CBB HBB3 sing N N 179 
HEC NC  C1C  sing Y N 180 
HEC NC  C4C  sing Y N 181 
HEC C1C C2C  doub Y N 182 
HEC C2C C3C  sing Y N 183 
HEC C2C CMC  sing N N 184 
HEC C3C C4C  sing Y N 185 
HEC C3C CAC  doub N E 186 
HEC CMC HMC1 sing N N 187 
HEC CMC HMC2 sing N N 188 
HEC CMC HMC3 sing N N 189 
HEC CAC CBC  sing N N 190 
HEC CAC HAC  sing N N 191 
HEC CBC HBC1 sing N N 192 
HEC CBC HBC2 sing N N 193 
HEC CBC HBC3 sing N N 194 
HEC ND  C1D  sing Y N 195 
HEC ND  C4D  sing Y N 196 
HEC C1D C2D  doub Y N 197 
HEC C2D C3D  sing Y N 198 
HEC C2D CMD  sing N N 199 
HEC C3D C4D  doub Y N 200 
HEC C3D CAD  sing N N 201 
HEC CMD HMD1 sing N N 202 
HEC CMD HMD2 sing N N 203 
HEC CMD HMD3 sing N N 204 
HEC CAD CBD  sing N N 205 
HEC CAD HAD1 sing N N 206 
HEC CAD HAD2 sing N N 207 
HEC CBD CGD  sing N N 208 
HEC CBD HBD1 sing N N 209 
HEC CBD HBD2 sing N N 210 
HEC CGD O1D  doub N N 211 
HEC CGD O2D  sing N N 212 
HEC O2D H2D  sing N N 213 
HIS N   CA   sing N N 214 
HIS N   H    sing N N 215 
HIS N   H2   sing N N 216 
HIS CA  C    sing N N 217 
HIS CA  CB   sing N N 218 
HIS CA  HA   sing N N 219 
HIS C   O    doub N N 220 
HIS C   OXT  sing N N 221 
HIS CB  CG   sing N N 222 
HIS CB  HB2  sing N N 223 
HIS CB  HB3  sing N N 224 
HIS CG  ND1  sing Y N 225 
HIS CG  CD2  doub Y N 226 
HIS ND1 CE1  doub Y N 227 
HIS ND1 HD1  sing N N 228 
HIS CD2 NE2  sing Y N 229 
HIS CD2 HD2  sing N N 230 
HIS CE1 NE2  sing Y N 231 
HIS CE1 HE1  sing N N 232 
HIS NE2 HE2  sing N N 233 
HIS OXT HXT  sing N N 234 
HOH O   H1   sing N N 235 
HOH O   H2   sing N N 236 
ILE N   CA   sing N N 237 
ILE N   H    sing N N 238 
ILE N   H2   sing N N 239 
ILE CA  C    sing N N 240 
ILE CA  CB   sing N N 241 
ILE CA  HA   sing N N 242 
ILE C   O    doub N N 243 
ILE C   OXT  sing N N 244 
ILE CB  CG1  sing N N 245 
ILE CB  CG2  sing N N 246 
ILE CB  HB   sing N N 247 
ILE CG1 CD1  sing N N 248 
ILE CG1 HG12 sing N N 249 
ILE CG1 HG13 sing N N 250 
ILE CG2 HG21 sing N N 251 
ILE CG2 HG22 sing N N 252 
ILE CG2 HG23 sing N N 253 
ILE CD1 HD11 sing N N 254 
ILE CD1 HD12 sing N N 255 
ILE CD1 HD13 sing N N 256 
ILE OXT HXT  sing N N 257 
LEU N   CA   sing N N 258 
LEU N   H    sing N N 259 
LEU N   H2   sing N N 260 
LEU CA  C    sing N N 261 
LEU CA  CB   sing N N 262 
LEU CA  HA   sing N N 263 
LEU C   O    doub N N 264 
LEU C   OXT  sing N N 265 
LEU CB  CG   sing N N 266 
LEU CB  HB2  sing N N 267 
LEU CB  HB3  sing N N 268 
LEU CG  CD1  sing N N 269 
LEU CG  CD2  sing N N 270 
LEU CG  HG   sing N N 271 
LEU CD1 HD11 sing N N 272 
LEU CD1 HD12 sing N N 273 
LEU CD1 HD13 sing N N 274 
LEU CD2 HD21 sing N N 275 
LEU CD2 HD22 sing N N 276 
LEU CD2 HD23 sing N N 277 
LEU OXT HXT  sing N N 278 
LYS N   CA   sing N N 279 
LYS N   H    sing N N 280 
LYS N   H2   sing N N 281 
LYS CA  C    sing N N 282 
LYS CA  CB   sing N N 283 
LYS CA  HA   sing N N 284 
LYS C   O    doub N N 285 
LYS C   OXT  sing N N 286 
LYS CB  CG   sing N N 287 
LYS CB  HB2  sing N N 288 
LYS CB  HB3  sing N N 289 
LYS CG  CD   sing N N 290 
LYS CG  HG2  sing N N 291 
LYS CG  HG3  sing N N 292 
LYS CD  CE   sing N N 293 
LYS CD  HD2  sing N N 294 
LYS CD  HD3  sing N N 295 
LYS CE  NZ   sing N N 296 
LYS CE  HE2  sing N N 297 
LYS CE  HE3  sing N N 298 
LYS NZ  HZ1  sing N N 299 
LYS NZ  HZ2  sing N N 300 
LYS NZ  HZ3  sing N N 301 
LYS OXT HXT  sing N N 302 
MET N   CA   sing N N 303 
MET N   H    sing N N 304 
MET N   H2   sing N N 305 
MET CA  C    sing N N 306 
MET CA  CB   sing N N 307 
MET CA  HA   sing N N 308 
MET C   O    doub N N 309 
MET C   OXT  sing N N 310 
MET CB  CG   sing N N 311 
MET CB  HB2  sing N N 312 
MET CB  HB3  sing N N 313 
MET CG  SD   sing N N 314 
MET CG  HG2  sing N N 315 
MET CG  HG3  sing N N 316 
MET SD  CE   sing N N 317 
MET CE  HE1  sing N N 318 
MET CE  HE2  sing N N 319 
MET CE  HE3  sing N N 320 
MET OXT HXT  sing N N 321 
PCA N   CA   sing N N 322 
PCA N   CD   sing N N 323 
PCA N   H    sing N N 324 
PCA CA  CB   sing N N 325 
PCA CA  C    sing N N 326 
PCA CA  HA   sing N N 327 
PCA CB  CG   sing N N 328 
PCA CB  HB2  sing N N 329 
PCA CB  HB3  sing N N 330 
PCA CG  CD   sing N N 331 
PCA CG  HG2  sing N N 332 
PCA CG  HG3  sing N N 333 
PCA CD  OE   doub N N 334 
PCA C   O    doub N N 335 
PCA C   OXT  sing N N 336 
PCA OXT HXT  sing N N 337 
PHE N   CA   sing N N 338 
PHE N   H    sing N N 339 
PHE N   H2   sing N N 340 
PHE CA  C    sing N N 341 
PHE CA  CB   sing N N 342 
PHE CA  HA   sing N N 343 
PHE C   O    doub N N 344 
PHE C   OXT  sing N N 345 
PHE CB  CG   sing N N 346 
PHE CB  HB2  sing N N 347 
PHE CB  HB3  sing N N 348 
PHE CG  CD1  doub Y N 349 
PHE CG  CD2  sing Y N 350 
PHE CD1 CE1  sing Y N 351 
PHE CD1 HD1  sing N N 352 
PHE CD2 CE2  doub Y N 353 
PHE CD2 HD2  sing N N 354 
PHE CE1 CZ   doub Y N 355 
PHE CE1 HE1  sing N N 356 
PHE CE2 CZ   sing Y N 357 
PHE CE2 HE2  sing N N 358 
PHE CZ  HZ   sing N N 359 
PHE OXT HXT  sing N N 360 
PRO N   CA   sing N N 361 
PRO N   CD   sing N N 362 
PRO N   H    sing N N 363 
PRO CA  C    sing N N 364 
PRO CA  CB   sing N N 365 
PRO CA  HA   sing N N 366 
PRO C   O    doub N N 367 
PRO C   OXT  sing N N 368 
PRO CB  CG   sing N N 369 
PRO CB  HB2  sing N N 370 
PRO CB  HB3  sing N N 371 
PRO CG  CD   sing N N 372 
PRO CG  HG2  sing N N 373 
PRO CG  HG3  sing N N 374 
PRO CD  HD2  sing N N 375 
PRO CD  HD3  sing N N 376 
PRO OXT HXT  sing N N 377 
SER N   CA   sing N N 378 
SER N   H    sing N N 379 
SER N   H2   sing N N 380 
SER CA  C    sing N N 381 
SER CA  CB   sing N N 382 
SER CA  HA   sing N N 383 
SER C   O    doub N N 384 
SER C   OXT  sing N N 385 
SER CB  OG   sing N N 386 
SER CB  HB2  sing N N 387 
SER CB  HB3  sing N N 388 
SER OG  HG   sing N N 389 
SER OXT HXT  sing N N 390 
THR N   CA   sing N N 391 
THR N   H    sing N N 392 
THR N   H2   sing N N 393 
THR CA  C    sing N N 394 
THR CA  CB   sing N N 395 
THR CA  HA   sing N N 396 
THR C   O    doub N N 397 
THR C   OXT  sing N N 398 
THR CB  OG1  sing N N 399 
THR CB  CG2  sing N N 400 
THR CB  HB   sing N N 401 
THR OG1 HG1  sing N N 402 
THR CG2 HG21 sing N N 403 
THR CG2 HG22 sing N N 404 
THR CG2 HG23 sing N N 405 
THR OXT HXT  sing N N 406 
TRP N   CA   sing N N 407 
TRP N   H    sing N N 408 
TRP N   H2   sing N N 409 
TRP CA  C    sing N N 410 
TRP CA  CB   sing N N 411 
TRP CA  HA   sing N N 412 
TRP C   O    doub N N 413 
TRP C   OXT  sing N N 414 
TRP CB  CG   sing N N 415 
TRP CB  HB2  sing N N 416 
TRP CB  HB3  sing N N 417 
TRP CG  CD1  doub Y N 418 
TRP CG  CD2  sing Y N 419 
TRP CD1 NE1  sing Y N 420 
TRP CD1 HD1  sing N N 421 
TRP CD2 CE2  doub Y N 422 
TRP CD2 CE3  sing Y N 423 
TRP NE1 CE2  sing Y N 424 
TRP NE1 HE1  sing N N 425 
TRP CE2 CZ2  sing Y N 426 
TRP CE3 CZ3  doub Y N 427 
TRP CE3 HE3  sing N N 428 
TRP CZ2 CH2  doub Y N 429 
TRP CZ2 HZ2  sing N N 430 
TRP CZ3 CH2  sing Y N 431 
TRP CZ3 HZ3  sing N N 432 
TRP CH2 HH2  sing N N 433 
TRP OXT HXT  sing N N 434 
TYR N   CA   sing N N 435 
TYR N   H    sing N N 436 
TYR N   H2   sing N N 437 
TYR CA  C    sing N N 438 
TYR CA  CB   sing N N 439 
TYR CA  HA   sing N N 440 
TYR C   O    doub N N 441 
TYR C   OXT  sing N N 442 
TYR CB  CG   sing N N 443 
TYR CB  HB2  sing N N 444 
TYR CB  HB3  sing N N 445 
TYR CG  CD1  doub Y N 446 
TYR CG  CD2  sing Y N 447 
TYR CD1 CE1  sing Y N 448 
TYR CD1 HD1  sing N N 449 
TYR CD2 CE2  doub Y N 450 
TYR CD2 HD2  sing N N 451 
TYR CE1 CZ   doub Y N 452 
TYR CE1 HE1  sing N N 453 
TYR CE2 CZ   sing Y N 454 
TYR CE2 HE2  sing N N 455 
TYR CZ  OH   sing N N 456 
TYR OH  HH   sing N N 457 
TYR OXT HXT  sing N N 458 
VAL N   CA   sing N N 459 
VAL N   H    sing N N 460 
VAL N   H2   sing N N 461 
VAL CA  C    sing N N 462 
VAL CA  CB   sing N N 463 
VAL CA  HA   sing N N 464 
VAL C   O    doub N N 465 
VAL C   OXT  sing N N 466 
VAL CB  CG1  sing N N 467 
VAL CB  CG2  sing N N 468 
VAL CB  HB   sing N N 469 
VAL CG1 HG11 sing N N 470 
VAL CG1 HG12 sing N N 471 
VAL CG1 HG13 sing N N 472 
VAL CG2 HG21 sing N N 473 
VAL CG2 HG22 sing N N 474 
VAL CG2 HG23 sing N N 475 
VAL OXT HXT  sing N N 476 
# 
_pdbx_initial_refinement_model.id               1 
_pdbx_initial_refinement_model.entity_id_list   ? 
_pdbx_initial_refinement_model.type             'experimental model' 
_pdbx_initial_refinement_model.source_name      PDB 
_pdbx_initial_refinement_model.accession_code   1CGO 
_pdbx_initial_refinement_model.details          'PDB ENTRY 1CGO' 
# 
_atom_sites.entry_id                    1E86 
_atom_sites.fract_transf_matrix[1][1]   0.00752324 
_atom_sites.fract_transf_matrix[1][2]   -0.01984406 
_atom_sites.fract_transf_matrix[1][3]   0.00361101 
_atom_sites.fract_transf_matrix[2][1]   0.00207316 
_atom_sites.fract_transf_matrix[2][2]   -0.01386380 
_atom_sites.fract_transf_matrix[2][3]   -0.01633734 
_atom_sites.fract_transf_matrix[3][1]   0.00515425 
_atom_sites.fract_transf_matrix[3][2]   0.00179579 
_atom_sites.fract_transf_matrix[3][3]   -0.00086984 
_atom_sites.fract_transf_vector[1]      0.470823 
_atom_sites.fract_transf_vector[2]      0.567428 
_atom_sites.fract_transf_vector[3]      0.222807 
# 
loop_
_atom_type.symbol 
C  
FE 
N  
O  
S  
# 
loop_
_atom_site.group_PDB 
_atom_site.id 
_atom_site.type_symbol 
_atom_site.label_atom_id 
_atom_site.label_alt_id 
_atom_site.label_comp_id 
_atom_site.label_asym_id 
_atom_site.label_entity_id 
_atom_site.label_seq_id 
_atom_site.pdbx_PDB_ins_code 
_atom_site.Cartn_x 
_atom_site.Cartn_y 
_atom_site.Cartn_z 
_atom_site.occupancy 
_atom_site.B_iso_or_equiv 
_atom_site.pdbx_formal_charge 
_atom_site.auth_seq_id 
_atom_site.auth_comp_id 
_atom_site.auth_asym_id 
_atom_site.auth_atom_id 
_atom_site.pdbx_PDB_model_num 
HETATM 1    N  N   . PCA A 1 1   ? -13.702 8.299   -12.885 1.00 14.45 ? 1    PCA A N   1 
HETATM 2    C  CA  . PCA A 1 1   ? -12.877 9.032   -13.821 1.00 15.06 ? 1    PCA A CA  1 
HETATM 3    C  CB  . PCA A 1 1   ? -11.691 9.397   -12.846 1.00 17.58 ? 1    PCA A CB  1 
HETATM 4    C  CG  . PCA A 1 1   ? -11.662 8.327   -11.748 1.00 17.56 ? 1    PCA A CG  1 
HETATM 5    C  CD  . PCA A 1 1   ? -13.133 7.892   -11.748 1.00 17.67 ? 1    PCA A CD  1 
HETATM 6    O  OE  . PCA A 1 1   ? -13.551 7.060   -10.958 1.00 18.46 ? 1    PCA A OE  1 
HETATM 7    C  C   . PCA A 1 1   ? -12.299 8.109   -14.897 1.00 18.95 ? 1    PCA A C   1 
HETATM 8    O  O   . PCA A 1 1   ? -11.431 8.551   -15.635 1.00 22.00 ? 1    PCA A O   1 
ATOM   9    N  N   . PHE A 1 2   ? -12.872 6.906   -15.120 1.00 12.86 ? 2    PHE A N   1 
ATOM   10   C  CA  . PHE A 1 2   ? -12.275 5.967   -16.062 1.00 15.28 ? 2    PHE A CA  1 
ATOM   11   C  C   . PHE A 1 2   ? -13.245 5.738   -17.239 1.00 20.01 ? 2    PHE A C   1 
ATOM   12   O  O   . PHE A 1 2   ? -14.393 5.384   -16.961 1.00 17.67 ? 2    PHE A O   1 
ATOM   13   C  CB  . PHE A 1 2   ? -11.939 4.661   -15.325 1.00 19.51 ? 2    PHE A CB  1 
ATOM   14   C  CG  . PHE A 1 2   ? -10.986 4.948   -14.166 1.00 19.91 ? 2    PHE A CG  1 
ATOM   15   C  CD1 . PHE A 1 2   ? -9.763  5.614   -14.426 1.00 15.70 ? 2    PHE A CD1 1 
ATOM   16   C  CD2 . PHE A 1 2   ? -11.337 4.580   -12.890 1.00 18.65 ? 2    PHE A CD2 1 
ATOM   17   C  CE1 . PHE A 1 2   ? -8.920  5.859   -13.353 1.00 15.45 ? 2    PHE A CE1 1 
ATOM   18   C  CE2 . PHE A 1 2   ? -10.476 4.840   -11.831 1.00 17.23 ? 2    PHE A CE2 1 
ATOM   19   C  CZ  . PHE A 1 2   ? -9.270  5.469   -12.050 1.00 11.69 ? 2    PHE A CZ  1 
ATOM   20   N  N   . ALA A 1 3   ? -12.792 6.035   -18.441 1.00 18.38 ? 3    ALA A N   1 
ATOM   21   C  CA  . ALA A 1 3   ? -13.697 5.835   -19.599 1.00 21.19 ? 3    ALA A CA  1 
ATOM   22   C  C   . ALA A 1 3   ? -14.031 4.360   -19.787 1.00 26.03 ? 3    ALA A C   1 
ATOM   23   O  O   . ALA A 1 3   ? -15.173 4.049   -20.127 1.00 24.72 ? 3    ALA A O   1 
ATOM   24   C  CB  . ALA A 1 3   ? -13.127 6.419   -20.872 1.00 26.00 ? 3    ALA A CB  1 
ATOM   25   N  N   . LYS A 1 4   ? -13.069 3.460   -19.669 1.00 19.78 ? 4    LYS A N   1 
ATOM   26   C  CA  . LYS A 1 4   ? -13.293 2.028   -19.862 1.00 22.44 ? 4    LYS A CA  1 
ATOM   27   C  C   . LYS A 1 4   ? -12.727 1.274   -18.662 1.00 20.55 ? 4    LYS A C   1 
ATOM   28   O  O   . LYS A 1 4   ? -11.848 1.774   -17.958 1.00 18.92 ? 4    LYS A O   1 
ATOM   29   C  CB  . LYS A 1 4   ? -12.554 1.537   -21.097 1.00 30.38 ? 4    LYS A CB  1 
ATOM   30   C  CG  . LYS A 1 4   ? -13.214 1.636   -22.465 1.00 44.13 ? 4    LYS A CG  1 
ATOM   31   N  N   . PRO A 1 5   ? -13.154 0.050   -18.364 1.00 24.02 ? 5    PRO A N   1 
ATOM   32   C  CA  . PRO A 1 5   ? -12.532 -0.842  -17.417 1.00 24.12 ? 5    PRO A CA  1 
ATOM   33   C  C   . PRO A 1 5   ? -11.017 -0.894  -17.541 1.00 26.38 ? 5    PRO A C   1 
ATOM   34   O  O   . PRO A 1 5   ? -10.278 -0.803  -16.525 1.00 20.68 ? 5    PRO A O   1 
ATOM   35   C  CB  . PRO A 1 5   ? -13.139 -2.210  -17.707 1.00 22.03 ? 5    PRO A CB  1 
ATOM   36   C  CG  . PRO A 1 5   ? -14.238 -2.012  -18.670 1.00 24.46 ? 5    PRO A CG  1 
ATOM   37   C  CD  . PRO A 1 5   ? -14.117 -0.653  -19.286 1.00 25.42 ? 5    PRO A CD  1 
ATOM   38   N  N   . GLU A 1 6   ? -10.431 -0.922  -18.724 1.00 19.19 ? 6    GLU A N   1 
ATOM   39   C  CA  . GLU A 1 6   ? -8.992  -0.946  -18.873 1.00 23.38 ? 6    GLU A CA  1 
ATOM   40   C  C   . GLU A 1 6   ? -8.333  0.286   -18.243 1.00 22.56 ? 6    GLU A C   1 
ATOM   41   O  O   . GLU A 1 6   ? -7.143  0.175   -17.932 1.00 17.85 ? 6    GLU A O   1 
ATOM   42   C  CB  . GLU A 1 6   ? -8.626  -0.951  -20.385 1.00 24.78 ? 6    GLU A CB  1 
ATOM   43   C  CG  . GLU A 1 6   ? -8.972  -2.299  -21.017 1.00 32.79 ? 6    GLU A CG  1 
ATOM   44   C  CD  . GLU A 1 6   ? -10.388 -2.523  -21.494 1.00 33.06 ? 6    GLU A CD  1 
ATOM   45   O  OE1 . GLU A 1 6   ? -11.346 -1.765  -21.164 1.00 19.49 ? 6    GLU A OE1 1 
ATOM   46   O  OE2 . GLU A 1 6   ? -10.557 -3.537  -22.267 1.00 25.64 ? 6    GLU A OE2 1 
ATOM   47   N  N   . ASP A 1 7   ? -8.971  1.451   -18.378 1.00 20.60 ? 7    ASP A N   1 
ATOM   48   C  CA  . ASP A 1 7   ? -8.381  2.658   -17.782 1.00 20.92 ? 7    ASP A CA  1 
ATOM   49   C  C   . ASP A 1 7   ? -8.310  2.541   -16.267 1.00 18.92 ? 7    ASP A C   1 
ATOM   50   O  O   . ASP A 1 7   ? -7.386  3.059   -15.625 1.00 18.72 ? 7    ASP A O   1 
ATOM   51   C  CB  . ASP A 1 7   ? -9.196  3.921   -18.121 1.00 21.39 ? 7    ASP A CB  1 
ATOM   52   C  CG  . ASP A 1 7   ? -9.359  4.130   -19.611 1.00 27.41 ? 7    ASP A CG  1 
ATOM   53   O  OD1 . ASP A 1 7   ? -8.302  4.177   -20.221 1.00 21.27 ? 7    ASP A OD1 1 
ATOM   54   O  OD2 . ASP A 1 7   ? -10.485 4.221   -20.178 1.00 22.72 ? 7    ASP A OD2 1 
ATOM   55   N  N   . ALA A 1 8   ? -9.274  1.883   -15.606 1.00 18.23 ? 8    ALA A N   1 
ATOM   56   C  CA  . ALA A 1 8   ? -9.181  1.752   -14.150 1.00 15.19 ? 8    ALA A CA  1 
ATOM   57   C  C   . ALA A 1 8   ? -8.064  0.794   -13.802 1.00 16.51 ? 8    ALA A C   1 
ATOM   58   O  O   . ALA A 1 8   ? -7.349  0.901   -12.820 1.00 16.46 ? 8    ALA A O   1 
ATOM   59   C  CB  . ALA A 1 8   ? -10.500 1.236   -13.572 1.00 16.46 ? 8    ALA A CB  1 
ATOM   60   N  N   . VAL A 1 9   ? -7.948  -0.304  -14.604 1.00 17.96 ? 9    VAL A N   1 
ATOM   61   C  CA  . VAL A 1 9   ? -6.902  -1.305  -14.387 1.00 16.47 ? 9    VAL A CA  1 
ATOM   62   C  C   . VAL A 1 9   ? -5.522  -0.621  -14.504 1.00 17.95 ? 9    VAL A C   1 
ATOM   63   O  O   . VAL A 1 9   ? -4.661  -0.912  -13.689 1.00 16.90 ? 9    VAL A O   1 
ATOM   64   C  CB  . VAL A 1 9   ? -6.995  -2.460  -15.414 1.00 15.77 ? 9    VAL A CB  1 
ATOM   65   C  CG1 . VAL A 1 9   ? -5.763  -3.355  -15.355 1.00 16.98 ? 9    VAL A CG1 1 
ATOM   66   C  CG2 . VAL A 1 9   ? -8.234  -3.323  -15.089 1.00 16.78 ? 9    VAL A CG2 1 
ATOM   67   N  N   . LYS A 1 10  ? -5.380  0.129   -15.592 1.00 16.48 ? 10   LYS A N   1 
ATOM   68   C  CA  . LYS A 1 10  ? -4.086  0.798   -15.830 1.00 18.49 ? 10   LYS A CA  1 
ATOM   69   C  C   . LYS A 1 10  ? -3.795  1.787   -14.700 1.00 19.83 ? 10   LYS A C   1 
ATOM   70   O  O   . LYS A 1 10  ? -2.663  1.792   -14.225 1.00 14.70 ? 10   LYS A O   1 
ATOM   71   C  CB  . LYS A 1 10  ? -4.143  1.677   -17.073 1.00 22.88 ? 10   LYS A CB  1 
ATOM   72   C  CG  . LYS A 1 10  ? -2.788  2.185   -17.512 1.00 31.52 ? 10   LYS A CG  1 
ATOM   73   C  CD  . LYS A 1 10  ? -2.819  3.125   -18.711 1.00 40.86 ? 10   LYS A CD  1 
ATOM   74   N  N   . TYR A 1 11  ? -4.790  2.573   -14.309 1.00 14.09 ? 11   TYR A N   1 
ATOM   75   C  CA  . TYR A 1 11  ? -4.569  3.427   -13.112 1.00 18.70 ? 11   TYR A CA  1 
ATOM   76   C  C   . TYR A 1 11  ? -4.147  2.654   -11.878 1.00 15.85 ? 11   TYR A C   1 
ATOM   77   O  O   . TYR A 1 11  ? -3.183  3.027   -11.166 1.00 13.72 ? 11   TYR A O   1 
ATOM   78   C  CB  . TYR A 1 11  ? -5.882  4.230   -12.845 1.00 12.15 ? 11   TYR A CB  1 
ATOM   79   C  CG  . TYR A 1 11  ? -5.770  5.117   -11.618 1.00 15.35 ? 11   TYR A CG  1 
ATOM   80   C  CD1 . TYR A 1 11  ? -5.934  4.597   -10.345 1.00 13.79 ? 11   TYR A CD1 1 
ATOM   81   C  CD2 . TYR A 1 11  ? -5.557  6.497   -11.740 1.00 16.25 ? 11   TYR A CD2 1 
ATOM   82   C  CE1 . TYR A 1 11  ? -5.852  5.419   -9.220  1.00 16.48 ? 11   TYR A CE1 1 
ATOM   83   C  CE2 . TYR A 1 11  ? -5.507  7.322   -10.637 1.00 12.78 ? 11   TYR A CE2 1 
ATOM   84   C  CZ  . TYR A 1 11  ? -5.651  6.766   -9.381  1.00 14.04 ? 11   TYR A CZ  1 
ATOM   85   O  OH  . TYR A 1 11  ? -5.555  7.568   -8.238  1.00 13.91 ? 11   TYR A OH  1 
ATOM   86   N  N   . ARG A 1 12  ? -4.847  1.582   -11.487 1.00 15.86 ? 12   ARG A N   1 
ATOM   87   C  CA  . ARG A 1 12  ? -4.503  0.904   -10.243 1.00 14.16 ? 12   ARG A CA  1 
ATOM   88   C  C   . ARG A 1 12  ? -3.175  0.195   -10.327 1.00 17.25 ? 12   ARG A C   1 
ATOM   89   O  O   . ARG A 1 12  ? -2.472  0.251   -9.298  1.00 16.97 ? 12   ARG A O   1 
ATOM   90   C  CB  . ARG A 1 12  ? -5.651  0.019   -9.662  1.00 15.05 ? 12   ARG A CB  1 
ATOM   91   C  CG  . ARG A 1 12  ? -5.871  -1.234  -10.515 1.00 20.98 ? 12   ARG A CG  1 
ATOM   92   C  CD  . ARG A 1 12  ? -7.235  -1.831  -10.250 1.00 19.08 ? 12   ARG A CD  1 
ATOM   93   N  NE  . ARG A 1 12  ? -7.457  -3.142  -10.863 1.00 16.57 ? 12   ARG A NE  1 
ATOM   94   C  CZ  . ARG A 1 12  ? -8.633  -3.541  -11.341 1.00 19.18 ? 12   ARG A CZ  1 
ATOM   95   N  NH1 . ARG A 1 12  ? -9.693  -2.751  -11.346 1.00 18.66 ? 12   ARG A NH1 1 
ATOM   96   N  NH2 . ARG A 1 12  ? -8.719  -4.770  -11.827 1.00 21.84 ? 12   ARG A NH2 1 
ATOM   97   N  N   . GLN A 1 13  ? -2.742  -0.337  -11.463 1.00 13.27 ? 13   GLN A N   1 
ATOM   98   C  CA  . GLN A 1 13  ? -1.416  -0.960  -11.524 1.00 18.56 ? 13   GLN A CA  1 
ATOM   99   C  C   . GLN A 1 13  ? -0.299  0.078   -11.459 1.00 18.83 ? 13   GLN A C   1 
ATOM   100  O  O   . GLN A 1 13  ? 0.783   -0.126  -10.916 1.00 21.70 ? 13   GLN A O   1 
ATOM   101  C  CB  . GLN A 1 13  ? -1.359  -1.753  -12.871 1.00 22.15 ? 13   GLN A CB  1 
ATOM   102  C  CG  . GLN A 1 13  ? -2.325  -3.000  -12.701 1.00 15.58 ? 13   GLN A CG  1 
ATOM   103  C  CD  . GLN A 1 13  ? -2.293  -3.820  -13.977 1.00 22.08 ? 13   GLN A CD  1 
ATOM   104  O  OE1 . GLN A 1 13  ? -1.907  -3.288  -15.011 1.00 22.20 ? 13   GLN A OE1 1 
ATOM   105  N  NE2 . GLN A 1 13  ? -2.706  -5.077  -13.933 1.00 18.72 ? 13   GLN A NE2 1 
ATOM   106  N  N   . SER A 1 14  ? -0.580  1.256   -11.974 1.00 16.84 ? 14   SER A N   1 
ATOM   107  C  CA  . SER A 1 14  ? 0.237   2.458   -11.891 1.00 16.82 ? 14   SER A CA  1 
ATOM   108  C  C   . SER A 1 14  ? 0.400   2.865   -10.460 1.00 18.17 ? 14   SER A C   1 
ATOM   109  O  O   . SER A 1 14  ? 1.473   3.197   -9.944  1.00 16.24 ? 14   SER A O   1 
ATOM   110  C  CB  . SER A 1 14  ? -0.405  3.547   -12.748 1.00 22.31 ? 14   SER A CB  1 
ATOM   111  O  OG  . SER A 1 14  ? 0.060   3.589   -14.071 1.00 20.85 ? 14   SER A OG  1 
ATOM   112  N  N   . ALA A 1 15  ? -0.728  3.079   -9.755  1.00 18.96 ? 15   ALA A N   1 
ATOM   113  C  CA  . ALA A 1 15  ? -0.680  3.475   -8.339  1.00 16.91 ? 15   ALA A CA  1 
ATOM   114  C  C   . ALA A 1 15  ? 0.044   2.459   -7.509  1.00 16.29 ? 15   ALA A C   1 
ATOM   115  O  O   . ALA A 1 15  ? 0.862   2.853   -6.663  1.00 17.59 ? 15   ALA A O   1 
ATOM   116  C  CB  . ALA A 1 15  ? -2.104  3.576   -7.724  1.00 21.05 ? 15   ALA A CB  1 
ATOM   117  N  N   . LEU A 1 16  ? -0.174  1.151   -7.685  1.00 15.56 ? 16   LEU A N   1 
ATOM   118  C  CA  . LEU A 1 16  ? 0.542   0.136   -6.942  1.00 16.51 ? 16   LEU A CA  1 
ATOM   119  C  C   . LEU A 1 16  ? 2.013   0.113   -7.368  1.00 15.79 ? 16   LEU A C   1 
ATOM   120  O  O   . LEU A 1 16  ? 2.820   -0.082  -6.443  1.00 18.95 ? 16   LEU A O   1 
ATOM   121  C  CB  . LEU A 1 16  ? -0.115  -1.239  -7.059  1.00 18.42 ? 16   LEU A CB  1 
ATOM   122  C  CG  . LEU A 1 16  ? -0.134  -1.847  -8.450  1.00 31.57 ? 16   LEU A CG  1 
ATOM   123  C  CD1 . LEU A 1 16  ? 1.275   -2.289  -8.779  1.00 39.01 ? 16   LEU A CD1 1 
ATOM   124  C  CD2 . LEU A 1 16  ? -1.208  -2.916  -8.611  1.00 34.20 ? 16   LEU A CD2 1 
ATOM   125  N  N   . THR A 1 17  ? 2.380   0.366   -8.627  1.00 16.44 ? 17   THR A N   1 
ATOM   126  C  CA  . THR A 1 17  ? 3.816   0.474   -8.885  1.00 15.09 ? 17   THR A CA  1 
ATOM   127  C  C   . THR A 1 17  ? 4.442   1.518   -7.967  1.00 17.47 ? 17   THR A C   1 
ATOM   128  O  O   . THR A 1 17  ? 5.555   1.307   -7.392  1.00 22.30 ? 17   THR A O   1 
ATOM   129  C  CB  . THR A 1 17  ? 4.027   0.733   -10.389 1.00 17.50 ? 17   THR A CB  1 
ATOM   130  O  OG1 . THR A 1 17  ? 3.513   -0.438  -11.019 1.00 19.12 ? 17   THR A OG1 1 
ATOM   131  C  CG2 . THR A 1 17  ? 5.520   0.877   -10.621 1.00 19.57 ? 17   THR A CG2 1 
ATOM   132  N  N   . LEU A 1 18  ? 3.899   2.722   -7.900  1.00 17.00 ? 18   LEU A N   1 
ATOM   133  C  CA  . LEU A 1 18  ? 4.416   3.814   -7.115  1.00 17.54 ? 18   LEU A CA  1 
ATOM   134  C  C   . LEU A 1 18  ? 4.449   3.483   -5.633  1.00 16.86 ? 18   LEU A C   1 
ATOM   135  O  O   . LEU A 1 18  ? 5.436   3.678   -4.897  1.00 16.26 ? 18   LEU A O   1 
ATOM   136  C  CB  . LEU A 1 18  ? 3.673   5.119   -7.314  1.00 16.63 ? 18   LEU A CB  1 
ATOM   137  C  CG  . LEU A 1 18  ? 3.661   5.745   -8.712  1.00 34.98 ? 18   LEU A CG  1 
ATOM   138  C  CD1 . LEU A 1 18  ? 3.172   7.201   -8.671  1.00 34.82 ? 18   LEU A CD1 1 
ATOM   139  C  CD2 . LEU A 1 18  ? 5.038   5.778   -9.348  1.00 23.07 ? 18   LEU A CD2 1 
ATOM   140  N  N   . MET A 1 19  ? 3.354   2.873   -5.159  1.00 18.00 ? 19   MET A N   1 
ATOM   141  C  CA  . MET A 1 19  ? 3.344   2.523   -3.724  1.00 17.79 ? 19   MET A CA  1 
ATOM   142  C  C   . MET A 1 19  ? 4.389   1.499   -3.405  1.00 21.92 ? 19   MET A C   1 
ATOM   143  O  O   . MET A 1 19  ? 4.997   1.577   -2.320  1.00 23.32 ? 19   MET A O   1 
ATOM   144  C  CB  . MET A 1 19  ? 1.920   2.061   -3.448  1.00 15.56 ? 19   MET A CB  1 
ATOM   145  C  CG  . MET A 1 19  ? 1.525   1.553   -2.089  1.00 25.80 ? 19   MET A CG  1 
ATOM   146  S  SD  . MET A 1 19  ? -0.222  1.059   -2.034  1.00 22.76 ? 19   MET A SD  1 
ATOM   147  C  CE  . MET A 1 19  ? -0.078  -0.629  -2.506  1.00 28.99 ? 19   MET A CE  1 
ATOM   148  N  N   . ALA A 1 20  ? 4.551   0.444   -4.206  1.00 19.82 ? 20   ALA A N   1 
ATOM   149  C  CA  . ALA A 1 20  ? 5.583   -0.525  -3.993  1.00 19.09 ? 20   ALA A CA  1 
ATOM   150  C  C   . ALA A 1 20  ? 6.984   0.135   -4.036  1.00 20.88 ? 20   ALA A C   1 
ATOM   151  O  O   . ALA A 1 20  ? 7.830   -0.347  -3.299  1.00 17.80 ? 20   ALA A O   1 
ATOM   152  C  CB  . ALA A 1 20  ? 5.507   -1.635  -5.036  1.00 21.82 ? 20   ALA A CB  1 
ATOM   153  N  N   . SER A 1 21  ? 7.173   1.107   -4.936  1.00 17.43 ? 21   SER A N   1 
ATOM   154  C  CA  . SER A 1 21  ? 8.511   1.731   -4.923  1.00 16.90 ? 21   SER A CA  1 
ATOM   155  C  C   . SER A 1 21  ? 8.747   2.523   -3.643  1.00 17.81 ? 21   SER A C   1 
ATOM   156  O  O   . SER A 1 21  ? 9.836   2.512   -3.038  1.00 14.77 ? 21   SER A O   1 
ATOM   157  C  CB  . SER A 1 21  ? 8.751   2.471   -6.227  1.00 14.66 ? 21   SER A CB  1 
ATOM   158  O  OG  . SER A 1 21  ? 9.899   3.348   -6.144  1.00 16.86 ? 21   SER A OG  1 
ATOM   159  N  N   . HIS A 1 22  ? 7.772   3.308   -3.185  1.00 16.68 ? 22   HIS A N   1 
ATOM   160  C  CA  . HIS A 1 22  ? 7.919   4.188   -2.026  1.00 17.42 ? 22   HIS A CA  1 
ATOM   161  C  C   . HIS A 1 22  ? 7.983   3.373   -0.743  1.00 16.51 ? 22   HIS A C   1 
ATOM   162  O  O   . HIS A 1 22  ? 8.648   3.840   0.215   1.00 16.55 ? 22   HIS A O   1 
ATOM   163  C  CB  . HIS A 1 22  ? 6.883   5.344   -1.997  1.00 16.96 ? 22   HIS A CB  1 
ATOM   164  C  CG  . HIS A 1 22  ? 7.278   6.386   -3.018  1.00 14.80 ? 22   HIS A CG  1 
ATOM   165  N  ND1 . HIS A 1 22  ? 8.160   7.402   -2.687  1.00 14.74 ? 22   HIS A ND1 1 
ATOM   166  C  CD2 . HIS A 1 22  ? 6.937   6.552   -4.313  1.00 16.37 ? 22   HIS A CD2 1 
ATOM   167  C  CE1 . HIS A 1 22  ? 8.325   8.170   -3.759  1.00 19.01 ? 22   HIS A CE1 1 
ATOM   168  N  NE2 . HIS A 1 22  ? 7.600   7.678   -4.766  1.00 15.82 ? 22   HIS A NE2 1 
ATOM   169  N  N   . PHE A 1 23  ? 7.387   2.194   -0.695  1.00 13.08 ? 23   PHE A N   1 
ATOM   170  C  CA  . PHE A 1 23  ? 7.557   1.328   0.464   1.00 14.67 ? 23   PHE A CA  1 
ATOM   171  C  C   . PHE A 1 23  ? 8.880   0.579   0.403   1.00 16.08 ? 23   PHE A C   1 
ATOM   172  O  O   . PHE A 1 23  ? 9.731   0.596   1.276   1.00 16.45 ? 23   PHE A O   1 
ATOM   173  C  CB  . PHE A 1 23  ? 6.391   0.300   0.420   1.00 15.50 ? 23   PHE A CB  1 
ATOM   174  C  CG  . PHE A 1 23  ? 6.474   -0.720  1.498   1.00 15.01 ? 23   PHE A CG  1 
ATOM   175  C  CD1 . PHE A 1 23  ? 6.195   -0.288  2.801   1.00 17.26 ? 23   PHE A CD1 1 
ATOM   176  C  CD2 . PHE A 1 23  ? 6.831   -2.032  1.259   1.00 16.61 ? 23   PHE A CD2 1 
ATOM   177  C  CE1 . PHE A 1 23  ? 6.281   -1.173  3.867   1.00 16.74 ? 23   PHE A CE1 1 
ATOM   178  C  CE2 . PHE A 1 23  ? 6.908   -2.927  2.323   1.00 25.46 ? 23   PHE A CE2 1 
ATOM   179  C  CZ  . PHE A 1 23  ? 6.626   -2.493  3.610   1.00 20.68 ? 23   PHE A CZ  1 
ATOM   180  N  N   . GLY A 1 24  ? 9.130   -0.072  -0.750  1.00 17.57 ? 24   GLY A N   1 
ATOM   181  C  CA  . GLY A 1 24  ? 10.291  -1.011  -0.857  1.00 14.47 ? 24   GLY A CA  1 
ATOM   182  C  C   . GLY A 1 24  ? 11.644  -0.277  -0.834  1.00 16.68 ? 24   GLY A C   1 
ATOM   183  O  O   . GLY A 1 24  ? 12.655  -0.866  -0.378  1.00 15.95 ? 24   GLY A O   1 
ATOM   184  N  N   . ARG A 1 25  ? 11.653  0.994   -1.201  1.00 16.94 ? 25   ARG A N   1 
ATOM   185  C  CA  . ARG A 1 25  ? 12.914  1.761   -1.263  1.00 17.27 ? 25   ARG A CA  1 
ATOM   186  C  C   . ARG A 1 25  ? 13.414  1.996   0.154   1.00 16.26 ? 25   ARG A C   1 
ATOM   187  O  O   . ARG A 1 25  ? 14.585  2.344   0.319   1.00 17.29 ? 25   ARG A O   1 
ATOM   188  C  CB  . ARG A 1 25  ? 12.833  3.114   -1.999  1.00 15.81 ? 25   ARG A CB  1 
ATOM   189  C  CG  . ARG A 1 25  ? 11.900  4.107   -1.275  1.00 17.39 ? 25   ARG A CG  1 
ATOM   190  C  CD  . ARG A 1 25  ? 11.769  5.454   -1.955  1.00 16.91 ? 25   ARG A CD  1 
ATOM   191  N  NE  . ARG A 1 25  ? 11.300  5.286   -3.346  1.00 15.86 ? 25   ARG A NE  1 
ATOM   192  C  CZ  . ARG A 1 25  ? 11.383  6.195   -4.295  1.00 17.72 ? 25   ARG A CZ  1 
ATOM   193  N  NH1 . ARG A 1 25  ? 11.954  7.374   -4.020  1.00 16.29 ? 25   ARG A NH1 1 
ATOM   194  N  NH2 . ARG A 1 25  ? 10.927  5.866   -5.518  1.00 13.33 ? 25   ARG A NH2 1 
ATOM   195  N  N   . MET A 1 26  ? 12.547  1.866   1.163   1.00 15.81 ? 26   MET A N   1 
ATOM   196  C  CA  . MET A 1 26  ? 12.967  1.976   2.542   1.00 15.92 ? 26   MET A CA  1 
ATOM   197  C  C   . MET A 1 26  ? 13.594  0.717   3.129   1.00 17.30 ? 26   MET A C   1 
ATOM   198  O  O   . MET A 1 26  ? 14.127  0.750   4.250   1.00 17.30 ? 26   MET A O   1 
ATOM   199  C  CB  . MET A 1 26  ? 11.716  2.359   3.361   1.00 16.15 ? 26   MET A CB  1 
ATOM   200  C  CG  . MET A 1 26  ? 11.411  3.854   3.150   1.00 14.29 ? 26   MET A CG  1 
ATOM   201  S  SD  . MET A 1 26  ? 10.127  4.526   4.232   1.00 15.10 ? 26   MET A SD  1 
ATOM   202  C  CE  . MET A 1 26  ? 8.702   3.533   3.735   1.00 16.30 ? 26   MET A CE  1 
ATOM   203  N  N   . THR A 1 27  ? 13.472  -0.441  2.442   1.00 14.34 ? 27   THR A N   1 
ATOM   204  C  CA  . THR A 1 27  ? 14.002  -1.696  2.945   1.00 16.87 ? 27   THR A CA  1 
ATOM   205  C  C   . THR A 1 27  ? 15.457  -1.613  3.413   1.00 17.58 ? 27   THR A C   1 
ATOM   206  O  O   . THR A 1 27  ? 15.729  -2.035  4.561   1.00 18.02 ? 27   THR A O   1 
ATOM   207  C  CB  . THR A 1 27  ? 13.851  -2.885  1.970   1.00 20.71 ? 27   THR A CB  1 
ATOM   208  O  OG1 . THR A 1 27  ? 12.468  -3.009  1.666   1.00 18.55 ? 27   THR A OG1 1 
ATOM   209  C  CG2 . THR A 1 27  ? 14.356  -4.189  2.584   1.00 22.65 ? 27   THR A CG2 1 
ATOM   210  N  N   . PRO A 1 28  ? 16.385  -1.084  2.655   1.00 16.49 ? 28   PRO A N   1 
ATOM   211  C  CA  . PRO A 1 28  ? 17.767  -0.966  3.125   1.00 17.08 ? 28   PRO A CA  1 
ATOM   212  C  C   . PRO A 1 28  ? 17.908  -0.140  4.398   1.00 18.12 ? 28   PRO A C   1 
ATOM   213  O  O   . PRO A 1 28  ? 18.823  -0.374  5.220   1.00 18.50 ? 28   PRO A O   1 
ATOM   214  C  CB  . PRO A 1 28  ? 18.535  -0.265  1.975   1.00 17.29 ? 28   PRO A CB  1 
ATOM   215  C  CG  . PRO A 1 28  ? 17.686  -0.552  0.771   1.00 19.90 ? 28   PRO A CG  1 
ATOM   216  C  CD  . PRO A 1 28  ? 16.253  -0.519  1.301   1.00 16.55 ? 28   PRO A CD  1 
ATOM   217  N  N   . VAL A 1 29  ? 17.105  0.880   4.568   1.00 15.36 ? 29   VAL A N   1 
ATOM   218  C  CA  . VAL A 1 29  ? 17.161  1.717   5.782   1.00 16.76 ? 29   VAL A CA  1 
ATOM   219  C  C   . VAL A 1 29  ? 16.631  0.943   6.968   1.00 17.77 ? 29   VAL A C   1 
ATOM   220  O  O   . VAL A 1 29  ? 17.224  0.926   8.062   1.00 16.55 ? 29   VAL A O   1 
ATOM   221  C  CB  . VAL A 1 29  ? 16.369  3.023   5.584   1.00 14.76 ? 29   VAL A CB  1 
ATOM   222  C  CG1 . VAL A 1 29  ? 16.360  3.912   6.834   1.00 14.47 ? 29   VAL A CG1 1 
ATOM   223  C  CG2 . VAL A 1 29  ? 17.017  3.838   4.439   1.00 11.63 ? 29   VAL A CG2 1 
ATOM   224  N  N   . VAL A 1 30  ? 15.510  0.214   6.803   1.00 14.14 ? 30   VAL A N   1 
ATOM   225  C  CA  . VAL A 1 30  ? 14.930  -0.569  7.919   1.00 17.21 ? 30   VAL A CA  1 
ATOM   226  C  C   . VAL A 1 30  ? 15.937  -1.633  8.319   1.00 18.42 ? 30   VAL A C   1 
ATOM   227  O  O   . VAL A 1 30  ? 16.047  -2.035  9.488   1.00 16.72 ? 30   VAL A O   1 
ATOM   228  C  CB  . VAL A 1 30  ? 13.555  -1.174  7.422   1.00 19.22 ? 30   VAL A CB  1 
ATOM   229  C  CG1 . VAL A 1 30  ? 13.200  -2.461  8.076   1.00 26.67 ? 30   VAL A CG1 1 
ATOM   230  C  CG2 . VAL A 1 30  ? 12.494  -0.097  7.650   1.00 20.87 ? 30   VAL A CG2 1 
ATOM   231  N  N   . LYS A 1 31  ? 16.635  -2.167  7.312   1.00 16.56 ? 31   LYS A N   1 
ATOM   232  C  CA  . LYS A 1 31  ? 17.656  -3.190  7.626   1.00 22.29 ? 31   LYS A CA  1 
ATOM   233  C  C   . LYS A 1 31  ? 18.961  -2.662  8.162   1.00 23.11 ? 31   LYS A C   1 
ATOM   234  O  O   . LYS A 1 31  ? 19.749  -3.476  8.632   1.00 20.42 ? 31   LYS A O   1 
ATOM   235  C  CB  . LYS A 1 31  ? 17.898  -3.994  6.327   1.00 21.46 ? 31   LYS A CB  1 
ATOM   236  C  CG  . LYS A 1 31  ? 16.630  -4.923  6.148   1.00 23.39 ? 31   LYS A CG  1 
ATOM   237  C  CD  . LYS A 1 31  ? 16.739  -5.563  4.777   1.00 28.97 ? 31   LYS A CD  1 
ATOM   238  C  CE  . LYS A 1 31  ? 15.857  -6.775  4.536   1.00 35.58 ? 31   LYS A CE  1 
ATOM   239  N  NZ  . LYS A 1 31  ? 16.415  -7.560  3.360   1.00 40.55 ? 31   LYS A NZ  1 
ATOM   240  N  N   . GLY A 1 32  ? 19.281  -1.370  8.043   1.00 16.10 ? 32   GLY A N   1 
ATOM   241  C  CA  . GLY A 1 32  ? 20.543  -0.862  8.620   1.00 17.63 ? 32   GLY A CA  1 
ATOM   242  C  C   . GLY A 1 32  ? 21.626  -0.878  7.539   1.00 19.17 ? 32   GLY A C   1 
ATOM   243  O  O   . GLY A 1 32  ? 22.740  -0.385  7.782   1.00 17.07 ? 32   GLY A O   1 
ATOM   244  N  N   . GLN A 1 33  ? 21.293  -1.309  6.336   1.00 16.26 ? 33   GLN A N   1 
ATOM   245  C  CA  . GLN A 1 33  ? 22.217  -1.329  5.210   1.00 18.98 ? 33   GLN A CA  1 
ATOM   246  C  C   . GLN A 1 33  ? 22.380  0.085   4.637   1.00 17.78 ? 33   GLN A C   1 
ATOM   247  O  O   . GLN A 1 33  ? 23.353  0.299   3.910   1.00 16.60 ? 33   GLN A O   1 
ATOM   248  C  CB  . GLN A 1 33  ? 21.729  -2.360  4.166   1.00 20.84 ? 33   GLN A CB  1 
ATOM   249  C  CG  . GLN A 1 33  ? 21.711  -3.771  4.791   1.00 25.05 ? 33   GLN A CG  1 
ATOM   250  C  CD  . GLN A 1 33  ? 21.009  -4.748  3.871   1.00 41.95 ? 33   GLN A CD  1 
ATOM   251  O  OE1 . GLN A 1 33  ? 20.680  -4.451  2.717   1.00 45.28 ? 33   GLN A OE1 1 
ATOM   252  N  NE2 . GLN A 1 33  ? 20.751  -5.948  4.385   1.00 45.97 ? 33   GLN A NE2 1 
ATOM   253  N  N   . ALA A 1 34  ? 21.387  0.945   4.818   1.00 14.46 ? 34   ALA A N   1 
ATOM   254  C  CA  . ALA A 1 34  ? 21.492  2.320   4.340   1.00 16.30 ? 34   ALA A CA  1 
ATOM   255  C  C   . ALA A 1 34  ? 21.276  3.197   5.555   1.00 15.98 ? 34   ALA A C   1 
ATOM   256  O  O   . ALA A 1 34  ? 20.603  2.785   6.508   1.00 16.84 ? 34   ALA A O   1 
ATOM   257  C  CB  . ALA A 1 34  ? 20.464  2.653   3.277   1.00 21.49 ? 34   ALA A CB  1 
ATOM   258  N  N   . PRO A 1 35  ? 21.776  4.450   5.540   1.00 17.01 ? 35   PRO A N   1 
ATOM   259  C  CA  . PRO A 1 35  ? 21.711  5.299   6.670   1.00 18.28 ? 35   PRO A CA  1 
ATOM   260  C  C   . PRO A 1 35  ? 20.265  5.752   6.962   1.00 17.71 ? 35   PRO A C   1 
ATOM   261  O  O   . PRO A 1 35  ? 19.568  5.938   5.983   1.00 15.41 ? 35   PRO A O   1 
ATOM   262  C  CB  . PRO A 1 35  ? 22.384  6.645   6.291   1.00 22.87 ? 35   PRO A CB  1 
ATOM   263  C  CG  . PRO A 1 35  ? 23.011  6.395   4.960   1.00 20.26 ? 35   PRO A CG  1 
ATOM   264  C  CD  . PRO A 1 35  ? 22.732  4.961   4.527   1.00 17.60 ? 35   PRO A CD  1 
ATOM   265  N  N   . TYR A 1 36  ? 19.936  6.033   8.190   1.00 17.98 ? 36   TYR A N   1 
ATOM   266  C  CA  . TYR A 1 36  ? 18.642  6.524   8.586   1.00 20.49 ? 36   TYR A CA  1 
ATOM   267  C  C   . TYR A 1 36  ? 18.716  8.037   8.827   1.00 21.27 ? 36   TYR A C   1 
ATOM   268  O  O   . TYR A 1 36  ? 19.357  8.603   9.707   1.00 18.78 ? 36   TYR A O   1 
ATOM   269  C  CB  . TYR A 1 36  ? 18.047  5.830   9.814   1.00 17.10 ? 36   TYR A CB  1 
ATOM   270  C  CG  . TYR A 1 36  ? 16.762  6.460   10.339  1.00 16.98 ? 36   TYR A CG  1 
ATOM   271  C  CD1 . TYR A 1 36  ? 15.635  6.642   9.526   1.00 18.32 ? 36   TYR A CD1 1 
ATOM   272  C  CD2 . TYR A 1 36  ? 16.666  6.854   11.648  1.00 17.48 ? 36   TYR A CD2 1 
ATOM   273  C  CE1 . TYR A 1 36  ? 14.459  7.200   10.024  1.00 16.42 ? 36   TYR A CE1 1 
ATOM   274  C  CE2 . TYR A 1 36  ? 15.493  7.399   12.153  1.00 20.04 ? 36   TYR A CE2 1 
ATOM   275  C  CZ  . TYR A 1 36  ? 14.392  7.573   11.356  1.00 17.99 ? 36   TYR A CZ  1 
ATOM   276  O  OH  . TYR A 1 36  ? 13.243  8.141   11.877  1.00 20.05 ? 36   TYR A OH  1 
ATOM   277  N  N   . ASP A 1 37  ? 18.022  8.726   7.921   1.00 18.34 ? 37   ASP A N   1 
ATOM   278  C  CA  . ASP A 1 37  ? 17.831  10.177  8.031   1.00 19.89 ? 37   ASP A CA  1 
ATOM   279  C  C   . ASP A 1 37  ? 16.347  10.365  8.302   1.00 20.72 ? 37   ASP A C   1 
ATOM   280  O  O   . ASP A 1 37  ? 15.499  10.097  7.430   1.00 15.63 ? 37   ASP A O   1 
ATOM   281  C  CB  . ASP A 1 37  ? 18.312  10.930  6.793   1.00 17.17 ? 37   ASP A CB  1 
ATOM   282  C  CG  . ASP A 1 37  ? 18.131  12.459  7.013   1.00 28.70 ? 37   ASP A CG  1 
ATOM   283  O  OD1 . ASP A 1 37  ? 19.068  13.092  7.539   1.00 41.76 ? 37   ASP A OD1 1 
ATOM   284  O  OD2 . ASP A 1 37  ? 17.053  12.983  6.659   1.00 20.56 ? 37   ASP A OD2 1 
ATOM   285  N  N   . ALA A 1 38  ? 16.017  10.803  9.533   1.00 15.50 ? 38   ALA A N   1 
ATOM   286  C  CA  . ALA A 1 38  ? 14.615  10.965  9.884   1.00 17.10 ? 38   ALA A CA  1 
ATOM   287  C  C   . ALA A 1 38  ? 13.804  11.849  8.967   1.00 16.17 ? 38   ALA A C   1 
ATOM   288  O  O   . ALA A 1 38  ? 12.660  11.510  8.544   1.00 15.77 ? 38   ALA A O   1 
ATOM   289  C  CB  . ALA A 1 38  ? 14.514  11.596  11.294  1.00 21.53 ? 38   ALA A CB  1 
ATOM   290  N  N   . ALA A 1 39  ? 14.292  13.015  8.648   1.00 15.30 ? 39   ALA A N   1 
ATOM   291  C  CA  . ALA A 1 39  ? 13.558  13.930  7.737   1.00 18.49 ? 39   ALA A CA  1 
ATOM   292  C  C   . ALA A 1 39  ? 13.261  13.317  6.369   1.00 19.70 ? 39   ALA A C   1 
ATOM   293  O  O   . ALA A 1 39  ? 12.148  13.467  5.803   1.00 19.34 ? 39   ALA A O   1 
ATOM   294  C  CB  . ALA A 1 39  ? 14.359  15.215  7.617   1.00 18.13 ? 39   ALA A CB  1 
ATOM   295  N  N   . GLN A 1 40  ? 14.278  12.661  5.798   1.00 18.41 ? 40   GLN A N   1 
ATOM   296  C  CA  . GLN A 1 40  ? 14.167  12.027  4.481   1.00 19.68 ? 40   GLN A CA  1 
ATOM   297  C  C   . GLN A 1 40  ? 13.081  10.955  4.582   1.00 16.14 ? 40   GLN A C   1 
ATOM   298  O  O   . GLN A 1 40  ? 12.244  10.848  3.668   1.00 20.18 ? 40   GLN A O   1 
ATOM   299  C  CB  . GLN A 1 40  ? 15.474  11.375  4.000   1.00 21.36 ? 40   GLN A CB  1 
ATOM   300  C  CG  . GLN A 1 40  ? 15.389  10.472  2.760   1.00 26.81 ? 40   GLN A CG  1 
ATOM   301  C  CD  . GLN A 1 40  ? 16.575  9.589   2.486   1.00 33.42 ? 40   GLN A CD  1 
ATOM   302  O  OE1 . GLN A 1 40  ? 17.077  9.273   1.382   1.00 28.45 ? 40   GLN A OE1 1 
ATOM   303  N  NE2 . GLN A 1 40  ? 17.206  9.054   3.525   1.00 29.84 ? 40   GLN A NE2 1 
ATOM   304  N  N   . ILE A 1 41  ? 13.059  10.159  5.641   1.00 14.89 ? 41   ILE A N   1 
ATOM   305  C  CA  . ILE A 1 41  ? 12.041  9.084   5.747   1.00 15.04 ? 41   ILE A CA  1 
ATOM   306  C  C   . ILE A 1 41  ? 10.674  9.681   6.050   1.00 14.12 ? 41   ILE A C   1 
ATOM   307  O  O   . ILE A 1 41  ? 9.669   9.221   5.477   1.00 15.57 ? 41   ILE A O   1 
ATOM   308  C  CB  . ILE A 1 41  ? 12.460  8.063   6.822   1.00 13.74 ? 41   ILE A CB  1 
ATOM   309  C  CG1 . ILE A 1 41  ? 13.699  7.293   6.278   1.00 12.55 ? 41   ILE A CG1 1 
ATOM   310  C  CG2 . ILE A 1 41  ? 11.343  7.130   7.264   1.00 18.83 ? 41   ILE A CG2 1 
ATOM   311  C  CD1 . ILE A 1 41  ? 13.453  6.340   5.113   1.00 22.46 ? 41   ILE A CD1 1 
ATOM   312  N  N   . LYS A 1 42  ? 10.643  10.694  6.893   1.00 14.25 ? 42   LYS A N   1 
ATOM   313  C  CA  . LYS A 1 42  ? 9.344   11.339  7.181   1.00 17.94 ? 42   LYS A CA  1 
ATOM   314  C  C   . LYS A 1 42  ? 8.696   11.798  5.878   1.00 15.76 ? 42   LYS A C   1 
ATOM   315  O  O   . LYS A 1 42  ? 7.502   11.612  5.641   1.00 15.89 ? 42   LYS A O   1 
ATOM   316  C  CB  . LYS A 1 42  ? 9.564   12.464  8.177   1.00 20.15 ? 42   LYS A CB  1 
ATOM   317  C  CG  . LYS A 1 42  ? 8.306   13.325  8.308   1.00 20.98 ? 42   LYS A CG  1 
ATOM   318  C  CD  . LYS A 1 42  ? 8.615   14.366  9.436   1.00 22.32 ? 42   LYS A CD  1 
ATOM   319  C  CE  . LYS A 1 42  ? 7.241   14.922  9.867   1.00 31.21 ? 42   LYS A CE  1 
ATOM   320  N  NZ  . LYS A 1 42  ? 7.386   16.327  10.360  1.00 36.01 ? 42   LYS A NZ  1 
ATOM   321  N  N   . ALA A 1 43  ? 9.497   12.461  5.052   1.00 18.11 ? 43   ALA A N   1 
ATOM   322  C  CA  . ALA A 1 43  ? 8.999   12.934  3.770   1.00 22.42 ? 43   ALA A CA  1 
ATOM   323  C  C   . ALA A 1 43  ? 8.517   11.777  2.909   1.00 20.09 ? 43   ALA A C   1 
ATOM   324  O  O   . ALA A 1 43  ? 7.493   11.877  2.235   1.00 18.53 ? 43   ALA A O   1 
ATOM   325  C  CB  . ALA A 1 43  ? 10.057  13.743  3.016   1.00 22.06 ? 43   ALA A CB  1 
ATOM   326  N  N   . ASN A 1 44  ? 9.327   10.738  2.719   1.00 17.25 ? 44   ASN A N   1 
ATOM   327  C  CA  . ASN A 1 44  ? 8.986   9.636   1.830   1.00 18.55 ? 44   ASN A CA  1 
ATOM   328  C  C   . ASN A 1 44  ? 7.709   8.963   2.338   1.00 17.39 ? 44   ASN A C   1 
ATOM   329  O  O   . ASN A 1 44  ? 6.885   8.543   1.530   1.00 16.05 ? 44   ASN A O   1 
ATOM   330  C  CB  . ASN A 1 44  ? 10.112  8.569   1.795   1.00 18.39 ? 44   ASN A CB  1 
ATOM   331  C  CG  . ASN A 1 44  ? 9.736   7.456   0.808   1.00 11.37 ? 44   ASN A CG  1 
ATOM   332  O  OD1 . ASN A 1 44  ? 9.626   7.710   -0.359  1.00 17.48 ? 44   ASN A OD1 1 
ATOM   333  N  ND2 . ASN A 1 44  ? 9.569   6.254   1.314   1.00 14.01 ? 44   ASN A ND2 1 
ATOM   334  N  N   . VAL A 1 45  ? 7.560   8.795   3.643   1.00 14.80 ? 45   VAL A N   1 
ATOM   335  C  CA  . VAL A 1 45  ? 6.355   8.200   4.210   1.00 14.50 ? 45   VAL A CA  1 
ATOM   336  C  C   . VAL A 1 45  ? 5.112   9.065   3.965   1.00 15.64 ? 45   VAL A C   1 
ATOM   337  O  O   . VAL A 1 45  ? 4.031   8.519   3.639   1.00 14.95 ? 45   VAL A O   1 
ATOM   338  C  CB  . VAL A 1 45  ? 6.493   7.754   5.663   1.00 15.22 ? 45   VAL A CB  1 
ATOM   339  C  CG1 . VAL A 1 45  ? 5.113   7.292   6.203   1.00 18.24 ? 45   VAL A CG1 1 
ATOM   340  C  CG2 . VAL A 1 45  ? 7.433   6.531   5.776   1.00 9.73  ? 45   VAL A CG2 1 
ATOM   341  N  N   . GLU A 1 46  ? 5.205   10.386  3.977   1.00 16.20 ? 46   GLU A N   1 
ATOM   342  C  CA  . GLU A 1 46  ? 4.082   11.231  3.589   1.00 15.09 ? 46   GLU A CA  1 
ATOM   343  C  C   . GLU A 1 46  ? 3.636   10.951  2.151   1.00 19.27 ? 46   GLU A C   1 
ATOM   344  O  O   . GLU A 1 46  ? 2.447   11.030  1.765   1.00 18.33 ? 46   GLU A O   1 
ATOM   345  C  CB  . GLU A 1 46  ? 4.525   12.683  3.695   1.00 21.88 ? 46   GLU A CB  1 
ATOM   346  C  CG  . GLU A 1 46  ? 4.401   13.296  5.085   1.00 36.01 ? 46   GLU A CG  1 
ATOM   347  C  CD  . GLU A 1 46  ? 2.961   13.776  5.300   1.00 48.23 ? 46   GLU A CD  1 
ATOM   348  O  OE1 . GLU A 1 46  ? 2.114   13.692  4.377   1.00 56.64 ? 46   GLU A OE1 1 
ATOM   349  O  OE2 . GLU A 1 46  ? 2.625   14.258  6.399   1.00 54.35 ? 46   GLU A OE2 1 
ATOM   350  N  N   . VAL A 1 47  ? 4.616   10.834  1.264   1.00 15.45 ? 47   VAL A N   1 
ATOM   351  C  CA  . VAL A 1 47  ? 4.378   10.446  -0.134  1.00 19.02 ? 47   VAL A CA  1 
ATOM   352  C  C   . VAL A 1 47  ? 3.654   9.088   -0.162  1.00 20.69 ? 47   VAL A C   1 
ATOM   353  O  O   . VAL A 1 47  ? 2.588   8.947   -0.818  1.00 15.35 ? 47   VAL A O   1 
ATOM   354  C  CB  . VAL A 1 47  ? 5.638   10.408  -0.995  1.00 13.75 ? 47   VAL A CB  1 
ATOM   355  C  CG1 . VAL A 1 47  ? 5.272   9.857   -2.382  1.00 15.47 ? 47   VAL A CG1 1 
ATOM   356  C  CG2 . VAL A 1 47  ? 6.265   11.794  -1.152  1.00 14.09 ? 47   VAL A CG2 1 
ATOM   357  N  N   . LEU A 1 48  ? 4.238   8.103   0.565   1.00 15.30 ? 48   LEU A N   1 
ATOM   358  C  CA  . LEU A 1 48  ? 3.593   6.799   0.608   1.00 18.04 ? 48   LEU A CA  1 
ATOM   359  C  C   . LEU A 1 48  ? 2.181   6.903   1.157   1.00 18.04 ? 48   LEU A C   1 
ATOM   360  O  O   . LEU A 1 48  ? 1.308   6.209   0.600   1.00 14.86 ? 48   LEU A O   1 
ATOM   361  C  CB  . LEU A 1 48  ? 4.436   5.789   1.445   1.00 17.64 ? 48   LEU A CB  1 
ATOM   362  C  CG  . LEU A 1 48  ? 3.917   4.392   1.654   1.00 17.54 ? 48   LEU A CG  1 
ATOM   363  C  CD1 . LEU A 1 48  ? 3.786   3.657   0.297   1.00 18.31 ? 48   LEU A CD1 1 
ATOM   364  C  CD2 . LEU A 1 48  ? 4.821   3.523   2.534   1.00 20.96 ? 48   LEU A CD2 1 
ATOM   365  N  N   . LYS A 1 49  ? 1.861   7.641   2.170   1.00 14.95 ? 49   LYS A N   1 
ATOM   366  C  CA  . LYS A 1 49  ? 0.515   7.762   2.708   1.00 18.81 ? 49   LYS A CA  1 
ATOM   367  C  C   . LYS A 1 49  ? -0.487  8.240   1.675   1.00 16.89 ? 49   LYS A C   1 
ATOM   368  O  O   . LYS A 1 49  ? -1.553  7.646   1.530   1.00 18.01 ? 49   LYS A O   1 
ATOM   369  C  CB  . LYS A 1 49  ? 0.443   8.757   3.926   1.00 22.48 ? 49   LYS A CB  1 
ATOM   370  C  CG  . LYS A 1 49  ? -0.939  8.990   4.530   1.00 25.73 ? 49   LYS A CG  1 
ATOM   371  N  N   . THR A 1 50  ? -0.143  9.273   0.901   1.00 13.96 ? 50   THR A N   1 
ATOM   372  C  CA  . THR A 1 50  ? -1.033  9.732   -0.169  1.00 18.76 ? 50   THR A CA  1 
ATOM   373  C  C   . THR A 1 50  ? -1.145  8.641   -1.229  1.00 18.54 ? 50   THR A C   1 
ATOM   374  O  O   . THR A 1 50  ? -2.264  8.322   -1.632  1.00 15.50 ? 50   THR A O   1 
ATOM   375  C  CB  . THR A 1 50  ? -0.628  11.107  -0.726  1.00 22.58 ? 50   THR A CB  1 
ATOM   376  O  OG1 . THR A 1 50  ? -1.144  12.184  0.022   1.00 40.02 ? 50   THR A OG1 1 
ATOM   377  C  CG2 . THR A 1 50  ? -1.153  11.241  -2.171  1.00 20.04 ? 50   THR A CG2 1 
ATOM   378  N  N   . LEU A 1 51  ? -0.027  8.055   -1.667  1.00 21.28 ? 51   LEU A N   1 
ATOM   379  C  CA  . LEU A 1 51  ? -0.160  7.007   -2.625  1.00 18.44 ? 51   LEU A CA  1 
ATOM   380  C  C   . LEU A 1 51  ? -0.974  5.821   -2.142  1.00 18.12 ? 51   LEU A C   1 
ATOM   381  O  O   . LEU A 1 51  ? -1.705  5.179   -2.891  1.00 17.69 ? 51   LEU A O   1 
ATOM   382  C  CB  . LEU A 1 51  ? 1.190   6.468   -3.129  1.00 18.07 ? 51   LEU A CB  1 
ATOM   383  C  CG  . LEU A 1 51  ? 2.110   7.500   -3.778  1.00 20.98 ? 51   LEU A CG  1 
ATOM   384  C  CD1 . LEU A 1 51  ? 3.500   6.848   -3.942  1.00 17.10 ? 51   LEU A CD1 1 
ATOM   385  C  CD2 . LEU A 1 51  ? 1.519   7.945   -5.127  1.00 19.68 ? 51   LEU A CD2 1 
ATOM   386  N  N   . SER A 1 52  ? -0.879  5.434   -0.868  1.00 14.19 ? 52   SER A N   1 
ATOM   387  C  CA  . SER A 1 52  ? -1.577  4.246   -0.382  1.00 14.25 ? 52   SER A CA  1 
ATOM   388  C  C   . SER A 1 52  ? -3.088  4.343   -0.353  1.00 13.49 ? 52   SER A C   1 
ATOM   389  O  O   . SER A 1 52  ? -3.763  3.347   -0.136  1.00 17.08 ? 52   SER A O   1 
ATOM   390  C  CB  . SER A 1 52  ? -0.973  3.897   0.992   1.00 20.95 ? 52   SER A CB  1 
ATOM   391  O  OG  . SER A 1 52  ? -1.327  4.996   1.827   1.00 32.08 ? 52   SER A OG  1 
ATOM   392  N  N   . ALA A 1 53  ? -3.625  5.587   -0.388  1.00 13.43 ? 53   ALA A N   1 
ATOM   393  C  CA  . ALA A 1 53  ? -5.101  5.676   -0.462  1.00 15.82 ? 53   ALA A CA  1 
ATOM   394  C  C   . ALA A 1 53  ? -5.582  5.570   -1.909  1.00 21.16 ? 53   ALA A C   1 
ATOM   395  O  O   . ALA A 1 53  ? -6.796  5.379   -2.080  1.00 19.57 ? 53   ALA A O   1 
ATOM   396  C  CB  . ALA A 1 53  ? -5.519  7.013   0.158   1.00 15.82 ? 53   ALA A CB  1 
ATOM   397  N  N   . LEU A 1 54  ? -4.767  5.656   -2.954  1.00 16.46 ? 54   LEU A N   1 
ATOM   398  C  CA  . LEU A 1 54  ? -5.248  5.743   -4.326  1.00 16.13 ? 54   LEU A CA  1 
ATOM   399  C  C   . LEU A 1 54  ? -5.746  4.532   -5.070  1.00 18.01 ? 54   LEU A C   1 
ATOM   400  O  O   . LEU A 1 54  ? -6.700  4.617   -5.899  1.00 14.55 ? 54   LEU A O   1 
ATOM   401  C  CB  . LEU A 1 54  ? -4.121  6.381   -5.214  1.00 13.26 ? 54   LEU A CB  1 
ATOM   402  C  CG  . LEU A 1 54  ? -3.672  7.790   -4.768  1.00 16.73 ? 54   LEU A CG  1 
ATOM   403  C  CD1 . LEU A 1 54  ? -2.600  8.358   -5.707  1.00 16.52 ? 54   LEU A CD1 1 
ATOM   404  C  CD2 . LEU A 1 54  ? -4.804  8.825   -4.707  1.00 18.52 ? 54   LEU A CD2 1 
ATOM   405  N  N   . PRO A 1 55  ? -5.248  3.329   -4.803  1.00 18.93 ? 55   PRO A N   1 
ATOM   406  C  CA  . PRO A 1 55  ? -5.655  2.176   -5.626  1.00 18.53 ? 55   PRO A CA  1 
ATOM   407  C  C   . PRO A 1 55  ? -7.109  1.807   -5.415  1.00 19.88 ? 55   PRO A C   1 
ATOM   408  O  O   . PRO A 1 55  ? -7.769  1.382   -6.375  1.00 18.34 ? 55   PRO A O   1 
ATOM   409  C  CB  . PRO A 1 55  ? -4.762  1.039   -5.178  1.00 19.03 ? 55   PRO A CB  1 
ATOM   410  C  CG  . PRO A 1 55  ? -3.564  1.729   -4.561  1.00 19.92 ? 55   PRO A CG  1 
ATOM   411  C  CD  . PRO A 1 55  ? -4.104  2.996   -3.941  1.00 18.37 ? 55   PRO A CD  1 
ATOM   412  N  N   . TRP A 1 56  ? -7.605  1.968   -4.163  1.00 16.17 ? 56   TRP A N   1 
ATOM   413  C  CA  . TRP A 1 56  ? -8.895  1.403   -3.802  1.00 21.01 ? 56   TRP A CA  1 
ATOM   414  C  C   . TRP A 1 56  ? -10.103 1.909   -4.570  1.00 25.22 ? 56   TRP A C   1 
ATOM   415  O  O   . TRP A 1 56  ? -11.045 1.158   -4.863  1.00 25.46 ? 56   TRP A O   1 
ATOM   416  C  CB  . TRP A 1 56  ? -9.165  1.406   -2.242  1.00 17.92 ? 56   TRP A CB  1 
ATOM   417  C  CG  . TRP A 1 56  ? -7.814  1.154   -1.612  1.00 17.27 ? 56   TRP A CG  1 
ATOM   418  C  CD1 . TRP A 1 56  ? -7.080  2.017   -0.863  1.00 25.05 ? 56   TRP A CD1 1 
ATOM   419  C  CD2 . TRP A 1 56  ? -6.941  0.062   -1.943  1.00 18.64 ? 56   TRP A CD2 1 
ATOM   420  N  NE1 . TRP A 1 56  ? -5.815  1.499   -0.643  1.00 19.48 ? 56   TRP A NE1 1 
ATOM   421  C  CE2 . TRP A 1 56  ? -5.720  0.295   -1.307  1.00 18.83 ? 56   TRP A CE2 1 
ATOM   422  C  CE3 . TRP A 1 56  ? -7.122  -1.102  -2.719  1.00 22.42 ? 56   TRP A CE3 1 
ATOM   423  C  CZ2 . TRP A 1 56  ? -4.654  -0.595  -1.376  1.00 17.96 ? 56   TRP A CZ2 1 
ATOM   424  C  CZ3 . TRP A 1 56  ? -6.055  -1.988  -2.798  1.00 18.33 ? 56   TRP A CZ3 1 
ATOM   425  C  CH2 . TRP A 1 56  ? -4.821  -1.669  -2.173  1.00 18.19 ? 56   TRP A CH2 1 
ATOM   426  N  N   . ALA A 1 57  ? -10.124 3.132   -5.061  1.00 21.91 ? 57   ALA A N   1 
ATOM   427  C  CA  . ALA A 1 57  ? -11.140 3.823   -5.790  1.00 21.75 ? 57   ALA A CA  1 
ATOM   428  C  C   . ALA A 1 57  ? -11.142 3.380   -7.267  1.00 22.15 ? 57   ALA A C   1 
ATOM   429  O  O   . ALA A 1 57  ? -12.028 3.669   -8.085  1.00 21.92 ? 57   ALA A O   1 
ATOM   430  C  CB  . ALA A 1 57  ? -10.908 5.330   -5.735  1.00 17.58 ? 57   ALA A CB  1 
ATOM   431  N  N   . ALA A 1 58  ? -10.086 2.651   -7.656  1.00 19.62 ? 58   ALA A N   1 
ATOM   432  C  CA  . ALA A 1 58  ? -10.008 2.114   -9.016  1.00 14.82 ? 58   ALA A CA  1 
ATOM   433  C  C   . ALA A 1 58  ? -10.384 0.634   -9.096  1.00 16.10 ? 58   ALA A C   1 
ATOM   434  O  O   . ALA A 1 58  ? -10.046 -0.020  -10.097 1.00 18.64 ? 58   ALA A O   1 
ATOM   435  C  CB  . ALA A 1 58  ? -8.636  2.352   -9.643  1.00 17.80 ? 58   ALA A CB  1 
ATOM   436  N  N   . PHE A 1 59  ? -11.048 0.138   -8.040  1.00 16.54 ? 59   PHE A N   1 
ATOM   437  C  CA  . PHE A 1 59  ? -11.690 -1.184  -8.143  1.00 18.21 ? 59   PHE A CA  1 
ATOM   438  C  C   . PHE A 1 59  ? -13.213 -0.972  -8.045  1.00 23.41 ? 59   PHE A C   1 
ATOM   439  O  O   . PHE A 1 59  ? -13.941 -1.762  -7.448  1.00 22.66 ? 59   PHE A O   1 
ATOM   440  C  CB  . PHE A 1 59  ? -11.224 -2.035  -6.936  1.00 14.78 ? 59   PHE A CB  1 
ATOM   441  C  CG  . PHE A 1 59  ? -9.823  -2.567  -7.069  1.00 16.48 ? 59   PHE A CG  1 
ATOM   442  C  CD1 . PHE A 1 59  ? -9.430  -3.775  -7.592  1.00 17.00 ? 59   PHE A CD1 1 
ATOM   443  C  CD2 . PHE A 1 59  ? -8.849  -1.785  -6.455  1.00 16.07 ? 59   PHE A CD2 1 
ATOM   444  C  CE1 . PHE A 1 59  ? -8.095  -4.145  -7.560  1.00 16.24 ? 59   PHE A CE1 1 
ATOM   445  C  CE2 . PHE A 1 59  ? -7.504  -2.113  -6.457  1.00 20.48 ? 59   PHE A CE2 1 
ATOM   446  C  CZ  . PHE A 1 59  ? -7.126  -3.315  -6.997  1.00 15.75 ? 59   PHE A CZ  1 
ATOM   447  N  N   . GLY A 1 60  ? -13.688 0.049   -8.792  1.00 21.21 ? 60   GLY A N   1 
ATOM   448  C  CA  . GLY A 1 60  ? -15.146 0.328   -8.701  1.00 25.83 ? 60   GLY A CA  1 
ATOM   449  C  C   . GLY A 1 60  ? -15.893 -0.698  -9.519  1.00 25.12 ? 60   GLY A C   1 
ATOM   450  O  O   . GLY A 1 60  ? -15.334 -1.646  -10.080 1.00 30.54 ? 60   GLY A O   1 
ATOM   451  N  N   . PRO A 1 61  ? -17.222 -0.695  -9.385  1.00 35.25 ? 61   PRO A N   1 
ATOM   452  C  CA  . PRO A 1 61  ? -17.985 -1.795  -9.996  1.00 33.06 ? 61   PRO A CA  1 
ATOM   453  C  C   . PRO A 1 61  ? -17.771 -1.741  -11.495 1.00 30.66 ? 61   PRO A C   1 
ATOM   454  O  O   . PRO A 1 61  ? -17.592 -0.682  -12.144 1.00 29.52 ? 61   PRO A O   1 
ATOM   455  C  CB  . PRO A 1 61  ? -19.363 -1.642  -9.406  1.00 38.29 ? 61   PRO A CB  1 
ATOM   456  C  CG  . PRO A 1 61  ? -19.358 -0.553  -8.392  1.00 40.14 ? 61   PRO A CG  1 
ATOM   457  C  CD  . PRO A 1 61  ? -18.029 0.156   -8.485  1.00 37.26 ? 61   PRO A CD  1 
ATOM   458  N  N   . GLY A 1 62  ? -17.516 -2.895  -12.101 1.00 34.25 ? 62   GLY A N   1 
ATOM   459  C  CA  . GLY A 1 62  ? -17.241 -2.967  -13.526 1.00 36.86 ? 62   GLY A CA  1 
ATOM   460  C  C   . GLY A 1 62  ? -15.778 -2.839  -13.932 1.00 37.57 ? 62   GLY A C   1 
ATOM   461  O  O   . GLY A 1 62  ? -15.506 -2.831  -15.133 1.00 41.71 ? 62   GLY A O   1 
ATOM   462  N  N   . THR A 1 63  ? -14.816 -2.795  -13.003 1.00 29.42 ? 63   THR A N   1 
ATOM   463  C  CA  . THR A 1 63  ? -13.403 -2.689  -13.386 1.00 23.95 ? 63   THR A CA  1 
ATOM   464  C  C   . THR A 1 63  ? -12.676 -4.010  -13.214 1.00 27.55 ? 63   THR A C   1 
ATOM   465  O  O   . THR A 1 63  ? -11.458 -4.040  -12.969 1.00 18.51 ? 63   THR A O   1 
ATOM   466  C  CB  . THR A 1 63  ? -12.746 -1.584  -12.517 1.00 22.55 ? 63   THR A CB  1 
ATOM   467  O  OG1 . THR A 1 63  ? -12.874 -2.039  -11.174 1.00 18.22 ? 63   THR A OG1 1 
ATOM   468  C  CG2 . THR A 1 63  ? -13.527 -0.296  -12.742 1.00 15.66 ? 63   THR A CG2 1 
ATOM   469  N  N   . GLU A 1 64  ? -13.358 -5.137  -13.497 1.00 22.49 ? 64   GLU A N   1 
ATOM   470  C  CA  . GLU A 1 64  ? -12.731 -6.423  -13.488 1.00 20.79 ? 64   GLU A CA  1 
ATOM   471  C  C   . GLU A 1 64  ? -11.617 -6.412  -14.539 1.00 19.21 ? 64   GLU A C   1 
ATOM   472  O  O   . GLU A 1 64  ? -11.766 -5.778  -15.600 1.00 22.33 ? 64   GLU A O   1 
ATOM   473  C  CB  . GLU A 1 64  ? -13.743 -7.542  -13.836 1.00 25.59 ? 64   GLU A CB  1 
ATOM   474  C  CG  . GLU A 1 64  ? -14.830 -7.663  -12.781 1.00 22.91 ? 64   GLU A CG  1 
ATOM   475  C  CD  . GLU A 1 64  ? -15.881 -6.591  -12.916 1.00 28.15 ? 64   GLU A CD  1 
ATOM   476  O  OE1 . GLU A 1 64  ? -15.998 -6.008  -14.026 1.00 37.98 ? 64   GLU A OE1 1 
ATOM   477  O  OE2 . GLU A 1 64  ? -16.604 -6.335  -11.949 1.00 40.71 ? 64   GLU A OE2 1 
ATOM   478  N  N   . GLY A 1 65  ? -10.525 -7.074  -14.241 1.00 20.98 ? 65   GLY A N   1 
ATOM   479  C  CA  . GLY A 1 65  ? -9.414  -7.141  -15.219 1.00 23.50 ? 65   GLY A CA  1 
ATOM   480  C  C   . GLY A 1 65  ? -8.112  -7.151  -14.405 1.00 26.70 ? 65   GLY A C   1 
ATOM   481  O  O   . GLY A 1 65  ? -8.139  -7.052  -13.175 1.00 20.86 ? 65   GLY A O   1 
ATOM   482  N  N   . GLY A 1 66  ? -6.994  -7.263  -15.120 1.00 26.17 ? 66   GLY A N   1 
ATOM   483  C  CA  . GLY A 1 66  ? -5.701  -7.318  -14.428 1.00 29.67 ? 66   GLY A CA  1 
ATOM   484  C  C   . GLY A 1 66  ? -5.587  -8.639  -13.658 1.00 25.80 ? 66   GLY A C   1 
ATOM   485  O  O   . GLY A 1 66  ? -6.152  -9.659  -14.070 1.00 21.23 ? 66   GLY A O   1 
ATOM   486  N  N   . ASP A 1 67  ? -4.859  -8.556  -12.556 1.00 20.22 ? 67   ASP A N   1 
ATOM   487  C  CA  . ASP A 1 67  ? -4.715  -9.708  -11.672 1.00 22.59 ? 67   ASP A CA  1 
ATOM   488  C  C   . ASP A 1 67  ? -5.588  -9.563  -10.430 1.00 21.73 ? 67   ASP A C   1 
ATOM   489  O  O   . ASP A 1 67  ? -5.280  -10.173 -9.391  1.00 18.05 ? 67   ASP A O   1 
ATOM   490  C  CB  . ASP A 1 67  ? -3.244  -9.845  -11.261 1.00 17.60 ? 67   ASP A CB  1 
ATOM   491  C  CG  . ASP A 1 67  ? -2.491  -10.475 -12.447 1.00 38.51 ? 67   ASP A CG  1 
ATOM   492  O  OD1 . ASP A 1 67  ? -3.062  -11.181 -13.298 1.00 39.91 ? 67   ASP A OD1 1 
ATOM   493  O  OD2 . ASP A 1 67  ? -1.287  -10.225 -12.513 1.00 34.29 ? 67   ASP A OD2 1 
ATOM   494  N  N   . ALA A 1 68  ? -6.741  -8.939  -10.602 1.00 19.77 ? 68   ALA A N   1 
ATOM   495  C  CA  . ALA A 1 68  ? -7.691  -8.781  -9.505  1.00 24.38 ? 68   ALA A CA  1 
ATOM   496  C  C   . ALA A 1 68  ? -8.656  -9.965  -9.496  1.00 22.29 ? 68   ALA A C   1 
ATOM   497  O  O   . ALA A 1 68  ? -9.209  -10.252 -10.564 1.00 22.16 ? 68   ALA A O   1 
ATOM   498  C  CB  . ALA A 1 68  ? -8.466  -7.489  -9.728  1.00 17.43 ? 68   ALA A CB  1 
ATOM   499  N  N   . ARG A 1 69  ? -8.702  -10.709 -8.394  1.00 19.84 ? 69   ARG A N   1 
ATOM   500  C  CA  . ARG A 1 69  ? -9.674  -11.795 -8.306  1.00 18.70 ? 69   ARG A CA  1 
ATOM   501  C  C   . ARG A 1 69  ? -11.071 -11.205 -8.179  1.00 20.73 ? 69   ARG A C   1 
ATOM   502  O  O   . ARG A 1 69  ? -11.336 -10.150 -7.607  1.00 18.78 ? 69   ARG A O   1 
ATOM   503  C  CB  . ARG A 1 69  ? -9.460  -12.691 -7.073  1.00 22.57 ? 69   ARG A CB  1 
ATOM   504  C  CG  . ARG A 1 69  ? -8.116  -13.459 -7.217  1.00 22.49 ? 69   ARG A CG  1 
ATOM   505  C  CD  . ARG A 1 69  ? -8.065  -14.360 -5.959  1.00 30.25 ? 69   ARG A CD  1 
ATOM   506  N  NE  . ARG A 1 69  ? -6.980  -15.326 -6.016  1.00 35.68 ? 69   ARG A NE  1 
ATOM   507  N  N   . PRO A 1 70  ? -12.040 -11.864 -8.830  1.00 20.73 ? 70   PRO A N   1 
ATOM   508  C  CA  . PRO A 1 70  ? -13.414 -11.493 -8.844  1.00 20.64 ? 70   PRO A CA  1 
ATOM   509  C  C   . PRO A 1 70  ? -14.043 -11.327 -7.482  1.00 17.74 ? 70   PRO A C   1 
ATOM   510  O  O   . PRO A 1 70  ? -14.948 -10.499 -7.292  1.00 21.91 ? 70   PRO A O   1 
ATOM   511  C  CB  . PRO A 1 70  ? -14.141 -12.667 -9.536  1.00 23.91 ? 70   PRO A CB  1 
ATOM   512  C  CG  . PRO A 1 70  ? -13.076 -13.596 -10.031 1.00 22.53 ? 70   PRO A CG  1 
ATOM   513  C  CD  . PRO A 1 70  ? -11.727 -13.037 -9.705  1.00 18.91 ? 70   PRO A CD  1 
ATOM   514  N  N   . GLU A 1 71  ? -13.535 -12.058 -6.508  1.00 19.25 ? 71   GLU A N   1 
ATOM   515  C  CA  . GLU A 1 71  ? -13.964 -11.950 -5.120  1.00 19.85 ? 71   GLU A CA  1 
ATOM   516  C  C   . GLU A 1 71  ? -13.739 -10.595 -4.489  1.00 21.23 ? 71   GLU A C   1 
ATOM   517  O  O   . GLU A 1 71  ? -14.461 -10.248 -3.564  1.00 22.89 ? 71   GLU A O   1 
ATOM   518  C  CB  . GLU A 1 71  ? -13.162 -12.939 -4.265  1.00 26.82 ? 71   GLU A CB  1 
ATOM   519  C  CG  . GLU A 1 71  ? -13.573 -14.375 -4.514  1.00 33.13 ? 71   GLU A CG  1 
ATOM   520  C  CD  . GLU A 1 71  ? -12.663 -15.062 -5.505  1.00 34.81 ? 71   GLU A CD  1 
ATOM   521  O  OE1 . GLU A 1 71  ? -12.020 -14.456 -6.372  1.00 29.67 ? 71   GLU A OE1 1 
ATOM   522  O  OE2 . GLU A 1 71  ? -12.551 -16.308 -5.385  1.00 54.19 ? 71   GLU A OE2 1 
ATOM   523  N  N   . ILE A 1 72  ? -12.944 -9.706  -5.109  1.00 18.67 ? 72   ILE A N   1 
ATOM   524  C  CA  . ILE A 1 72  ? -12.909 -8.303  -4.594  1.00 19.49 ? 72   ILE A CA  1 
ATOM   525  C  C   . ILE A 1 72  ? -14.299 -7.670  -4.643  1.00 20.83 ? 72   ILE A C   1 
ATOM   526  O  O   . ILE A 1 72  ? -14.761 -6.896  -3.787  1.00 19.48 ? 72   ILE A O   1 
ATOM   527  C  CB  . ILE A 1 72  ? -11.947 -7.536  -5.531  1.00 15.17 ? 72   ILE A CB  1 
ATOM   528  C  CG1 . ILE A 1 72  ? -10.514 -8.058  -5.292  1.00 10.72 ? 72   ILE A CG1 1 
ATOM   529  C  CG2 . ILE A 1 72  ? -12.106 -6.022  -5.376  1.00 18.22 ? 72   ILE A CG2 1 
ATOM   530  C  CD1 . ILE A 1 72  ? -9.481  -7.399  -6.177  1.00 16.05 ? 72   ILE A CD1 1 
ATOM   531  N  N   . TRP A 1 73  ? -15.010 -8.001  -5.743  1.00 20.04 ? 73   TRP A N   1 
ATOM   532  C  CA  . TRP A 1 73  ? -16.356 -7.511  -5.884  1.00 23.63 ? 73   TRP A CA  1 
ATOM   533  C  C   . TRP A 1 73  ? -17.451 -8.397  -5.292  1.00 24.56 ? 73   TRP A C   1 
ATOM   534  O  O   . TRP A 1 73  ? -18.399 -7.790  -4.748  1.00 26.73 ? 73   TRP A O   1 
ATOM   535  C  CB  . TRP A 1 73  ? -16.637 -7.257  -7.370  1.00 25.68 ? 73   TRP A CB  1 
ATOM   536  C  CG  . TRP A 1 73  ? -15.727 -6.217  -7.960  1.00 30.40 ? 73   TRP A CG  1 
ATOM   537  C  CD1 . TRP A 1 73  ? -15.957 -4.876  -8.028  1.00 32.45 ? 73   TRP A CD1 1 
ATOM   538  C  CD2 . TRP A 1 73  ? -14.437 -6.460  -8.553  1.00 24.62 ? 73   TRP A CD2 1 
ATOM   539  N  NE1 . TRP A 1 73  ? -14.906 -4.269  -8.661  1.00 33.42 ? 73   TRP A NE1 1 
ATOM   540  C  CE2 . TRP A 1 73  ? -13.961 -5.211  -8.990  1.00 27.26 ? 73   TRP A CE2 1 
ATOM   541  C  CE3 . TRP A 1 73  ? -13.665 -7.592  -8.765  1.00 20.32 ? 73   TRP A CE3 1 
ATOM   542  C  CZ2 . TRP A 1 73  ? -12.702 -5.039  -9.599  1.00 20.14 ? 73   TRP A CZ2 1 
ATOM   543  C  CZ3 . TRP A 1 73  ? -12.431 -7.455  -9.394  1.00 19.37 ? 73   TRP A CZ3 1 
ATOM   544  C  CH2 . TRP A 1 73  ? -11.989 -6.179  -9.807  1.00 20.71 ? 73   TRP A CH2 1 
ATOM   545  N  N   . SER A 1 74  ? -17.303 -9.704  -5.225  1.00 25.06 ? 74   SER A N   1 
ATOM   546  C  CA  . SER A 1 74  ? -18.449 -10.492 -4.707  1.00 28.27 ? 74   SER A CA  1 
ATOM   547  C  C   . SER A 1 74  ? -18.360 -10.469 -3.189  1.00 31.88 ? 74   SER A C   1 
ATOM   548  O  O   . SER A 1 74  ? -19.429 -10.479 -2.575  1.00 28.93 ? 74   SER A O   1 
ATOM   549  C  CB  . SER A 1 74  ? -18.528 -11.881 -5.292  1.00 28.93 ? 74   SER A CB  1 
ATOM   550  O  OG  . SER A 1 74  ? -17.337 -12.583 -5.046  1.00 28.30 ? 74   SER A OG  1 
ATOM   551  N  N   . ASP A 1 75  ? -17.157 -10.236 -2.641  1.00 25.87 ? 75   ASP A N   1 
ATOM   552  C  CA  . ASP A 1 75  ? -17.011 -10.007 -1.207  1.00 26.74 ? 75   ASP A CA  1 
ATOM   553  C  C   . ASP A 1 75  ? -16.494 -8.605  -0.897  1.00 25.08 ? 75   ASP A C   1 
ATOM   554  O  O   . ASP A 1 75  ? -15.424 -8.423  -0.299  1.00 25.36 ? 75   ASP A O   1 
ATOM   555  C  CB  . ASP A 1 75  ? -16.044 -11.049 -0.637  1.00 29.31 ? 75   ASP A CB  1 
ATOM   556  C  CG  . ASP A 1 75  ? -16.449 -12.479 -0.923  1.00 41.68 ? 75   ASP A CG  1 
ATOM   557  O  OD1 . ASP A 1 75  ? -17.661 -12.782 -1.075  1.00 36.44 ? 75   ASP A OD1 1 
ATOM   558  O  OD2 . ASP A 1 75  ? -15.506 -13.298 -0.993  1.00 35.72 ? 75   ASP A OD2 1 
ATOM   559  N  N   . ALA A 1 76  ? -17.307 -7.582  -1.174  1.00 24.20 ? 76   ALA A N   1 
ATOM   560  C  CA  . ALA A 1 76  ? -16.778 -6.218  -1.112  1.00 29.90 ? 76   ALA A CA  1 
ATOM   561  C  C   . ALA A 1 76  ? -16.526 -5.778  0.325   1.00 31.87 ? 76   ALA A C   1 
ATOM   562  O  O   . ALA A 1 76  ? -15.539 -5.059  0.533   1.00 27.10 ? 76   ALA A O   1 
ATOM   563  C  CB  . ALA A 1 76  ? -17.668 -5.246  -1.865  1.00 28.40 ? 76   ALA A CB  1 
ATOM   564  N  N   . ALA A 1 77  ? -17.308 -6.259  1.306   1.00 26.56 ? 77   ALA A N   1 
ATOM   565  C  CA  . ALA A 1 77  ? -17.087 -5.867  2.702   1.00 31.10 ? 77   ALA A CA  1 
ATOM   566  C  C   . ALA A 1 77  ? -15.749 -6.381  3.203   1.00 27.94 ? 77   ALA A C   1 
ATOM   567  O  O   . ALA A 1 77  ? -15.028 -5.686  3.925   1.00 27.77 ? 77   ALA A O   1 
ATOM   568  C  CB  . ALA A 1 77  ? -18.187 -6.351  3.671   1.00 30.79 ? 77   ALA A CB  1 
ATOM   569  N  N   . SER A 1 78  ? -15.453 -7.659  2.937   1.00 26.26 ? 78   SER A N   1 
ATOM   570  C  CA  . SER A 1 78  ? -14.159 -8.184  3.326   1.00 25.62 ? 78   SER A CA  1 
ATOM   571  C  C   . SER A 1 78  ? -12.979 -7.495  2.607   1.00 27.57 ? 78   SER A C   1 
ATOM   572  O  O   . SER A 1 78  ? -11.908 -7.360  3.211   1.00 21.49 ? 78   SER A O   1 
ATOM   573  C  CB  . SER A 1 78  ? -14.094 -9.676  2.992   1.00 25.54 ? 78   SER A CB  1 
ATOM   574  O  OG  . SER A 1 78  ? -15.217 -10.282 3.624   1.00 39.47 ? 78   SER A OG  1 
ATOM   575  N  N   . PHE A 1 79  ? -13.157 -7.128  1.331   1.00 24.52 ? 79   PHE A N   1 
ATOM   576  C  CA  . PHE A 1 79  ? -12.045 -6.475  0.628   1.00 23.11 ? 79   PHE A CA  1 
ATOM   577  C  C   . PHE A 1 79  ? -11.871 -5.087  1.230   1.00 22.85 ? 79   PHE A C   1 
ATOM   578  O  O   . PHE A 1 79  ? -10.770 -4.636  1.562   1.00 22.24 ? 79   PHE A O   1 
ATOM   579  C  CB  . PHE A 1 79  ? -12.352 -6.312  -0.861  1.00 20.34 ? 79   PHE A CB  1 
ATOM   580  C  CG  . PHE A 1 79  ? -11.179 -5.653  -1.604  1.00 16.88 ? 79   PHE A CG  1 
ATOM   581  C  CD1 . PHE A 1 79  ? -10.046 -6.386  -1.896  1.00 19.20 ? 79   PHE A CD1 1 
ATOM   582  C  CD2 . PHE A 1 79  ? -11.336 -4.354  -2.040  1.00 21.05 ? 79   PHE A CD2 1 
ATOM   583  C  CE1 . PHE A 1 79  ? -9.028  -5.805  -2.635  1.00 17.08 ? 79   PHE A CE1 1 
ATOM   584  C  CE2 . PHE A 1 79  ? -10.289 -3.779  -2.787  1.00 22.91 ? 79   PHE A CE2 1 
ATOM   585  C  CZ  . PHE A 1 79  ? -9.145  -4.499  -3.064  1.00 19.96 ? 79   PHE A CZ  1 
ATOM   586  N  N   . LYS A 1 80  ? -12.985 -4.463  1.572   1.00 23.51 ? 80   LYS A N   1 
ATOM   587  C  CA  . LYS A 1 80  ? -12.947 -3.124  2.157   1.00 27.88 ? 80   LYS A CA  1 
ATOM   588  C  C   . LYS A 1 80  ? -12.205 -3.213  3.485   1.00 27.27 ? 80   LYS A C   1 
ATOM   589  O  O   . LYS A 1 80  ? -11.399 -2.358  3.808   1.00 25.35 ? 80   LYS A O   1 
ATOM   590  C  CB  . LYS A 1 80  ? -14.329 -2.533  2.268   1.00 25.16 ? 80   LYS A CB  1 
ATOM   591  C  CG  . LYS A 1 80  ? -14.444 -1.344  3.217   1.00 34.08 ? 80   LYS A CG  1 
ATOM   592  C  CD  . LYS A 1 80  ? -14.055 -0.072  2.494   1.00 39.53 ? 80   LYS A CD  1 
ATOM   593  N  N   . GLN A 1 81  ? -12.452 -4.255  4.252   1.00 27.89 ? 81   GLN A N   1 
ATOM   594  C  CA  . GLN A 1 81  ? -11.763 -4.448  5.506   1.00 28.95 ? 81   GLN A CA  1 
ATOM   595  C  C   . GLN A 1 81  ? -10.267 -4.500  5.289   1.00 27.29 ? 81   GLN A C   1 
ATOM   596  O  O   . GLN A 1 81  ? -9.552  -3.869  6.093   1.00 24.97 ? 81   GLN A O   1 
ATOM   597  C  CB  . GLN A 1 81  ? -12.210 -5.696  6.276   1.00 32.63 ? 81   GLN A CB  1 
ATOM   598  N  N   . LYS A 1 82  ? -9.829  -5.441  4.439   1.00 23.06 ? 82   LYS A N   1 
ATOM   599  C  CA  . LYS A 1 82  ? -8.400  -5.567  4.180   1.00 21.82 ? 82   LYS A CA  1 
ATOM   600  C  C   . LYS A 1 82  ? -7.729  -4.240  3.832   1.00 17.24 ? 82   LYS A C   1 
ATOM   601  O  O   . LYS A 1 82  ? -6.545  -4.075  4.136   1.00 18.43 ? 82   LYS A O   1 
ATOM   602  C  CB  . LYS A 1 82  ? -8.108  -6.609  3.097   1.00 22.05 ? 82   LYS A CB  1 
ATOM   603  C  CG  . LYS A 1 82  ? -8.240  -8.006  3.701   1.00 27.21 ? 82   LYS A CG  1 
ATOM   604  C  CD  . LYS A 1 82  ? -7.018  -8.837  3.418   1.00 31.51 ? 82   LYS A CD  1 
ATOM   605  C  CE  . LYS A 1 82  ? -7.462  -10.273 3.220   1.00 29.90 ? 82   LYS A CE  1 
ATOM   606  N  NZ  . LYS A 1 82  ? -7.873  -10.885 4.509   1.00 31.37 ? 82   LYS A NZ  1 
ATOM   607  N  N   . GLN A 1 83  ? -8.345  -3.449  2.932   1.00 18.36 ? 83   GLN A N   1 
ATOM   608  C  CA  . GLN A 1 83  ? -7.740  -2.151  2.633   1.00 24.55 ? 83   GLN A CA  1 
ATOM   609  C  C   . GLN A 1 83  ? -7.801  -1.181  3.803   1.00 20.80 ? 83   GLN A C   1 
ATOM   610  O  O   . GLN A 1 83  ? -6.764  -0.532  3.911   1.00 17.77 ? 83   GLN A O   1 
ATOM   611  C  CB  . GLN A 1 83  ? -8.228  -1.635  1.286   1.00 28.90 ? 83   GLN A CB  1 
ATOM   612  C  CG  . GLN A 1 83  ? -9.614  -1.101  1.062   1.00 36.44 ? 83   GLN A CG  1 
ATOM   613  C  CD  . GLN A 1 83  ? -9.769  0.381   1.324   1.00 38.32 ? 83   GLN A CD  1 
ATOM   614  O  OE1 . GLN A 1 83  ? -10.758 1.035   0.982   1.00 37.25 ? 83   GLN A OE1 1 
ATOM   615  N  NE2 . GLN A 1 83  ? -8.771  0.983   1.966   1.00 39.48 ? 83   GLN A NE2 1 
ATOM   616  N  N   . GLN A 1 84  ? -8.890  -1.085  4.536   1.00 22.26 ? 84   GLN A N   1 
ATOM   617  C  CA  . GLN A 1 84  ? -8.834  -0.243  5.752   1.00 23.15 ? 84   GLN A CA  1 
ATOM   618  C  C   . GLN A 1 84  ? -7.769  -0.741  6.698   1.00 21.77 ? 84   GLN A C   1 
ATOM   619  O  O   . GLN A 1 84  ? -7.186  0.097   7.412   1.00 22.43 ? 84   GLN A O   1 
ATOM   620  C  CB  . GLN A 1 84  ? -10.216 -0.163  6.400   1.00 18.16 ? 84   GLN A CB  1 
ATOM   621  C  CG  . GLN A 1 84  ? -11.210 0.449   5.412   1.00 32.10 ? 84   GLN A CG  1 
ATOM   622  N  N   . ALA A 1 85  ? -7.588  -2.048  6.881   1.00 21.25 ? 85   ALA A N   1 
ATOM   623  C  CA  . ALA A 1 85  ? -6.536  -2.533  7.757   1.00 23.15 ? 85   ALA A CA  1 
ATOM   624  C  C   . ALA A 1 85  ? -5.161  -2.063  7.295   1.00 23.51 ? 85   ALA A C   1 
ATOM   625  O  O   . ALA A 1 85  ? -4.303  -1.647  8.101   1.00 20.05 ? 85   ALA A O   1 
ATOM   626  C  CB  . ALA A 1 85  ? -6.552  -4.026  7.999   1.00 25.22 ? 85   ALA A CB  1 
ATOM   627  N  N   . PHE A 1 86  ? -4.906  -2.262  6.007   1.00 19.28 ? 86   PHE A N   1 
ATOM   628  C  CA  . PHE A 1 86  ? -3.642  -1.821  5.409   1.00 16.66 ? 86   PHE A CA  1 
ATOM   629  C  C   . PHE A 1 86  ? -3.500  -0.314  5.601   1.00 15.00 ? 86   PHE A C   1 
ATOM   630  O  O   . PHE A 1 86  ? -2.392  0.090   6.045   1.00 14.49 ? 86   PHE A O   1 
ATOM   631  C  CB  . PHE A 1 86  ? -3.688  -2.089  3.880   1.00 14.98 ? 86   PHE A CB  1 
ATOM   632  C  CG  . PHE A 1 86  ? -2.659  -1.330  3.118   1.00 16.72 ? 86   PHE A CG  1 
ATOM   633  C  CD1 . PHE A 1 86  ? -1.306  -1.614  3.318   1.00 21.83 ? 86   PHE A CD1 1 
ATOM   634  C  CD2 . PHE A 1 86  ? -2.999  -0.336  2.185   1.00 11.10 ? 86   PHE A CD2 1 
ATOM   635  C  CE1 . PHE A 1 86  ? -0.354  -0.908  2.630   1.00 17.03 ? 86   PHE A CE1 1 
ATOM   636  C  CE2 . PHE A 1 86  ? -2.026  0.351   1.489   1.00 16.37 ? 86   PHE A CE2 1 
ATOM   637  C  CZ  . PHE A 1 86  ? -0.683  0.067   1.700   1.00 16.26 ? 86   PHE A CZ  1 
ATOM   638  N  N   . GLN A 1 87  ? -4.545  0.458   5.383   1.00 13.57 ? 87   GLN A N   1 
ATOM   639  C  CA  . GLN A 1 87  ? -4.353  1.910   5.537   1.00 18.28 ? 87   GLN A CA  1 
ATOM   640  C  C   . GLN A 1 87  ? -4.087  2.336   6.986   1.00 17.96 ? 87   GLN A C   1 
ATOM   641  O  O   . GLN A 1 87  ? -3.285  3.281   7.253   1.00 17.87 ? 87   GLN A O   1 
ATOM   642  C  CB  . GLN A 1 87  ? -5.522  2.679   4.941   1.00 14.62 ? 87   GLN A CB  1 
ATOM   643  C  CG  . GLN A 1 87  ? -5.476  2.528   3.384   1.00 18.80 ? 87   GLN A CG  1 
ATOM   644  C  CD  . GLN A 1 87  ? -6.320  3.660   2.750   1.00 23.26 ? 87   GLN A CD  1 
ATOM   645  O  OE1 . GLN A 1 87  ? -5.846  4.806   2.676   1.00 23.80 ? 87   GLN A OE1 1 
ATOM   646  N  NE2 . GLN A 1 87  ? -7.502  3.299   2.361   1.00 23.14 ? 87   GLN A NE2 1 
ATOM   647  N  N   . ASP A 1 88  ? -4.698  1.612   7.926   1.00 12.85 ? 88   ASP A N   1 
ATOM   648  C  CA  . ASP A 1 88  ? -4.379  1.847   9.342   1.00 14.78 ? 88   ASP A CA  1 
ATOM   649  C  C   . ASP A 1 88  ? -2.943  1.524   9.647   1.00 15.13 ? 88   ASP A C   1 
ATOM   650  O  O   . ASP A 1 88  ? -2.276  2.156   10.497  1.00 16.02 ? 88   ASP A O   1 
ATOM   651  C  CB  . ASP A 1 88  ? -5.265  0.995   10.287  1.00 17.13 ? 88   ASP A CB  1 
ATOM   652  C  CG  . ASP A 1 88  ? -6.728  1.384   10.353  1.00 22.91 ? 88   ASP A CG  1 
ATOM   653  O  OD1 . ASP A 1 88  ? -7.118  2.503   9.991   1.00 27.07 ? 88   ASP A OD1 1 
ATOM   654  O  OD2 . ASP A 1 88  ? -7.529  0.501   10.753  1.00 29.40 ? 88   ASP A OD2 1 
ATOM   655  N  N   . ASN A 1 89  ? -2.368  0.488   9.022   1.00 15.81 ? 89   ASN A N   1 
ATOM   656  C  CA  . ASN A 1 89  ? -0.972  0.135   9.220   1.00 19.62 ? 89   ASN A CA  1 
ATOM   657  C  C   . ASN A 1 89  ? -0.083  1.227   8.651   1.00 21.26 ? 89   ASN A C   1 
ATOM   658  O  O   . ASN A 1 89  ? 0.990   1.533   9.235   1.00 20.06 ? 89   ASN A O   1 
ATOM   659  C  CB  . ASN A 1 89  ? -0.564  -1.241  8.639   1.00 19.46 ? 89   ASN A CB  1 
ATOM   660  C  CG  . ASN A 1 89  ? -0.971  -2.324  9.674   1.00 25.82 ? 89   ASN A CG  1 
ATOM   661  O  OD1 . ASN A 1 89  ? -0.394  -2.459  10.754  1.00 28.78 ? 89   ASN A OD1 1 
ATOM   662  N  ND2 . ASN A 1 89  ? -1.989  -3.103  9.380   1.00 24.67 ? 89   ASN A ND2 1 
ATOM   663  N  N   . ILE A 1 90  ? -0.553  1.860   7.544   1.00 16.16 ? 90   ILE A N   1 
ATOM   664  C  CA  . ILE A 1 90  ? 0.237   3.001   7.039   1.00 14.85 ? 90   ILE A CA  1 
ATOM   665  C  C   . ILE A 1 90  ? 0.145   4.148   8.038   1.00 16.58 ? 90   ILE A C   1 
ATOM   666  O  O   . ILE A 1 90  ? 1.164   4.839   8.268   1.00 15.48 ? 90   ILE A O   1 
ATOM   667  C  CB  . ILE A 1 90  ? -0.299  3.413   5.670   1.00 16.29 ? 90   ILE A CB  1 
ATOM   668  C  CG1 . ILE A 1 90  ? 0.011   2.381   4.556   1.00 14.24 ? 90   ILE A CG1 1 
ATOM   669  C  CG2 . ILE A 1 90  ? 0.208   4.792   5.237   1.00 17.00 ? 90   ILE A CG2 1 
ATOM   670  C  CD1 . ILE A 1 90  ? 1.482   2.138   4.215   1.00 15.37 ? 90   ILE A CD1 1 
ATOM   671  N  N   . VAL A 1 91  ? -0.984  4.349   8.737   1.00 15.90 ? 91   VAL A N   1 
ATOM   672  C  CA  . VAL A 1 91  ? -1.002  5.396   9.803   1.00 14.93 ? 91   VAL A CA  1 
ATOM   673  C  C   . VAL A 1 91  ? 0.094   5.154   10.835  1.00 16.78 ? 91   VAL A C   1 
ATOM   674  O  O   . VAL A 1 91  ? 0.846   6.060   11.284  1.00 16.70 ? 91   VAL A O   1 
ATOM   675  C  CB  . VAL A 1 91  ? -2.394  5.522   10.449  1.00 17.49 ? 91   VAL A CB  1 
ATOM   676  C  CG1 . VAL A 1 91  ? -2.413  6.512   11.633  1.00 16.35 ? 91   VAL A CG1 1 
ATOM   677  C  CG2 . VAL A 1 91  ? -3.379  6.105   9.414   1.00 23.30 ? 91   VAL A CG2 1 
ATOM   678  N  N   . LYS A 1 92  ? 0.205   3.899   11.322  1.00 17.22 ? 92   LYS A N   1 
ATOM   679  C  CA  . LYS A 1 92  ? 1.249   3.572   12.320  1.00 20.39 ? 92   LYS A CA  1 
ATOM   680  C  C   . LYS A 1 92  ? 2.659   3.791   11.780  1.00 16.03 ? 92   LYS A C   1 
ATOM   681  O  O   . LYS A 1 92  ? 3.561   4.227   12.548  1.00 15.29 ? 92   LYS A O   1 
ATOM   682  C  CB  . LYS A 1 92  ? 1.109   2.108   12.690  1.00 21.30 ? 92   LYS A CB  1 
ATOM   683  C  CG  . LYS A 1 92  ? -0.095  1.701   13.521  1.00 34.41 ? 92   LYS A CG  1 
ATOM   684  C  CD  . LYS A 1 92  ? -0.265  0.189   13.486  1.00 43.09 ? 92   LYS A CD  1 
ATOM   685  C  CE  . LYS A 1 92  ? 1.039   -0.595  13.638  1.00 36.76 ? 92   LYS A CE  1 
ATOM   686  N  NZ  . LYS A 1 92  ? 0.901   -1.933  12.971  1.00 39.03 ? 92   LYS A NZ  1 
ATOM   687  N  N   . LEU A 1 93  ? 2.896   3.619   10.495  1.00 15.70 ? 93   LEU A N   1 
ATOM   688  C  CA  . LEU A 1 93  ? 4.206   3.866   9.876   1.00 16.68 ? 93   LEU A CA  1 
ATOM   689  C  C   . LEU A 1 93  ? 4.472   5.377   9.909   1.00 16.30 ? 93   LEU A C   1 
ATOM   690  O  O   . LEU A 1 93  ? 5.582   5.885   10.117  1.00 20.71 ? 93   LEU A O   1 
ATOM   691  C  CB  . LEU A 1 93  ? 4.302   3.208   8.479   1.00 15.96 ? 93   LEU A CB  1 
ATOM   692  C  CG  . LEU A 1 93  ? 5.608   3.369   7.710   1.00 16.67 ? 93   LEU A CG  1 
ATOM   693  C  CD1 . LEU A 1 93  ? 6.719   2.502   8.287   1.00 18.50 ? 93   LEU A CD1 1 
ATOM   694  C  CD2 . LEU A 1 93  ? 5.368   2.939   6.248   1.00 16.42 ? 93   LEU A CD2 1 
ATOM   695  N  N   . SER A 1 94  ? 3.432   6.128   9.524   1.00 15.48 ? 94   SER A N   1 
ATOM   696  C  CA  . SER A 1 94  ? 3.519   7.576   9.535   1.00 19.09 ? 94   SER A CA  1 
ATOM   697  C  C   . SER A 1 94  ? 3.929   8.050   10.931  1.00 19.36 ? 94   SER A C   1 
ATOM   698  O  O   . SER A 1 94  ? 4.723   8.979   11.106  1.00 16.90 ? 94   SER A O   1 
ATOM   699  C  CB  . SER A 1 94  ? 2.194   8.264   9.200   1.00 19.90 ? 94   SER A CB  1 
ATOM   700  O  OG  . SER A 1 94  ? 1.818   8.016   7.858   1.00 29.49 ? 94   SER A OG  1 
ATOM   701  N  N   . ALA A 1 95  ? 3.212   7.561   11.954  1.00 20.45 ? 95   ALA A N   1 
ATOM   702  C  CA  . ALA A 1 95  ? 3.476   7.955   13.348  1.00 23.27 ? 95   ALA A CA  1 
ATOM   703  C  C   . ALA A 1 95  ? 4.919   7.607   13.674  1.00 19.62 ? 95   ALA A C   1 
ATOM   704  O  O   . ALA A 1 95  ? 5.583   8.447   14.314  1.00 19.97 ? 95   ALA A O   1 
ATOM   705  C  CB  . ALA A 1 95  ? 2.503   7.300   14.317  1.00 24.49 ? 95   ALA A CB  1 
ATOM   706  N  N   . ALA A 1 96  ? 5.471   6.459   13.393  1.00 18.69 ? 96   ALA A N   1 
ATOM   707  C  CA  . ALA A 1 96  ? 6.844   6.124   13.641  1.00 17.53 ? 96   ALA A CA  1 
ATOM   708  C  C   . ALA A 1 96  ? 7.802   7.038   12.866  1.00 22.63 ? 96   ALA A C   1 
ATOM   709  O  O   . ALA A 1 96  ? 8.796   7.499   13.480  1.00 17.49 ? 96   ALA A O   1 
ATOM   710  C  CB  . ALA A 1 96  ? 7.205   4.694   13.310  1.00 17.32 ? 96   ALA A CB  1 
ATOM   711  N  N   . ALA A 1 97  ? 7.497   7.314   11.583  1.00 19.25 ? 97   ALA A N   1 
ATOM   712  C  CA  . ALA A 1 97  ? 8.390   8.184   10.822  1.00 18.01 ? 97   ALA A CA  1 
ATOM   713  C  C   . ALA A 1 97  ? 8.364   9.603   11.378  1.00 23.69 ? 97   ALA A C   1 
ATOM   714  O  O   . ALA A 1 97  ? 9.410   10.274  11.501  1.00 21.23 ? 97   ALA A O   1 
ATOM   715  C  CB  . ALA A 1 97  ? 7.942   8.246   9.352   1.00 18.76 ? 97   ALA A CB  1 
ATOM   716  N  N   . ASP A 1 98  ? 7.172   10.086  11.739  1.00 20.16 ? 98   ASP A N   1 
ATOM   717  C  CA  . ASP A 1 98  ? 7.023   11.404  12.339  1.00 20.80 ? 98   ASP A CA  1 
ATOM   718  C  C   . ASP A 1 98  ? 7.701   11.472  13.691  1.00 26.06 ? 98   ASP A C   1 
ATOM   719  O  O   . ASP A 1 98  ? 8.191   12.556  14.089  1.00 28.04 ? 98   ASP A O   1 
ATOM   720  C  CB  . ASP A 1 98  ? 5.540   11.814  12.481  1.00 25.08 ? 98   ASP A CB  1 
ATOM   721  C  CG  . ASP A 1 98  ? 4.872   12.110  11.161  1.00 31.23 ? 98   ASP A CG  1 
ATOM   722  O  OD1 . ASP A 1 98  ? 5.463   12.101  10.063  1.00 26.10 ? 98   ASP A OD1 1 
ATOM   723  O  OD2 . ASP A 1 98  ? 3.648   12.369  11.076  1.00 32.09 ? 98   ASP A OD2 1 
ATOM   724  N  N   . ALA A 1 99  ? 7.853   10.354  14.423  1.00 27.25 ? 99   ALA A N   1 
ATOM   725  C  CA  . ALA A 1 99  ? 8.523   10.370  15.702  1.00 25.49 ? 99   ALA A CA  1 
ATOM   726  C  C   . ALA A 1 99  ? 10.048  10.250  15.545  1.00 30.17 ? 99   ALA A C   1 
ATOM   727  O  O   . ALA A 1 99  ? 10.779  10.490  16.517  1.00 24.74 ? 99   ALA A O   1 
ATOM   728  C  CB  . ALA A 1 99  ? 8.029   9.268   16.616  1.00 28.23 ? 99   ALA A CB  1 
ATOM   729  N  N   . GLY A 1 100 ? 10.553  9.801   14.400  1.00 21.29 ? 100  GLY A N   1 
ATOM   730  C  CA  . GLY A 1 100 ? 11.963  9.694   14.079  1.00 21.22 ? 100  GLY A CA  1 
ATOM   731  C  C   . GLY A 1 100 ? 12.642  8.619   14.875  1.00 24.54 ? 100  GLY A C   1 
ATOM   732  O  O   . GLY A 1 100 ? 13.801  8.603   15.225  1.00 20.82 ? 100  GLY A O   1 
ATOM   733  N  N   . ASP A 1 101 ? 11.856  7.573   15.074  1.00 24.92 ? 101  ASP A N   1 
ATOM   734  C  CA  . ASP A 1 101 ? 12.257  6.434   15.905  1.00 23.50 ? 101  ASP A CA  1 
ATOM   735  C  C   . ASP A 1 101 ? 12.441  5.255   14.968  1.00 24.17 ? 101  ASP A C   1 
ATOM   736  O  O   . ASP A 1 101 ? 11.423  4.687   14.538  1.00 22.54 ? 101  ASP A O   1 
ATOM   737  C  CB  . ASP A 1 101 ? 11.030  6.323   16.817  1.00 22.19 ? 101  ASP A CB  1 
ATOM   738  C  CG  . ASP A 1 101 ? 11.028  5.144   17.752  1.00 34.81 ? 101  ASP A CG  1 
ATOM   739  O  OD1 . ASP A 1 101 ? 11.865  4.260   17.538  1.00 27.73 ? 101  ASP A OD1 1 
ATOM   740  O  OD2 . ASP A 1 101 ? 10.161  5.123   18.673  1.00 46.44 ? 101  ASP A OD2 1 
ATOM   741  N  N   . LEU A 1 102 ? 13.658  4.836   14.774  1.00 21.38 ? 102  LEU A N   1 
ATOM   742  C  CA  . LEU A 1 102 ? 13.920  3.754   13.836  1.00 29.35 ? 102  LEU A CA  1 
ATOM   743  C  C   . LEU A 1 102 ? 13.368  2.406   14.308  1.00 28.55 ? 102  LEU A C   1 
ATOM   744  O  O   . LEU A 1 102 ? 13.022  1.581   13.449  1.00 22.95 ? 102  LEU A O   1 
ATOM   745  C  CB  . LEU A 1 102 ? 15.384  3.716   13.496  1.00 25.46 ? 102  LEU A CB  1 
ATOM   746  C  CG  . LEU A 1 102 ? 15.961  2.570   12.675  1.00 26.99 ? 102  LEU A CG  1 
ATOM   747  C  CD1 . LEU A 1 102 ? 15.425  2.616   11.238  1.00 23.89 ? 102  LEU A CD1 1 
ATOM   748  C  CD2 . LEU A 1 102 ? 17.490  2.660   12.635  1.00 27.53 ? 102  LEU A CD2 1 
ATOM   749  N  N   . ASP A 1 103 ? 13.395  2.087   15.605  1.00 26.35 ? 103  ASP A N   1 
ATOM   750  C  CA  . ASP A 1 103 ? 12.848  0.780   16.022  1.00 26.79 ? 103  ASP A CA  1 
ATOM   751  C  C   . ASP A 1 103 ? 11.362  0.690   15.745  1.00 22.87 ? 103  ASP A C   1 
ATOM   752  O  O   . ASP A 1 103 ? 10.825  -0.340  15.346  1.00 23.23 ? 103  ASP A O   1 
ATOM   753  C  CB  . ASP A 1 103 ? 12.906  0.641   17.575  1.00 31.64 ? 103  ASP A CB  1 
ATOM   754  C  CG  . ASP A 1 103 ? 14.387  0.368   17.864  1.00 41.63 ? 103  ASP A CG  1 
ATOM   755  O  OD1 . ASP A 1 103 ? 14.785  -0.711  17.376  1.00 41.56 ? 103  ASP A OD1 1 
ATOM   756  O  OD2 . ASP A 1 103 ? 15.012  1.250   18.477  1.00 48.83 ? 103  ASP A OD2 1 
ATOM   757  N  N   . LYS A 1 104 ? 10.672  1.790   16.098  1.00 20.70 ? 104  LYS A N   1 
ATOM   758  C  CA  . LYS A 1 104 ? 9.259   1.864   15.781  1.00 18.84 ? 104  LYS A CA  1 
ATOM   759  C  C   . LYS A 1 104 ? 9.042   1.772   14.250  1.00 19.90 ? 104  LYS A C   1 
ATOM   760  O  O   . LYS A 1 104 ? 8.051   1.200   13.794  1.00 18.77 ? 104  LYS A O   1 
ATOM   761  C  CB  . LYS A 1 104 ? 8.585   3.151   16.219  1.00 31.04 ? 104  LYS A CB  1 
ATOM   762  C  CG  . LYS A 1 104 ? 8.145   3.109   17.685  1.00 35.12 ? 104  LYS A CG  1 
ATOM   763  C  CD  . LYS A 1 104 ? 7.339   4.369   17.994  1.00 42.85 ? 104  LYS A CD  1 
ATOM   764  C  CE  . LYS A 1 104 ? 6.747   4.412   19.397  1.00 46.17 ? 104  LYS A CE  1 
ATOM   765  N  NZ  . LYS A 1 104 ? 5.375   3.822   19.389  1.00 34.00 ? 104  LYS A NZ  1 
ATOM   766  N  N   . LEU A 1 105 ? 9.867   2.425   13.450  1.00 20.88 ? 105  LEU A N   1 
ATOM   767  C  CA  . LEU A 1 105 ? 9.704   2.368   12.009  1.00 17.93 ? 105  LEU A CA  1 
ATOM   768  C  C   . LEU A 1 105 ? 9.858   0.921   11.575  1.00 19.18 ? 105  LEU A C   1 
ATOM   769  O  O   . LEU A 1 105 ? 9.099   0.487   10.708  1.00 17.21 ? 105  LEU A O   1 
ATOM   770  C  CB  . LEU A 1 105 ? 10.723  3.284   11.305  1.00 17.42 ? 105  LEU A CB  1 
ATOM   771  C  CG  . LEU A 1 105 ? 10.529  3.449   9.780   1.00 16.05 ? 105  LEU A CG  1 
ATOM   772  C  CD1 . LEU A 1 105 ? 9.504   4.573   9.581   1.00 14.72 ? 105  LEU A CD1 1 
ATOM   773  C  CD2 . LEU A 1 105 ? 11.860  3.698   9.123   1.00 22.41 ? 105  LEU A CD2 1 
ATOM   774  N  N   . ARG A 1 106 ? 10.924  0.236   12.022  1.00 16.77 ? 106  ARG A N   1 
ATOM   775  C  CA  . ARG A 1 106 ? 11.076  -1.125  11.479  1.00 22.74 ? 106  ARG A CA  1 
ATOM   776  C  C   . ARG A 1 106 ? 9.888   -2.012  11.814  1.00 19.71 ? 106  ARG A C   1 
ATOM   777  O  O   . ARG A 1 106 ? 9.480   -2.811  10.985  1.00 19.62 ? 106  ARG A O   1 
ATOM   778  C  CB  . ARG A 1 106 ? 12.404  -1.690  11.927  1.00 22.67 ? 106  ARG A CB  1 
ATOM   779  C  CG  . ARG A 1 106 ? 12.651  -2.060  13.350  1.00 33.98 ? 106  ARG A CG  1 
ATOM   780  C  CD  . ARG A 1 106 ? 14.204  -2.204  13.558  1.00 40.49 ? 106  ARG A CD  1 
ATOM   781  N  NE  . ARG A 1 106 ? 14.378  -2.838  14.882  1.00 46.05 ? 106  ARG A NE  1 
ATOM   782  C  CZ  . ARG A 1 106 ? 14.806  -4.087  15.091  1.00 48.04 ? 106  ARG A CZ  1 
ATOM   783  N  NH1 . ARG A 1 106 ? 15.156  -4.838  14.047  1.00 32.94 ? 106  ARG A NH1 1 
ATOM   784  N  NH2 . ARG A 1 106 ? 14.927  -4.559  16.344  1.00 39.12 ? 106  ARG A NH2 1 
ATOM   785  N  N   . ALA A 1 107 ? 9.324   -1.910  13.021  1.00 18.55 ? 107  ALA A N   1 
ATOM   786  C  CA  . ALA A 1 107 ? 8.136   -2.684  13.369  1.00 23.49 ? 107  ALA A CA  1 
ATOM   787  C  C   . ALA A 1 107 ? 6.930   -2.279  12.538  1.00 20.25 ? 107  ALA A C   1 
ATOM   788  O  O   . ALA A 1 107 ? 6.260   -3.144  11.967  1.00 20.00 ? 107  ALA A O   1 
ATOM   789  C  CB  . ALA A 1 107 ? 7.813   -2.314  14.842  1.00 20.29 ? 107  ALA A CB  1 
ATOM   790  N  N   . ALA A 1 108 ? 6.671   -0.976  12.405  1.00 16.85 ? 108  ALA A N   1 
ATOM   791  C  CA  . ALA A 1 108 ? 5.602   -0.500  11.530  1.00 19.09 ? 108  ALA A CA  1 
ATOM   792  C  C   . ALA A 1 108 ? 5.748   -1.108  10.099  1.00 21.35 ? 108  ALA A C   1 
ATOM   793  O  O   . ALA A 1 108 ? 4.763   -1.423  9.453   1.00 19.04 ? 108  ALA A O   1 
ATOM   794  C  CB  . ALA A 1 108 ? 5.579   1.013   11.482  1.00 22.37 ? 108  ALA A CB  1 
ATOM   795  N  N   . PHE A 1 109 ? 6.953   -0.985  9.576   1.00 18.07 ? 109  PHE A N   1 
ATOM   796  C  CA  . PHE A 1 109 ? 7.274   -1.449  8.224   1.00 16.58 ? 109  PHE A CA  1 
ATOM   797  C  C   . PHE A 1 109 ? 6.932   -2.895  8.168   1.00 18.14 ? 109  PHE A C   1 
ATOM   798  O  O   . PHE A 1 109 ? 6.507   -3.344  7.055   1.00 17.22 ? 109  PHE A O   1 
ATOM   799  C  CB  . PHE A 1 109 ? 8.764   -1.147  7.983   1.00 13.54 ? 109  PHE A CB  1 
ATOM   800  C  CG  . PHE A 1 109 ? 9.220   -1.431  6.578   1.00 14.63 ? 109  PHE A CG  1 
ATOM   801  C  CD1 . PHE A 1 109 ? 9.663   -2.704  6.212   1.00 16.39 ? 109  PHE A CD1 1 
ATOM   802  C  CD2 . PHE A 1 109 ? 9.200   -0.393  5.664   1.00 14.97 ? 109  PHE A CD2 1 
ATOM   803  C  CE1 . PHE A 1 109 ? 10.109  -2.898  4.906   1.00 22.50 ? 109  PHE A CE1 1 
ATOM   804  C  CE2 . PHE A 1 109 ? 9.657   -0.603  4.360   1.00 17.74 ? 109  PHE A CE2 1 
ATOM   805  C  CZ  . PHE A 1 109 ? 10.112  -1.864  3.995   1.00 22.03 ? 109  PHE A CZ  1 
ATOM   806  N  N   . GLY A 1 110 ? 7.297   -3.770  9.099   1.00 18.42 ? 110  GLY A N   1 
ATOM   807  C  CA  . GLY A 1 110 ? 6.979   -5.197  8.941   1.00 19.95 ? 110  GLY A CA  1 
ATOM   808  C  C   . GLY A 1 110 ? 5.452   -5.338  8.975   1.00 16.86 ? 110  GLY A C   1 
ATOM   809  O  O   . GLY A 1 110 ? 4.986   -6.223  8.257   1.00 18.93 ? 110  GLY A O   1 
ATOM   810  N  N   . ASP A 1 111 ? 4.760   -4.575  9.798   1.00 18.11 ? 111  ASP A N   1 
ATOM   811  C  CA  . ASP A 1 111 ? 3.295   -4.759  9.876   1.00 18.38 ? 111  ASP A CA  1 
ATOM   812  C  C   . ASP A 1 111 ? 2.682   -4.398  8.521   1.00 20.17 ? 111  ASP A C   1 
ATOM   813  O  O   . ASP A 1 111 ? 1.688   -5.037  8.113   1.00 18.32 ? 111  ASP A O   1 
ATOM   814  C  CB  . ASP A 1 111 ? 2.653   -3.952  11.014  1.00 23.55 ? 111  ASP A CB  1 
ATOM   815  C  CG  . ASP A 1 111 ? 3.108   -4.419  12.408  1.00 28.54 ? 111  ASP A CG  1 
ATOM   816  O  OD1 . ASP A 1 111 ? 3.611   -5.555  12.556  1.00 24.35 ? 111  ASP A OD1 1 
ATOM   817  O  OD2 . ASP A 1 111 ? 2.978   -3.650  13.379  1.00 23.22 ? 111  ASP A OD2 1 
ATOM   818  N  N   . VAL A 1 112 ? 3.162   -3.330  7.910   1.00 15.98 ? 112  VAL A N   1 
ATOM   819  C  CA  . VAL A 1 112 ? 2.672   -2.873  6.619   1.00 15.71 ? 112  VAL A CA  1 
ATOM   820  C  C   . VAL A 1 112 ? 2.912   -3.988  5.607   1.00 18.57 ? 112  VAL A C   1 
ATOM   821  O  O   . VAL A 1 112 ? 1.949   -4.307  4.879   1.00 16.66 ? 112  VAL A O   1 
ATOM   822  C  CB  . VAL A 1 112 ? 3.271   -1.560  6.120   1.00 19.01 ? 112  VAL A CB  1 
ATOM   823  C  CG1 . VAL A 1 112 ? 2.969   -1.264  4.642   1.00 13.17 ? 112  VAL A CG1 1 
ATOM   824  C  CG2 . VAL A 1 112 ? 2.811   -0.349  6.972   1.00 15.48 ? 112  VAL A CG2 1 
ATOM   825  N  N   . GLY A 1 113 ? 4.093   -4.563  5.525   1.00 16.93 ? 113  GLY A N   1 
ATOM   826  C  CA  . GLY A 1 113 ? 4.396   -5.604  4.557   1.00 18.42 ? 113  GLY A CA  1 
ATOM   827  C  C   . GLY A 1 113 ? 3.443   -6.788  4.757   1.00 18.77 ? 113  GLY A C   1 
ATOM   828  O  O   . GLY A 1 113 ? 3.091   -7.406  3.762   1.00 16.77 ? 113  GLY A O   1 
ATOM   829  N  N   . ALA A 1 114 ? 3.293   -7.262  6.004   1.00 18.44 ? 114  ALA A N   1 
ATOM   830  C  CA  . ALA A 1 114 ? 2.367   -8.378  6.253   1.00 21.76 ? 114  ALA A CA  1 
ATOM   831  C  C   . ALA A 1 114 ? 0.975   -8.046  5.702   1.00 18.37 ? 114  ALA A C   1 
ATOM   832  O  O   . ALA A 1 114 ? 0.293   -8.953  5.175   1.00 17.85 ? 114  ALA A O   1 
ATOM   833  C  CB  . ALA A 1 114 ? 2.184   -8.646  7.795   1.00 14.96 ? 114  ALA A CB  1 
ATOM   834  N  N   . SER A 1 115 ? 0.536   -6.797  5.851   1.00 16.30 ? 115  SER A N   1 
ATOM   835  C  CA  . SER A 1 115 ? -0.851  -6.514  5.410   1.00 18.67 ? 115  SER A CA  1 
ATOM   836  C  C   . SER A 1 115 ? -0.893  -6.409  3.895   1.00 19.66 ? 115  SER A C   1 
ATOM   837  O  O   . SER A 1 115 ? -1.928  -6.786  3.308   1.00 16.54 ? 115  SER A O   1 
ATOM   838  C  CB  . SER A 1 115 ? -1.455  -5.294  6.135   1.00 19.71 ? 115  SER A CB  1 
ATOM   839  O  OG  . SER A 1 115 ? -0.699  -4.198  5.653   1.00 42.01 ? 115  SER A OG  1 
ATOM   840  N  N   . CYS A 1 116 ? 0.199   -5.992  3.233   1.00 14.67 ? 116  CYS A N   1 
ATOM   841  C  CA  . CYS A 1 116 ? 0.153   -6.059  1.761   1.00 16.35 ? 116  CYS A CA  1 
ATOM   842  C  C   . CYS A 1 116 ? -0.101  -7.523  1.342   1.00 16.91 ? 116  CYS A C   1 
ATOM   843  O  O   . CYS A 1 116 ? -0.939  -7.931  0.535   1.00 15.90 ? 116  CYS A O   1 
ATOM   844  C  CB  . CYS A 1 116 ? 1.549   -5.684  1.235   1.00 16.37 ? 116  CYS A CB  1 
ATOM   845  S  SG  . CYS A 1 116 ? 2.174   -4.026  1.663   1.00 14.38 ? 116  CYS A SG  1 
ATOM   846  N  N   . LYS A 1 117 ? 0.725   -8.411  1.889   1.00 20.05 ? 117  LYS A N   1 
ATOM   847  C  CA  . LYS A 1 117 ? 0.793   -9.825  1.594   1.00 22.58 ? 117  LYS A CA  1 
ATOM   848  C  C   . LYS A 1 117 ? -0.510  -10.527 1.999   1.00 20.03 ? 117  LYS A C   1 
ATOM   849  O  O   . LYS A 1 117 ? -1.017  -11.257 1.138   1.00 20.54 ? 117  LYS A O   1 
ATOM   850  C  CB  . LYS A 1 117 ? 1.941   -10.582 2.260   1.00 26.00 ? 117  LYS A CB  1 
ATOM   851  C  CG  . LYS A 1 117 ? 2.007   -12.081 1.939   1.00 30.35 ? 117  LYS A CG  1 
ATOM   852  C  CD  . LYS A 1 117 ? 3.077   -12.693 2.853   1.00 30.74 ? 117  LYS A CD  1 
ATOM   853  C  CE  . LYS A 1 117 ? 2.826   -14.174 3.122   1.00 45.67 ? 117  LYS A CE  1 
ATOM   854  N  NZ  . LYS A 1 117 ? 2.526   -14.877 1.839   1.00 39.85 ? 117  LYS A NZ  1 
ATOM   855  N  N   . ALA A 1 118 ? -1.114  -10.061 3.079   1.00 20.21 ? 118  ALA A N   1 
ATOM   856  C  CA  . ALA A 1 118 ? -2.399  -10.688 3.483   1.00 20.16 ? 118  ALA A CA  1 
ATOM   857  C  C   . ALA A 1 118 ? -3.470  -10.496 2.420   1.00 22.66 ? 118  ALA A C   1 
ATOM   858  O  O   . ALA A 1 118 ? -4.003  -11.473 1.882   1.00 20.93 ? 118  ALA A O   1 
ATOM   859  C  CB  . ALA A 1 118 ? -2.867  -10.093 4.801   1.00 15.38 ? 118  ALA A CB  1 
ATOM   860  N  N   . CYS A 1 119 ? -3.603  -9.263  1.925   1.00 17.71 ? 119  CYS A N   1 
ATOM   861  C  CA  . CYS A 1 119 ? -4.511  -8.989  0.822   1.00 17.22 ? 119  CYS A CA  1 
ATOM   862  C  C   . CYS A 1 119 ? -4.142  -9.724  -0.439  1.00 19.44 ? 119  CYS A C   1 
ATOM   863  O  O   . CYS A 1 119 ? -5.042  -10.326 -1.051  1.00 17.35 ? 119  CYS A O   1 
ATOM   864  C  CB  . CYS A 1 119 ? -4.522  -7.472  0.606   1.00 16.40 ? 119  CYS A CB  1 
ATOM   865  S  SG  . CYS A 1 119 ? -5.743  -7.010  -0.670  1.00 14.15 ? 119  CYS A SG  1 
ATOM   866  N  N   . HIS A 1 120 ? -2.886  -9.718  -0.912  1.00 16.00 ? 120  HIS A N   1 
ATOM   867  C  CA  . HIS A 1 120 ? -2.529  -10.433 -2.115  1.00 20.29 ? 120  HIS A CA  1 
ATOM   868  C  C   . HIS A 1 120 ? -2.938  -11.919 -2.023  1.00 23.25 ? 120  HIS A C   1 
ATOM   869  O  O   . HIS A 1 120 ? -3.389  -12.467 -3.035  1.00 21.28 ? 120  HIS A O   1 
ATOM   870  C  CB  . HIS A 1 120 ? -1.014  -10.353 -2.423  1.00 23.00 ? 120  HIS A CB  1 
ATOM   871  C  CG  . HIS A 1 120 ? -0.607  -8.927  -2.736  1.00 16.65 ? 120  HIS A CG  1 
ATOM   872  N  ND1 . HIS A 1 120 ? 0.677   -8.475  -2.490  1.00 18.17 ? 120  HIS A ND1 1 
ATOM   873  C  CD2 . HIS A 1 120 ? -1.322  -7.869  -3.188  1.00 15.70 ? 120  HIS A CD2 1 
ATOM   874  C  CE1 . HIS A 1 120 ? 0.781   -7.207  -2.836  1.00 17.59 ? 120  HIS A CE1 1 
ATOM   875  N  NE2 . HIS A 1 120 ? -0.405  -6.805  -3.295  1.00 11.47 ? 120  HIS A NE2 1 
ATOM   876  N  N   . ASP A 1 121 ? -2.687  -12.531 -0.862  1.00 18.58 ? 121  ASP A N   1 
ATOM   877  C  CA  . ASP A 1 121 ? -3.015  -13.936 -0.680  1.00 24.99 ? 121  ASP A CA  1 
ATOM   878  C  C   . ASP A 1 121 ? -4.510  -14.201 -0.847  1.00 24.81 ? 121  ASP A C   1 
ATOM   879  O  O   . ASP A 1 121 ? -4.851  -15.175 -1.541  1.00 25.15 ? 121  ASP A O   1 
ATOM   880  C  CB  . ASP A 1 121 ? -2.474  -14.459 0.630   1.00 26.61 ? 121  ASP A CB  1 
ATOM   881  C  CG  . ASP A 1 121 ? -0.968  -14.564 0.833   1.00 24.67 ? 121  ASP A CG  1 
ATOM   882  O  OD1 . ASP A 1 121 ? -0.190  -14.553 -0.118  1.00 36.94 ? 121  ASP A OD1 1 
ATOM   883  O  OD2 . ASP A 1 121 ? -0.640  -14.672 2.024   1.00 31.63 ? 121  ASP A OD2 1 
ATOM   884  N  N   . ALA A 1 122 ? -5.395  -13.279 -0.475  1.00 21.62 ? 122  ALA A N   1 
ATOM   885  C  CA  . ALA A 1 122 ? -6.826  -13.466 -0.708  1.00 25.07 ? 122  ALA A CA  1 
ATOM   886  C  C   . ALA A 1 122 ? -7.343  -12.927 -2.019  1.00 21.92 ? 122  ALA A C   1 
ATOM   887  O  O   . ALA A 1 122 ? -8.280  -13.515 -2.584  1.00 21.54 ? 122  ALA A O   1 
ATOM   888  C  CB  . ALA A 1 122 ? -7.664  -12.791 0.416   1.00 22.30 ? 122  ALA A CB  1 
ATOM   889  N  N   . TYR A 1 123 ? -6.843  -11.831 -2.622  1.00 18.62 ? 123  TYR A N   1 
ATOM   890  C  CA  . TYR A 1 123 ? -7.477  -11.153 -3.710  1.00 14.29 ? 123  TYR A CA  1 
ATOM   891  C  C   . TYR A 1 123 ? -6.684  -10.885 -4.972  1.00 19.92 ? 123  TYR A C   1 
ATOM   892  O  O   . TYR A 1 123 ? -7.272  -10.281 -5.880  1.00 22.44 ? 123  TYR A O   1 
ATOM   893  C  CB  . TYR A 1 123 ? -7.978  -9.753  -3.226  1.00 15.42 ? 123  TYR A CB  1 
ATOM   894  C  CG  . TYR A 1 123 ? -9.042  -9.956  -2.165  1.00 18.62 ? 123  TYR A CG  1 
ATOM   895  C  CD1 . TYR A 1 123 ? -10.221 -10.592 -2.492  1.00 21.54 ? 123  TYR A CD1 1 
ATOM   896  C  CD2 . TYR A 1 123 ? -8.837  -9.480  -0.870  1.00 22.15 ? 123  TYR A CD2 1 
ATOM   897  C  CE1 . TYR A 1 123 ? -11.216 -10.786 -1.524  1.00 22.91 ? 123  TYR A CE1 1 
ATOM   898  C  CE2 . TYR A 1 123 ? -9.847  -9.640  0.087   1.00 22.71 ? 123  TYR A CE2 1 
ATOM   899  C  CZ  . TYR A 1 123 ? -11.014 -10.307 -0.265  1.00 26.52 ? 123  TYR A CZ  1 
ATOM   900  O  OH  . TYR A 1 123 ? -11.989 -10.484 0.688   1.00 23.37 ? 123  TYR A OH  1 
ATOM   901  N  N   . ARG A 1 124 ? -5.437  -11.303 -5.041  1.00 18.85 ? 124  ARG A N   1 
ATOM   902  C  CA  . ARG A 1 124 ? -4.613  -11.111 -6.219  1.00 21.02 ? 124  ARG A CA  1 
ATOM   903  C  C   . ARG A 1 124 ? -4.391  -12.502 -6.852  1.00 20.09 ? 124  ARG A C   1 
ATOM   904  O  O   . ARG A 1 124 ? -3.953  -13.437 -6.216  1.00 17.66 ? 124  ARG A O   1 
ATOM   905  C  CB  . ARG A 1 124 ? -3.281  -10.438 -5.944  1.00 19.27 ? 124  ARG A CB  1 
ATOM   906  C  CG  . ARG A 1 124 ? -2.461  -10.070 -7.191  1.00 22.69 ? 124  ARG A CG  1 
ATOM   907  C  CD  . ARG A 1 124 ? -1.172  -9.371  -6.788  1.00 21.69 ? 124  ARG A CD  1 
ATOM   908  N  NE  . ARG A 1 124 ? -0.174  -10.231 -6.115  1.00 18.50 ? 124  ARG A NE  1 
ATOM   909  C  CZ  . ARG A 1 124 ? 1.016   -9.747  -5.750  1.00 30.96 ? 124  ARG A CZ  1 
ATOM   910  N  NH1 . ARG A 1 124 ? 1.247   -8.454  -5.969  1.00 16.24 ? 124  ARG A NH1 1 
ATOM   911  N  NH2 . ARG A 1 124 ? 1.854   -10.605 -5.190  1.00 22.98 ? 124  ARG A NH2 1 
ATOM   912  N  N   . LYS A 1 125 ? -4.756  -12.584 -8.116  1.00 22.29 ? 125  LYS A N   1 
ATOM   913  C  CA  . LYS A 1 125 ? -4.609  -13.795 -8.916  1.00 29.15 ? 125  LYS A CA  1 
ATOM   914  C  C   . LYS A 1 125 ? -3.175  -14.318 -8.829  1.00 33.12 ? 125  LYS A C   1 
ATOM   915  O  O   . LYS A 1 125 ? -2.217  -13.548 -8.960  1.00 28.97 ? 125  LYS A O   1 
ATOM   916  C  CB  . LYS A 1 125 ? -4.969  -13.661 -10.423 1.00 23.94 ? 125  LYS A CB  1 
ATOM   917  C  CG  . LYS A 1 125 ? -6.383  -13.142 -10.660 1.00 27.89 ? 125  LYS A CG  1 
ATOM   918  C  CD  . LYS A 1 125 ? -6.734  -13.340 -12.159 1.00 34.26 ? 125  LYS A CD  1 
ATOM   919  C  CE  . LYS A 1 125 ? -8.121  -12.788 -12.464 1.00 30.19 ? 125  LYS A CE  1 
ATOM   920  N  NZ  . LYS A 1 125 ? -8.819  -13.621 -13.469 1.00 23.81 ? 125  LYS A NZ  1 
ATOM   921  N  N   . LYS A 1 126 ? -3.012  -15.597 -8.479  1.00 36.82 ? 126  LYS A N   1 
ATOM   922  C  CA  . LYS A 1 126 ? -1.681  -16.211 -8.589  1.00 44.93 ? 126  LYS A CA  1 
ATOM   923  C  C   . LYS A 1 126 ? -1.164  -16.160 -10.037 1.00 48.27 ? 126  LYS A C   1 
ATOM   924  O  O   . LYS A 1 126 ? -0.021  -15.700 -10.278 1.00 50.24 ? 126  LYS A O   1 
ATOM   925  C  CB  . LYS A 1 126 ? -1.659  -17.655 -8.102  1.00 50.43 ? 126  LYS A CB  1 
HETATM 926  FE FE  . HEC B 2 .   ? -1.005  -4.914  -3.969  1.00 19.60 ? 128  HEC A FE  1 
HETATM 927  C  CHA . HEC B 2 .   ? -1.127  -5.872  -7.258  1.00 14.45 ? 128  HEC A CHA 1 
HETATM 928  C  CHB . HEC B 2 .   ? 2.374   -4.236  -4.272  1.00 15.18 ? 128  HEC A CHB 1 
HETATM 929  C  CHC . HEC B 2 .   ? -0.950  -3.847  -0.683  1.00 14.67 ? 128  HEC A CHC 1 
HETATM 930  C  CHD . HEC B 2 .   ? -4.285  -5.765  -3.625  1.00 15.57 ? 128  HEC A CHD 1 
HETATM 931  N  NA  . HEC B 2 .   ? 0.336   -5.043  -5.448  1.00 17.21 ? 128  HEC A NA  1 
HETATM 932  C  C1A . HEC B 2 .   ? 0.092   -5.450  -6.766  1.00 20.48 ? 128  HEC A C1A 1 
HETATM 933  C  C2A . HEC B 2 .   ? 1.329   -5.375  -7.520  1.00 21.87 ? 128  HEC A C2A 1 
HETATM 934  C  C3A . HEC B 2 .   ? 2.274   -4.942  -6.675  1.00 22.71 ? 128  HEC A C3A 1 
HETATM 935  C  C4A . HEC B 2 .   ? 1.677   -4.723  -5.379  1.00 18.75 ? 128  HEC A C4A 1 
HETATM 936  C  CMA . HEC B 2 .   ? 3.777   -4.681  -6.960  1.00 22.86 ? 128  HEC A CMA 1 
HETATM 937  C  CAA . HEC B 2 .   ? 1.578   -5.752  -9.009  1.00 24.21 ? 128  HEC A CAA 1 
HETATM 938  C  CBA . HEC B 2 .   ? 0.916   -4.871  -10.010 1.00 31.75 ? 128  HEC A CBA 1 
HETATM 939  C  CGA . HEC B 2 .   ? 1.101   -4.498  -11.426 1.00 37.89 ? 128  HEC A CGA 1 
HETATM 940  O  O1A . HEC B 2 .   ? 0.342   -5.022  -12.296 1.00 29.21 ? 128  HEC A O1A 1 
HETATM 941  O  O2A . HEC B 2 .   ? 2.009   -3.647  -11.657 1.00 40.46 ? 128  HEC A O2A 1 
HETATM 942  N  NB  . HEC B 2 .   ? 0.398   -4.175  -2.750  1.00 16.80 ? 128  HEC A NB  1 
HETATM 943  C  C1B . HEC B 2 .   ? 1.745   -3.953  -3.060  1.00 13.48 ? 128  HEC A C1B 1 
HETATM 944  C  C2B . HEC B 2 .   ? 2.366   -3.364  -1.896  1.00 14.64 ? 128  HEC A C2B 1 
HETATM 945  C  C3B . HEC B 2 .   ? 1.489   -3.265  -0.908  1.00 12.32 ? 128  HEC A C3B 1 
HETATM 946  C  C4B . HEC B 2 .   ? 0.221   -3.783  -1.445  1.00 12.70 ? 128  HEC A C4B 1 
HETATM 947  C  CMB . HEC B 2 .   ? 3.861   -2.945  -1.868  1.00 19.39 ? 128  HEC A CMB 1 
HETATM 948  C  CAB . HEC B 2 .   ? 1.629   -2.671  0.517   1.00 12.36 ? 128  HEC A CAB 1 
HETATM 949  C  CBB . HEC B 2 .   ? 2.588   -1.620  0.639   1.00 15.62 ? 128  HEC A CBB 1 
HETATM 950  N  NC  . HEC B 2 .   ? -2.323  -4.851  -2.446  1.00 13.97 ? 128  HEC A NC  1 
HETATM 951  C  C1C . HEC B 2 .   ? -2.153  -4.369  -1.171  1.00 15.38 ? 128  HEC A C1C 1 
HETATM 952  C  C2C . HEC B 2 .   ? -3.405  -4.424  -0.448  1.00 14.37 ? 128  HEC A C2C 1 
HETATM 953  C  C3C . HEC B 2 .   ? -4.313  -4.981  -1.242  1.00 15.15 ? 128  HEC A C3C 1 
HETATM 954  C  C4C . HEC B 2 .   ? -3.653  -5.239  -2.523  1.00 16.38 ? 128  HEC A C4C 1 
HETATM 955  C  CMC . HEC B 2 .   ? -3.515  -3.989  1.027   1.00 13.33 ? 128  HEC A CMC 1 
HETATM 956  C  CAC . HEC B 2 .   ? -5.810  -5.227  -1.009  1.00 14.60 ? 128  HEC A CAC 1 
HETATM 957  C  CBC . HEC B 2 .   ? -6.348  -4.775  0.167   1.00 19.69 ? 128  HEC A CBC 1 
HETATM 958  N  ND  . HEC B 2 .   ? -2.437  -5.680  -5.178  1.00 12.29 ? 128  HEC A ND  1 
HETATM 959  C  C1D . HEC B 2 .   ? -3.754  -5.906  -4.884  1.00 12.83 ? 128  HEC A C1D 1 
HETATM 960  C  C2D . HEC B 2 .   ? -4.459  -6.354  -6.058  1.00 15.23 ? 128  HEC A C2D 1 
HETATM 961  C  C3D . HEC B 2 .   ? -3.591  -6.401  -7.054  1.00 14.90 ? 128  HEC A C3D 1 
HETATM 962  C  C4D . HEC B 2 .   ? -2.295  -5.983  -6.539  1.00 16.55 ? 128  HEC A C4D 1 
HETATM 963  C  CMD . HEC B 2 .   ? -5.983  -6.701  -6.096  1.00 14.36 ? 128  HEC A CMD 1 
HETATM 964  C  CAD . HEC B 2 .   ? -3.854  -6.757  -8.542  1.00 13.57 ? 128  HEC A CAD 1 
HETATM 965  C  CBD . HEC B 2 .   ? -4.316  -5.447  -9.280  1.00 17.03 ? 128  HEC A CBD 1 
HETATM 966  C  CGD . HEC B 2 .   ? -4.619  -5.632  -10.765 1.00 19.16 ? 128  HEC A CGD 1 
HETATM 967  O  O1D . HEC B 2 .   ? -3.760  -6.272  -11.404 1.00 19.54 ? 128  HEC A O1D 1 
HETATM 968  O  O2D . HEC B 2 .   ? -5.702  -5.185  -11.228 1.00 18.17 ? 128  HEC A O2D 1 
HETATM 969  C  C   . CMO C 3 .   ? -1.634  -3.003  -4.524  1.00 22.54 ? 130  CMO A C   1 
HETATM 970  O  O   . CMO C 3 .   ? -2.082  -1.963  -4.595  1.00 31.03 ? 130  CMO A O   1 
HETATM 971  C  C   . CMO D 3 .   ? 3.578   -10.909 -1.723  1.00 36.55 ? 131  CMO A C   1 
HETATM 972  O  O   . CMO D 3 .   ? 2.729   -10.152 -1.403  1.00 30.57 ? 131  CMO A O   1 
HETATM 973  O  O   . HOH E 4 .   ? -12.013 6.274   -8.896  1.00 24.09 ? 2001 HOH A O   1 
HETATM 974  O  O   . HOH E 4 .   ? -11.908 9.496   -18.704 1.00 29.20 ? 2002 HOH A O   1 
HETATM 975  O  O   . HOH E 4 .   ? -7.983  7.435   -17.139 1.00 25.38 ? 2003 HOH A O   1 
HETATM 976  O  O   . HOH E 4 .   ? -15.084 3.114   -14.994 1.00 38.47 ? 2004 HOH A O   1 
HETATM 977  O  O   . HOH E 4 .   ? -10.291 7.288   -18.802 1.00 20.70 ? 2005 HOH A O   1 
HETATM 978  O  O   . HOH E 4 .   ? -16.357 -0.624  -21.758 1.00 36.85 ? 2006 HOH A O   1 
HETATM 979  O  O   . HOH E 4 .   ? -4.748  1.302   -21.670 1.00 53.17 ? 2007 HOH A O   1 
HETATM 980  O  O   . HOH E 4 .   ? 7.358   -5.270  -6.492  1.00 35.74 ? 2008 HOH A O   1 
HETATM 981  O  O   . HOH E 4 .   ? -15.954 1.292   -16.744 1.00 50.23 ? 2009 HOH A O   1 
HETATM 982  O  O   . HOH E 4 .   ? -11.994 -5.027  -20.188 1.00 32.75 ? 2010 HOH A O   1 
HETATM 983  O  O   . HOH E 4 .   ? -5.423  -1.997  -18.790 1.00 33.01 ? 2011 HOH A O   1 
HETATM 984  O  O   . HOH E 4 .   ? -13.985 -2.055  -22.198 1.00 36.47 ? 2012 HOH A O   1 
HETATM 985  O  O   . HOH E 4 .   ? 13.183  18.605  8.888   1.00 44.72 ? 2013 HOH A O   1 
HETATM 986  O  O   . HOH E 4 .   ? -6.096  5.573   -16.343 1.00 33.23 ? 2014 HOH A O   1 
HETATM 987  O  O   . HOH E 4 .   ? -6.100  5.379   -19.863 1.00 50.45 ? 2015 HOH A O   1 
HETATM 988  O  O   . HOH E 4 .   ? -10.404 4.896   -22.696 1.00 31.28 ? 2016 HOH A O   1 
HETATM 989  O  O   . HOH E 4 .   ? -7.722  2.324   -22.368 1.00 42.63 ? 2017 HOH A O   1 
HETATM 990  O  O   . HOH E 4 .   ? 6.573   -3.072  -8.836  1.00 33.85 ? 2018 HOH A O   1 
HETATM 991  O  O   . HOH E 4 .   ? 9.663   -1.383  -6.376  1.00 32.99 ? 2019 HOH A O   1 
HETATM 992  O  O   . HOH E 4 .   ? 6.551   -4.958  -3.753  1.00 37.49 ? 2020 HOH A O   1 
HETATM 993  O  O   . HOH E 4 .   ? 8.998   -4.470  -0.728  1.00 38.42 ? 2021 HOH A O   1 
HETATM 994  O  O   . HOH E 4 .   ? 11.433  -1.425  -4.236  1.00 49.15 ? 2022 HOH A O   1 
HETATM 995  O  O   . HOH E 4 .   ? 10.181  10.610  -3.025  1.00 52.30 ? 2023 HOH A O   1 
HETATM 996  O  O   . HOH E 4 .   ? 18.321  2.828   0.411   1.00 20.82 ? 2024 HOH A O   1 
HETATM 997  O  O   . HOH E 4 .   ? 17.677  5.589   1.517   1.00 15.71 ? 2025 HOH A O   1 
HETATM 998  O  O   . HOH E 4 .   ? -18.742 -2.846  2.062   1.00 43.33 ? 2026 HOH A O   1 
HETATM 999  O  O   . HOH E 4 .   ? 19.061  -2.118  -2.141  1.00 38.06 ? 2027 HOH A O   1 
HETATM 1000 O  O   . HOH E 4 .   ? -2.813  -6.908  -16.435 1.00 38.10 ? 2028 HOH A O   1 
HETATM 1001 O  O   . HOH E 4 .   ? -2.966  -2.126  -17.756 1.00 47.62 ? 2029 HOH A O   1 
HETATM 1002 O  O   . HOH E 4 .   ? 11.314  16.810  8.848   1.00 29.59 ? 2030 HOH A O   1 
HETATM 1003 O  O   . HOH E 4 .   ? 8.108   16.139  5.548   1.00 30.57 ? 2031 HOH A O   1 
HETATM 1004 O  O   . HOH E 4 .   ? 12.297  17.258  4.171   1.00 48.41 ? 2032 HOH A O   1 
HETATM 1005 O  O   . HOH E 4 .   ? 8.715   14.589  -0.772  1.00 25.81 ? 2033 HOH A O   1 
HETATM 1006 O  O   . HOH E 4 .   ? 7.543   -0.537  -8.264  1.00 25.79 ? 2034 HOH A O   1 
HETATM 1007 O  O   . HOH E 4 .   ? -7.027  10.403  -1.922  1.00 22.94 ? 2035 HOH A O   1 
HETATM 1008 O  O   . HOH E 4 .   ? 7.687   -3.083  -2.391  1.00 26.31 ? 2036 HOH A O   1 
HETATM 1009 O  O   . HOH E 4 .   ? 11.843  1.489   -6.198  1.00 18.89 ? 2037 HOH A O   1 
HETATM 1010 O  O   . HOH E 4 .   ? -9.113  8.538   -5.344  1.00 30.47 ? 2038 HOH A O   1 
HETATM 1011 O  O   . HOH E 4 .   ? 16.531  2.540   -1.580  1.00 17.37 ? 2039 HOH A O   1 
HETATM 1012 O  O   . HOH E 4 .   ? 12.491  8.636   -1.557  1.00 23.29 ? 2040 HOH A O   1 
HETATM 1013 O  O   . HOH E 4 .   ? 11.804  8.422   -6.913  1.00 18.16 ? 2041 HOH A O   1 
HETATM 1014 O  O   . HOH E 4 .   ? 14.958  5.131   1.310   1.00 19.83 ? 2042 HOH A O   1 
HETATM 1015 O  O   . HOH E 4 .   ? 13.346  10.706  -4.377  1.00 33.46 ? 2043 HOH A O   1 
HETATM 1016 O  O   . HOH E 4 .   ? -9.434  -15.720 -10.152 1.00 40.76 ? 2044 HOH A O   1 
HETATM 1017 O  O   . HOH E 4 .   ? 12.161  -3.994  -1.129  1.00 46.03 ? 2045 HOH A O   1 
HETATM 1018 O  O   . HOH E 4 .   ? -16.280 -16.530 -6.383  1.00 28.93 ? 2046 HOH A O   1 
HETATM 1019 O  O   . HOH E 4 .   ? -17.202 -16.443 -3.786  1.00 32.90 ? 2047 HOH A O   1 
HETATM 1020 O  O   . HOH E 4 .   ? -17.449 -1.610  -0.210  1.00 42.96 ? 2048 HOH A O   1 
HETATM 1021 O  O   . HOH E 4 .   ? -13.838 -8.320  7.361   1.00 39.71 ? 2049 HOH A O   1 
HETATM 1022 O  O   . HOH E 4 .   ? 22.606  -0.714  11.340  1.00 31.28 ? 2050 HOH A O   1 
HETATM 1023 O  O   . HOH E 4 .   ? 21.043  -2.683  0.358   1.00 48.02 ? 2051 HOH A O   1 
HETATM 1024 O  O   . HOH E 4 .   ? 18.251  -4.402  1.143   1.00 43.73 ? 2052 HOH A O   1 
HETATM 1025 O  O   . HOH E 4 .   ? 25.894  1.124   1.455   1.00 33.71 ? 2053 HOH A O   1 
HETATM 1026 O  O   . HOH E 4 .   ? 23.605  -4.105  1.659   1.00 55.52 ? 2054 HOH A O   1 
HETATM 1027 O  O   . HOH E 4 .   ? 22.457  0.111   0.689   1.00 30.08 ? 2055 HOH A O   1 
HETATM 1028 O  O   . HOH E 4 .   ? 25.411  -1.782  3.584   1.00 26.71 ? 2056 HOH A O   1 
HETATM 1029 O  O   . HOH E 4 .   ? -8.882  8.857   -0.623  1.00 48.50 ? 2057 HOH A O   1 
HETATM 1030 O  O   . HOH E 4 .   ? -5.470  6.997   6.807   1.00 34.67 ? 2058 HOH A O   1 
HETATM 1031 O  O   . HOH E 4 .   ? 19.284  2.685   8.832   1.00 17.55 ? 2059 HOH A O   1 
HETATM 1032 O  O   . HOH E 4 .   ? -1.145  9.822   9.631   1.00 38.43 ? 2060 HOH A O   1 
HETATM 1033 O  O   . HOH E 4 .   ? 19.589  6.356   3.356   1.00 18.06 ? 2061 HOH A O   1 
HETATM 1034 O  O   . HOH E 4 .   ? 21.696  5.760   10.448  1.00 31.55 ? 2062 HOH A O   1 
HETATM 1035 O  O   . HOH E 4 .   ? 11.589  9.368   10.139  1.00 15.30 ? 2063 HOH A O   1 
HETATM 1036 O  O   . HOH E 4 .   ? 21.757  9.856   9.060   1.00 31.07 ? 2064 HOH A O   1 
HETATM 1037 O  O   . HOH E 4 .   ? 20.622  7.399   12.151  1.00 34.74 ? 2065 HOH A O   1 
HETATM 1038 O  O   . HOH E 4 .   ? 12.011  13.209  14.344  1.00 37.81 ? 2066 HOH A O   1 
HETATM 1039 O  O   . HOH E 4 .   ? 18.347  11.976  11.300  1.00 30.21 ? 2067 HOH A O   1 
HETATM 1040 O  O   . HOH E 4 .   ? 16.859  14.208  9.753   1.00 23.19 ? 2068 HOH A O   1 
HETATM 1041 O  O   . HOH E 4 .   ? 10.787  15.727  6.332   1.00 22.44 ? 2069 HOH A O   1 
HETATM 1042 O  O   . HOH E 4 .   ? 12.192  14.869  10.629  1.00 28.34 ? 2070 HOH A O   1 
HETATM 1043 O  O   B HOH E 4 .   ? 10.019  -2.353  18.601  0.50 35.98 ? 2071 HOH A O   1 
HETATM 1044 O  O   . HOH E 4 .   ? 10.872  -4.975  14.634  1.00 26.50 ? 2072 HOH A O   1 
HETATM 1045 O  O   . HOH E 4 .   ? 17.016  7.402   5.603   1.00 13.42 ? 2073 HOH A O   1 
HETATM 1046 O  O   . HOH E 4 .   ? 14.014  10.040  -0.463  1.00 41.51 ? 2074 HOH A O   1 
HETATM 1047 O  O   . HOH E 4 .   ? 12.477  11.648  1.095   1.00 24.14 ? 2075 HOH A O   1 
HETATM 1048 O  O   . HOH E 4 .   ? 9.090   18.291  9.251   1.00 42.82 ? 2076 HOH A O   1 
HETATM 1049 O  O   . HOH E 4 .   ? 5.582   10.561  7.558   1.00 25.25 ? 2077 HOH A O   1 
HETATM 1050 O  O   . HOH E 4 .   ? 6.816   14.528  1.221   1.00 26.21 ? 2078 HOH A O   1 
HETATM 1051 O  O   . HOH E 4 .   ? -1.020  -11.170 7.950   1.00 41.45 ? 2079 HOH A O   1 
HETATM 1052 O  O   . HOH E 4 .   ? 3.175   -12.129 6.243   1.00 33.32 ? 2080 HOH A O   1 
HETATM 1053 O  O   . HOH E 4 .   ? -3.706  -6.677  7.808   1.00 22.99 ? 2081 HOH A O   1 
HETATM 1054 O  O   . HOH E 4 .   ? -5.369  -7.852  6.427   1.00 22.16 ? 2082 HOH A O   1 
HETATM 1055 O  O   . HOH E 4 .   ? 10.081  11.698  -0.394  1.00 30.27 ? 2083 HOH A O   1 
HETATM 1056 O  O   . HOH E 4 .   ? 13.048  6.975   1.338   1.00 21.40 ? 2084 HOH A O   1 
HETATM 1057 O  O   . HOH E 4 .   ? -3.433  -14.250 5.271   1.00 40.44 ? 2085 HOH A O   1 
HETATM 1058 O  O   . HOH E 4 .   ? 4.274   13.943  8.375   1.00 39.82 ? 2086 HOH A O   1 
HETATM 1059 O  O   . HOH E 4 .   ? -4.291  8.572   3.475   1.00 43.63 ? 2087 HOH A O   1 
HETATM 1060 O  O   . HOH E 4 .   ? -4.322  10.253  -1.308  1.00 18.05 ? 2088 HOH A O   1 
HETATM 1061 O  O   . HOH E 4 .   ? -3.473  5.738   3.025   1.00 29.32 ? 2089 HOH A O   1 
HETATM 1062 O  O   . HOH E 4 .   ? -9.067  5.207   -3.331  1.00 27.76 ? 2090 HOH A O   1 
HETATM 1063 O  O   . HOH E 4 .   ? -7.677  6.939   -6.627  1.00 13.99 ? 2091 HOH A O   1 
HETATM 1064 O  O   . HOH E 4 .   ? -12.177 -0.522  -3.169  1.00 34.05 ? 2092 HOH A O   1 
HETATM 1065 O  O   . HOH E 4 .   ? -14.807 3.743   -6.846  1.00 41.57 ? 2093 HOH A O   1 
HETATM 1066 O  O   . HOH E 4 .   ? -14.220 -2.063  -4.346  1.00 40.33 ? 2094 HOH A O   1 
HETATM 1067 O  O   . HOH E 4 .   ? -13.214 2.373   -10.384 1.00 28.65 ? 2095 HOH A O   1 
HETATM 1068 O  O   . HOH E 4 .   ? -17.189 1.817   -11.252 1.00 52.09 ? 2096 HOH A O   1 
HETATM 1069 O  O   . HOH E 4 .   ? -10.380 -4.967  -17.700 1.00 23.23 ? 2097 HOH A O   1 
HETATM 1070 O  O   . HOH E 4 .   ? -14.356 -5.446  -16.388 1.00 27.50 ? 2098 HOH A O   1 
HETATM 1071 O  O   . HOH E 4 .   ? -7.379  -7.003  -17.893 1.00 37.67 ? 2099 HOH A O   1 
HETATM 1072 O  O   . HOH E 4 .   ? 0.016   -8.829  -10.782 1.00 41.31 ? 2100 HOH A O   1 
HETATM 1073 O  O   . HOH E 4 .   ? -10.552 -16.123 -7.729  1.00 38.61 ? 2101 HOH A O   1 
HETATM 1074 O  O   . HOH E 4 .   ? -15.041 -4.176  -3.790  1.00 31.23 ? 2102 HOH A O   1 
HETATM 1075 O  O   . HOH E 4 .   ? -16.483 -13.896 -7.141  1.00 35.27 ? 2103 HOH A O   1 
HETATM 1076 O  O   . HOH E 4 .   ? -18.119 -14.158 -3.028  1.00 36.64 ? 2104 HOH A O   1 
HETATM 1077 O  O   . HOH E 4 .   ? -14.831 -3.066  -0.948  1.00 29.05 ? 2105 HOH A O   1 
HETATM 1078 O  O   . HOH E 4 .   ? -15.920 -3.888  5.822   1.00 51.16 ? 2106 HOH A O   1 
HETATM 1079 O  O   . HOH E 4 .   ? -17.639 -9.600  2.065   1.00 29.98 ? 2107 HOH A O   1 
HETATM 1080 O  O   . HOH E 4 .   ? -11.609 -8.841  5.478   1.00 36.61 ? 2108 HOH A O   1 
HETATM 1081 O  O   . HOH E 4 .   ? -10.473 -2.890  8.678   1.00 28.47 ? 2109 HOH A O   1 
HETATM 1082 O  O   . HOH E 4 .   ? -12.938 -0.759  -0.756  1.00 28.63 ? 2110 HOH A O   1 
HETATM 1083 O  O   . HOH E 4 .   ? -3.346  5.599   5.761   1.00 25.27 ? 2111 HOH A O   1 
HETATM 1084 O  O   . HOH E 4 .   ? -9.063  5.679   0.755   1.00 39.90 ? 2112 HOH A O   1 
HETATM 1085 O  O   . HOH E 4 .   ? -9.844  -0.676  9.880   1.00 34.54 ? 2113 HOH A O   1 
HETATM 1086 O  O   . HOH E 4 .   ? -7.364  5.458   10.456  1.00 41.08 ? 2114 HOH A O   1 
HETATM 1087 O  O   . HOH E 4 .   ? -8.549  3.311   7.411   1.00 41.74 ? 2115 HOH A O   1 
HETATM 1088 O  O   . HOH E 4 .   ? -6.880  -0.534  13.085  1.00 24.26 ? 2116 HOH A O   1 
HETATM 1089 O  O   . HOH E 4 .   ? 2.435   -0.348  10.626  1.00 32.38 ? 2117 HOH A O   1 
HETATM 1090 O  O   . HOH E 4 .   ? -0.024  8.704   11.955  1.00 28.98 ? 2118 HOH A O   1 
HETATM 1091 O  O   . HOH E 4 .   ? 3.974   3.644   15.121  1.00 25.17 ? 2119 HOH A O   1 
HETATM 1092 O  O   . HOH E 4 .   ? -0.682  7.660   7.399   1.00 37.03 ? 2120 HOH A O   1 
HETATM 1093 O  O   . HOH E 4 .   ? 3.073   10.293  6.758   1.00 21.27 ? 2121 HOH A O   1 
HETATM 1094 O  O   . HOH E 4 .   ? 11.139  12.734  12.060  1.00 30.56 ? 2122 HOH A O   1 
HETATM 1095 O  O   . HOH E 4 .   ? 1.641   10.933  12.659  1.00 29.30 ? 2123 HOH A O   1 
HETATM 1096 O  O   . HOH E 4 .   ? 15.559  10.461  15.080  1.00 37.93 ? 2124 HOH A O   1 
HETATM 1097 O  O   . HOH E 4 .   ? 14.762  7.712   18.389  1.00 48.10 ? 2125 HOH A O   1 
HETATM 1098 O  O   . HOH E 4 .   ? 15.561  6.332   16.088  1.00 39.96 ? 2126 HOH A O   1 
HETATM 1099 O  O   . HOH E 4 .   ? 11.440  -2.821  16.184  1.00 27.55 ? 2127 HOH A O   1 
HETATM 1100 O  O   . HOH E 4 .   ? 16.437  -3.105  19.385  1.00 51.71 ? 2128 HOH A O   1 
HETATM 1101 O  O   . HOH E 4 .   ? 5.425   0.779   15.489  1.00 38.45 ? 2129 HOH A O   1 
HETATM 1102 O  O   . HOH E 4 .   ? 7.097   -5.970  12.688  1.00 26.70 ? 2130 HOH A O   1 
HETATM 1103 O  O   . HOH E 4 .   ? 6.665   -8.415  6.987   1.00 31.06 ? 2131 HOH A O   1 
HETATM 1104 O  O   . HOH E 4 .   ? -0.013  -6.269  9.690   1.00 27.85 ? 2132 HOH A O   1 
HETATM 1105 O  O   . HOH E 4 .   ? 0.703   -11.570 5.815   1.00 24.44 ? 2133 HOH A O   1 
HETATM 1106 O  O   . HOH E 4 .   ? -4.674  -6.435  4.156   1.00 23.27 ? 2134 HOH A O   1 
HETATM 1107 O  O   . HOH E 4 .   ? -1.464  -8.240  8.299   1.00 18.60 ? 2135 HOH A O   1 
HETATM 1108 O  O   . HOH E 4 .   ? -5.486  -13.036 3.566   1.00 35.79 ? 2136 HOH A O   1 
HETATM 1109 O  O   . HOH E 4 .   ? -0.625  -13.648 4.379   1.00 40.72 ? 2137 HOH A O   1 
HETATM 1110 O  O   . HOH E 4 .   ? -10.626 -14.976 -1.309  1.00 50.28 ? 2138 HOH A O   1 
HETATM 1111 O  O   . HOH E 4 .   ? -13.296 -12.650 0.399   1.00 32.71 ? 2139 HOH A O   1 
HETATM 1112 O  O   . HOH E 4 .   ? 3.862   -8.411  -4.437  1.00 41.14 ? 2140 HOH A O   1 
HETATM 1113 O  O   . HOH E 4 .   ? -0.549  -13.097 -6.683  1.00 38.89 ? 2141 HOH A O   1 
HETATM 1114 O  O   . HOH E 4 .   ? -1.230  -6.487  -10.889 1.00 19.54 ? 2142 HOH A O   1 
HETATM 1115 O  O   . HOH E 4 .   ? 4.657   -3.244  -10.711 1.00 28.26 ? 2143 HOH A O   1 
HETATM 1116 O  O   . HOH E 4 .   ? 0.802   -6.155  -14.489 1.00 40.76 ? 2144 HOH A O   1 
# 
_atom_site_anisotrop.id                   926 
_atom_site_anisotrop.type_symbol          FE 
_atom_site_anisotrop.pdbx_label_atom_id   FE 
_atom_site_anisotrop.pdbx_label_alt_id    . 
_atom_site_anisotrop.pdbx_label_comp_id   HEC 
_atom_site_anisotrop.pdbx_label_asym_id   B 
_atom_site_anisotrop.pdbx_label_seq_id    . 
_atom_site_anisotrop.pdbx_PDB_ins_code    ? 
_atom_site_anisotrop.U[1][1]              0.2003 
_atom_site_anisotrop.U[2][2]              0.2809 
_atom_site_anisotrop.U[3][3]              0.2637 
_atom_site_anisotrop.U[1][2]              -0.0345 
_atom_site_anisotrop.U[1][3]              0.0128 
_atom_site_anisotrop.U[2][3]              -0.0092 
_atom_site_anisotrop.pdbx_auth_seq_id     128 
_atom_site_anisotrop.pdbx_auth_comp_id    HEC 
_atom_site_anisotrop.pdbx_auth_asym_id    A 
_atom_site_anisotrop.pdbx_auth_atom_id    FE 
# 
